data_2ELJ
#
_entry.id   2ELJ
#
_entity_poly.entity_id   1
_entity_poly.type   'polypeptide(L)'
_entity_poly.pdbx_seq_one_letter_code
;GSSGSSGNMTISDIQHAPDYALLSNDEQQLCIQLKILPKPYLVLKEVMFRELLKTGGNLSKSACRELLNIDPIKANRIYD
FFQSQNWM
;
_entity_poly.pdbx_strand_id   A
#
# COMPACT_ATOMS: atom_id res chain seq x y z
N GLY A 1 -11.63 -12.35 -0.86
CA GLY A 1 -10.61 -11.36 -0.56
C GLY A 1 -9.95 -11.60 0.78
N SER A 2 -10.59 -11.14 1.84
CA SER A 2 -10.05 -11.31 3.19
C SER A 2 -11.03 -12.05 4.09
N SER A 3 -10.61 -13.21 4.57
CA SER A 3 -11.46 -14.03 5.44
C SER A 3 -10.89 -14.09 6.85
N GLY A 4 -11.42 -13.25 7.73
CA GLY A 4 -10.96 -13.22 9.11
C GLY A 4 -10.24 -11.93 9.46
N SER A 5 -9.29 -11.54 8.61
CA SER A 5 -8.53 -10.32 8.84
C SER A 5 -8.21 -10.15 10.31
N SER A 6 -7.83 -11.24 10.97
CA SER A 6 -7.50 -11.21 12.40
C SER A 6 -6.36 -12.17 12.71
N GLY A 7 -5.35 -11.67 13.40
CA GLY A 7 -4.20 -12.49 13.75
C GLY A 7 -3.01 -12.25 12.85
N ASN A 8 -1.81 -12.39 13.40
CA ASN A 8 -0.59 -12.18 12.64
C ASN A 8 -0.61 -13.00 11.36
N MET A 9 -0.20 -12.38 10.26
CA MET A 9 -0.17 -13.06 8.96
C MET A 9 1.26 -13.18 8.45
N THR A 10 1.60 -14.35 7.92
CA THR A 10 2.94 -14.59 7.40
C THR A 10 3.10 -14.00 6.01
N ILE A 11 4.29 -14.17 5.43
CA ILE A 11 4.58 -13.64 4.10
C ILE A 11 3.94 -14.53 3.02
N SER A 12 3.87 -15.82 3.28
CA SER A 12 3.30 -16.76 2.34
C SER A 12 1.86 -16.38 2.00
N ASP A 13 1.20 -15.73 2.94
CA ASP A 13 -0.19 -15.30 2.75
C ASP A 13 -0.27 -14.20 1.69
N ILE A 14 0.83 -13.50 1.49
CA ILE A 14 0.89 -12.42 0.51
C ILE A 14 1.17 -12.96 -0.89
N GLN A 15 2.15 -13.85 -0.99
CA GLN A 15 2.52 -14.44 -2.27
C GLN A 15 1.41 -15.34 -2.79
N HIS A 16 0.69 -15.98 -1.88
CA HIS A 16 -0.40 -16.88 -2.24
C HIS A 16 -1.58 -16.08 -2.81
N ALA A 17 -1.64 -14.80 -2.48
CA ALA A 17 -2.71 -13.94 -2.96
C ALA A 17 -2.99 -14.17 -4.44
N PRO A 18 -4.27 -14.12 -4.82
CA PRO A 18 -4.70 -14.32 -6.21
C PRO A 18 -4.28 -13.17 -7.12
N ASP A 19 -3.74 -12.12 -6.52
CA ASP A 19 -3.29 -10.96 -7.29
C ASP A 19 -1.89 -10.53 -6.85
N TYR A 20 -1.01 -11.51 -6.67
CA TYR A 20 0.36 -11.24 -6.25
C TYR A 20 1.32 -11.32 -7.44
N ALA A 21 0.76 -11.26 -8.65
CA ALA A 21 1.56 -11.32 -9.86
C ALA A 21 1.62 -9.96 -10.54
N LEU A 22 0.61 -9.13 -10.30
CA LEU A 22 0.55 -7.80 -10.89
C LEU A 22 1.32 -6.79 -10.03
N LEU A 23 2.29 -7.28 -9.28
CA LEU A 23 3.09 -6.42 -8.42
C LEU A 23 4.52 -6.28 -8.96
N SER A 24 4.86 -5.07 -9.42
CA SER A 24 6.18 -4.81 -9.97
C SER A 24 7.27 -5.31 -9.02
N ASN A 25 8.36 -5.80 -9.60
CA ASN A 25 9.48 -6.31 -8.81
C ASN A 25 9.65 -5.50 -7.53
N ASP A 26 9.50 -4.18 -7.64
CA ASP A 26 9.64 -3.30 -6.49
C ASP A 26 8.45 -3.44 -5.54
N GLU A 27 7.25 -3.48 -6.12
CA GLU A 27 6.03 -3.61 -5.32
C GLU A 27 6.11 -4.84 -4.43
N GLN A 28 6.38 -5.99 -5.03
CA GLN A 28 6.46 -7.24 -4.28
C GLN A 28 7.29 -7.06 -3.01
N GLN A 29 8.50 -6.53 -3.16
CA GLN A 29 9.38 -6.30 -2.02
C GLN A 29 8.63 -5.66 -0.87
N LEU A 30 8.10 -4.47 -1.11
CA LEU A 30 7.35 -3.74 -0.09
C LEU A 30 6.32 -4.64 0.57
N CYS A 31 5.36 -5.10 -0.23
CA CYS A 31 4.30 -5.98 0.27
C CYS A 31 4.86 -6.94 1.32
N ILE A 32 6.05 -7.47 1.07
CA ILE A 32 6.68 -8.41 1.99
C ILE A 32 7.16 -7.70 3.25
N GLN A 33 7.73 -6.51 3.09
CA GLN A 33 8.23 -5.74 4.22
C GLN A 33 7.08 -5.30 5.12
N LEU A 34 6.12 -4.59 4.55
CA LEU A 34 4.97 -4.11 5.30
C LEU A 34 3.96 -5.22 5.52
N LYS A 35 4.29 -6.42 5.04
CA LYS A 35 3.42 -7.57 5.19
C LYS A 35 1.98 -7.22 4.81
N ILE A 36 1.81 -6.66 3.62
CA ILE A 36 0.48 -6.27 3.13
C ILE A 36 0.11 -7.05 1.87
N LEU A 37 -1.16 -7.45 1.78
CA LEU A 37 -1.64 -8.19 0.63
C LEU A 37 -1.83 -7.27 -0.57
N PRO A 38 -1.76 -7.87 -1.77
CA PRO A 38 -1.92 -7.12 -3.04
C PRO A 38 -3.36 -6.65 -3.25
N LYS A 39 -4.31 -7.42 -2.72
CA LYS A 39 -5.73 -7.07 -2.85
C LYS A 39 -6.01 -5.71 -2.22
N PRO A 40 -5.74 -5.59 -0.92
CA PRO A 40 -5.96 -4.34 -0.18
C PRO A 40 -4.99 -3.24 -0.60
N TYR A 41 -3.73 -3.62 -0.80
CA TYR A 41 -2.70 -2.66 -1.19
C TYR A 41 -3.09 -1.93 -2.47
N LEU A 42 -3.79 -2.63 -3.35
CA LEU A 42 -4.23 -2.05 -4.62
C LEU A 42 -5.27 -0.96 -4.38
N VAL A 43 -6.25 -1.25 -3.52
CA VAL A 43 -7.29 -0.29 -3.20
C VAL A 43 -6.70 1.05 -2.79
N LEU A 44 -5.86 1.04 -1.76
CA LEU A 44 -5.23 2.26 -1.27
C LEU A 44 -4.37 2.90 -2.35
N LYS A 45 -3.73 2.06 -3.17
CA LYS A 45 -2.88 2.55 -4.24
C LYS A 45 -3.68 3.40 -5.23
N GLU A 46 -4.84 2.91 -5.62
CA GLU A 46 -5.70 3.63 -6.55
C GLU A 46 -6.14 4.97 -5.97
N VAL A 47 -6.37 4.99 -4.66
CA VAL A 47 -6.80 6.20 -3.98
C VAL A 47 -5.72 7.28 -4.05
N MET A 48 -4.50 6.91 -3.73
CA MET A 48 -3.36 7.84 -3.76
C MET A 48 -3.32 8.57 -5.11
N PHE A 49 -3.74 7.89 -6.16
CA PHE A 49 -3.75 8.47 -7.49
C PHE A 49 -4.97 9.36 -7.71
N ARG A 50 -6.14 8.81 -7.43
CA ARG A 50 -7.39 9.55 -7.58
C ARG A 50 -7.31 10.90 -6.87
N GLU A 51 -6.47 10.98 -5.85
CA GLU A 51 -6.30 12.21 -5.08
C GLU A 51 -5.16 13.04 -5.64
N LEU A 52 -4.12 12.38 -6.11
CA LEU A 52 -2.95 13.06 -6.67
C LEU A 52 -3.33 13.80 -7.95
N LEU A 53 -4.41 13.37 -8.58
CA LEU A 53 -4.88 14.00 -9.82
C LEU A 53 -5.82 15.16 -9.52
N LYS A 54 -6.66 14.98 -8.50
CA LYS A 54 -7.60 16.02 -8.11
C LYS A 54 -6.89 17.30 -7.73
N THR A 55 -5.80 17.16 -6.96
CA THR A 55 -5.03 18.32 -6.53
C THR A 55 -3.92 18.65 -7.53
N GLY A 56 -3.50 17.64 -8.29
CA GLY A 56 -2.45 17.84 -9.27
C GLY A 56 -1.08 17.43 -8.76
N GLY A 57 -0.98 17.23 -7.45
CA GLY A 57 0.29 16.84 -6.86
C GLY A 57 0.59 17.58 -5.58
N ASN A 58 -0.30 17.48 -4.60
CA ASN A 58 -0.12 18.16 -3.33
C ASN A 58 -0.36 17.20 -2.17
N LEU A 59 0.24 16.03 -2.23
CA LEU A 59 0.09 15.02 -1.18
C LEU A 59 1.36 14.92 -0.34
N SER A 60 1.18 14.96 0.98
CA SER A 60 2.32 14.86 1.90
C SER A 60 1.97 13.98 3.09
N LYS A 61 3.00 13.38 3.69
CA LYS A 61 2.81 12.51 4.84
C LYS A 61 1.66 12.99 5.72
N SER A 62 1.70 14.27 6.07
CA SER A 62 0.66 14.86 6.91
C SER A 62 -0.72 14.38 6.48
N ALA A 63 -0.99 14.49 5.18
CA ALA A 63 -2.28 14.08 4.64
C ALA A 63 -2.31 12.57 4.38
N CYS A 64 -1.29 12.09 3.68
CA CYS A 64 -1.19 10.67 3.35
C CYS A 64 -1.63 9.81 4.54
N ARG A 65 -0.99 10.04 5.69
CA ARG A 65 -1.30 9.29 6.90
C ARG A 65 -2.81 9.22 7.11
N GLU A 66 -3.51 10.30 6.77
CA GLU A 66 -4.96 10.35 6.93
C GLU A 66 -5.66 9.68 5.75
N LEU A 67 -5.30 10.10 4.54
CA LEU A 67 -5.89 9.53 3.34
C LEU A 67 -6.00 8.01 3.43
N LEU A 68 -4.88 7.37 3.72
CA LEU A 68 -4.82 5.92 3.84
C LEU A 68 -5.20 5.48 5.25
N ASN A 69 -6.01 4.44 5.35
CA ASN A 69 -6.43 3.92 6.65
C ASN A 69 -5.46 2.85 7.16
N ILE A 70 -4.29 3.29 7.59
CA ILE A 70 -3.28 2.37 8.11
C ILE A 70 -2.39 3.06 9.14
N ASP A 71 -1.39 2.33 9.62
CA ASP A 71 -0.46 2.87 10.61
C ASP A 71 0.37 4.00 10.03
N PRO A 72 0.89 4.87 10.90
CA PRO A 72 1.71 6.01 10.50
C PRO A 72 3.08 5.59 9.95
N ILE A 73 3.71 4.63 10.65
CA ILE A 73 5.01 4.14 10.24
C ILE A 73 4.93 3.34 8.94
N LYS A 74 3.86 2.55 8.80
CA LYS A 74 3.64 1.75 7.62
C LYS A 74 3.45 2.63 6.38
N ALA A 75 2.68 3.70 6.56
CA ALA A 75 2.41 4.63 5.46
C ALA A 75 3.71 5.20 4.89
N ASN A 76 4.55 5.74 5.76
CA ASN A 76 5.83 6.31 5.33
C ASN A 76 6.43 5.50 4.20
N ARG A 77 6.58 4.19 4.43
CA ARG A 77 7.15 3.30 3.42
C ARG A 77 6.39 3.42 2.10
N ILE A 78 5.07 3.31 2.16
CA ILE A 78 4.24 3.40 0.98
C ILE A 78 4.44 4.73 0.26
N TYR A 79 4.45 5.82 1.03
CA TYR A 79 4.63 7.15 0.48
C TYR A 79 5.89 7.21 -0.38
N ASP A 80 7.03 6.84 0.21
CA ASP A 80 8.29 6.86 -0.50
C ASP A 80 8.21 6.04 -1.79
N PHE A 81 7.73 4.81 -1.68
CA PHE A 81 7.59 3.93 -2.83
C PHE A 81 7.11 4.71 -4.05
N PHE A 82 6.07 5.52 -3.86
CA PHE A 82 5.50 6.31 -4.94
C PHE A 82 6.57 7.21 -5.56
N GLN A 83 7.41 7.80 -4.72
CA GLN A 83 8.48 8.67 -5.19
C GLN A 83 9.53 7.89 -5.96
N SER A 84 9.74 6.64 -5.57
CA SER A 84 10.73 5.79 -6.22
C SER A 84 10.30 5.46 -7.65
N GLN A 85 8.98 5.51 -7.89
CA GLN A 85 8.44 5.21 -9.21
C GLN A 85 8.21 6.49 -10.00
N ASN A 86 8.96 7.54 -9.67
CA ASN A 86 8.84 8.82 -10.34
C ASN A 86 7.38 9.14 -10.65
N TRP A 87 6.49 8.66 -9.78
CA TRP A 87 5.06 8.89 -9.96
C TRP A 87 4.66 10.27 -9.44
N MET A 88 5.37 10.73 -8.42
CA MET A 88 5.09 12.04 -7.83
C MET A 88 6.24 13.01 -8.11
N GLY A 1 -16.22 -9.72 12.53
CA GLY A 1 -15.27 -8.72 12.08
C GLY A 1 -15.35 -8.46 10.58
N SER A 2 -15.01 -7.25 10.16
CA SER A 2 -15.05 -6.89 8.76
C SER A 2 -13.65 -6.93 8.14
N SER A 3 -13.33 -8.04 7.49
CA SER A 3 -12.02 -8.20 6.87
C SER A 3 -10.92 -8.27 7.92
N GLY A 4 -11.18 -9.00 9.00
CA GLY A 4 -10.21 -9.13 10.07
C GLY A 4 -10.30 -10.45 10.79
N SER A 5 -9.26 -11.28 10.65
CA SER A 5 -9.24 -12.59 11.28
C SER A 5 -7.94 -12.79 12.08
N SER A 6 -8.00 -13.65 13.08
CA SER A 6 -6.85 -13.92 13.91
C SER A 6 -6.13 -15.20 13.46
N GLY A 7 -4.88 -15.06 13.06
CA GLY A 7 -4.11 -16.20 12.59
C GLY A 7 -2.67 -15.86 12.28
N ASN A 8 -1.85 -16.88 12.06
CA ASN A 8 -0.44 -16.67 11.76
C ASN A 8 -0.26 -16.02 10.39
N MET A 9 -0.02 -14.72 10.39
CA MET A 9 0.16 -13.98 9.13
C MET A 9 1.48 -14.36 8.47
N THR A 10 1.42 -15.32 7.54
CA THR A 10 2.61 -15.77 6.84
C THR A 10 2.79 -15.02 5.53
N ILE A 11 4.03 -14.96 5.05
CA ILE A 11 4.35 -14.27 3.82
C ILE A 11 3.81 -15.03 2.61
N SER A 12 4.01 -16.35 2.61
CA SER A 12 3.55 -17.19 1.52
C SER A 12 2.17 -16.75 1.03
N ASP A 13 1.29 -16.43 1.98
CA ASP A 13 -0.05 -15.99 1.66
C ASP A 13 -0.03 -14.87 0.63
N ILE A 14 0.60 -13.76 0.97
CA ILE A 14 0.70 -12.61 0.08
C ILE A 14 0.99 -13.05 -1.34
N GLN A 15 2.06 -13.84 -1.51
CA GLN A 15 2.45 -14.33 -2.83
C GLN A 15 1.33 -15.17 -3.45
N HIS A 16 0.83 -16.14 -2.68
CA HIS A 16 -0.24 -17.00 -3.14
C HIS A 16 -1.25 -16.23 -3.98
N ALA A 17 -1.64 -15.06 -3.49
CA ALA A 17 -2.60 -14.21 -4.19
C ALA A 17 -2.20 -14.04 -5.65
N PRO A 18 -3.22 -13.99 -6.53
CA PRO A 18 -2.99 -13.83 -7.98
C PRO A 18 -2.50 -12.42 -8.33
N ASP A 19 -3.20 -11.41 -7.82
CA ASP A 19 -2.83 -10.02 -8.07
C ASP A 19 -1.36 -9.77 -7.74
N TYR A 20 -0.90 -10.39 -6.65
CA TYR A 20 0.49 -10.23 -6.22
C TYR A 20 1.43 -10.15 -7.42
N ALA A 21 1.35 -11.15 -8.29
CA ALA A 21 2.18 -11.20 -9.48
C ALA A 21 2.31 -9.82 -10.11
N LEU A 22 1.19 -9.11 -10.22
CA LEU A 22 1.19 -7.78 -10.80
C LEU A 22 2.29 -6.92 -10.21
N LEU A 23 2.33 -6.86 -8.87
CA LEU A 23 3.34 -6.06 -8.17
C LEU A 23 4.74 -6.42 -8.65
N SER A 24 5.48 -5.39 -9.09
CA SER A 24 6.84 -5.60 -9.58
C SER A 24 7.75 -6.14 -8.47
N ASN A 25 9.00 -6.39 -8.81
CA ASN A 25 9.96 -6.90 -7.86
C ASN A 25 10.12 -5.95 -6.67
N ASP A 26 10.16 -4.66 -6.96
CA ASP A 26 10.30 -3.65 -5.93
C ASP A 26 9.09 -3.62 -5.01
N GLU A 27 7.94 -3.25 -5.58
CA GLU A 27 6.70 -3.19 -4.81
C GLU A 27 6.52 -4.45 -3.97
N GLN A 28 6.61 -5.60 -4.63
CA GLN A 28 6.45 -6.88 -3.94
C GLN A 28 7.26 -6.91 -2.66
N GLN A 29 8.57 -6.85 -2.79
CA GLN A 29 9.46 -6.88 -1.63
C GLN A 29 8.84 -6.14 -0.45
N LEU A 30 8.17 -5.03 -0.75
CA LEU A 30 7.53 -4.23 0.29
C LEU A 30 6.46 -5.04 1.03
N CYS A 31 5.46 -5.50 0.28
CA CYS A 31 4.39 -6.29 0.87
C CYS A 31 4.92 -7.24 1.94
N ILE A 32 6.03 -7.91 1.62
CA ILE A 32 6.63 -8.85 2.56
C ILE A 32 7.16 -8.13 3.79
N GLN A 33 7.75 -6.97 3.58
CA GLN A 33 8.30 -6.18 4.68
C GLN A 33 7.18 -5.59 5.55
N LEU A 34 6.27 -4.86 4.92
CA LEU A 34 5.16 -4.25 5.62
C LEU A 34 4.01 -5.24 5.79
N LYS A 35 4.31 -6.52 5.61
CA LYS A 35 3.31 -7.58 5.75
C LYS A 35 1.97 -7.14 5.14
N ILE A 36 2.04 -6.45 4.01
CA ILE A 36 0.84 -5.98 3.33
C ILE A 36 0.40 -6.95 2.25
N LEU A 37 -0.89 -6.92 1.92
CA LEU A 37 -1.45 -7.80 0.90
C LEU A 37 -1.71 -7.05 -0.40
N PRO A 38 -1.74 -7.78 -1.52
CA PRO A 38 -1.98 -7.19 -2.84
C PRO A 38 -3.41 -6.70 -3.01
N LYS A 39 -4.32 -7.28 -2.22
CA LYS A 39 -5.73 -6.90 -2.28
C LYS A 39 -5.92 -5.46 -1.80
N PRO A 40 -5.54 -5.19 -0.55
CA PRO A 40 -5.66 -3.87 0.05
C PRO A 40 -4.69 -2.86 -0.56
N TYR A 41 -3.45 -3.28 -0.73
CA TYR A 41 -2.43 -2.41 -1.30
C TYR A 41 -2.91 -1.77 -2.60
N LEU A 42 -3.79 -2.48 -3.30
CA LEU A 42 -4.33 -1.98 -4.56
C LEU A 42 -5.45 -0.97 -4.30
N VAL A 43 -6.27 -1.23 -3.30
CA VAL A 43 -7.37 -0.35 -2.95
C VAL A 43 -6.86 1.03 -2.54
N LEU A 44 -5.97 1.06 -1.56
CA LEU A 44 -5.39 2.31 -1.08
C LEU A 44 -4.64 3.03 -2.19
N LYS A 45 -3.93 2.25 -3.01
CA LYS A 45 -3.15 2.81 -4.11
C LYS A 45 -4.00 3.73 -4.96
N GLU A 46 -5.16 3.24 -5.38
CA GLU A 46 -6.08 4.04 -6.20
C GLU A 46 -6.51 5.31 -5.47
N VAL A 47 -6.81 5.16 -4.17
CA VAL A 47 -7.25 6.28 -3.36
C VAL A 47 -6.28 7.45 -3.48
N MET A 48 -4.99 7.16 -3.38
CA MET A 48 -3.96 8.19 -3.48
C MET A 48 -4.03 8.89 -4.82
N PHE A 49 -3.81 8.14 -5.90
CA PHE A 49 -3.85 8.69 -7.25
C PHE A 49 -5.11 9.51 -7.46
N ARG A 50 -6.24 8.97 -7.02
CA ARG A 50 -7.52 9.65 -7.16
C ARG A 50 -7.43 11.09 -6.67
N GLU A 51 -6.69 11.30 -5.58
CA GLU A 51 -6.52 12.63 -5.01
C GLU A 51 -5.42 13.40 -5.74
N LEU A 52 -4.34 12.69 -6.06
CA LEU A 52 -3.20 13.30 -6.75
C LEU A 52 -3.64 13.91 -8.08
N LEU A 53 -4.55 13.24 -8.77
CA LEU A 53 -5.05 13.72 -10.04
C LEU A 53 -6.11 14.81 -9.84
N LYS A 54 -6.94 14.63 -8.82
CA LYS A 54 -8.00 15.59 -8.52
C LYS A 54 -7.41 16.96 -8.22
N THR A 55 -6.44 17.01 -7.30
CA THR A 55 -5.80 18.26 -6.92
C THR A 55 -4.69 18.63 -7.92
N GLY A 56 -4.14 17.61 -8.57
CA GLY A 56 -3.08 17.85 -9.53
C GLY A 56 -1.72 17.42 -9.01
N GLY A 57 -1.54 17.48 -7.70
CA GLY A 57 -0.28 17.09 -7.10
C GLY A 57 0.04 17.88 -5.85
N ASN A 58 -0.79 17.71 -4.81
CA ASN A 58 -0.59 18.42 -3.56
C ASN A 58 -0.72 17.47 -2.37
N LEU A 59 -0.14 16.28 -2.52
CA LEU A 59 -0.18 15.27 -1.46
C LEU A 59 1.17 15.16 -0.76
N SER A 60 1.19 15.52 0.53
CA SER A 60 2.42 15.47 1.31
C SER A 60 2.40 14.29 2.27
N LYS A 61 3.52 14.03 2.93
CA LYS A 61 3.64 12.93 3.88
C LYS A 61 2.53 13.01 4.92
N SER A 62 2.27 14.21 5.41
CA SER A 62 1.23 14.41 6.42
C SER A 62 -0.14 14.00 5.88
N ALA A 63 -0.51 14.54 4.72
CA ALA A 63 -1.79 14.23 4.11
C ALA A 63 -1.91 12.73 3.85
N CYS A 64 -0.94 12.17 3.15
CA CYS A 64 -0.95 10.75 2.82
C CYS A 64 -1.46 9.92 4.00
N ARG A 65 -0.79 10.05 5.14
CA ARG A 65 -1.17 9.31 6.34
C ARG A 65 -2.68 9.46 6.60
N GLU A 66 -3.18 10.68 6.52
CA GLU A 66 -4.59 10.95 6.74
C GLU A 66 -5.45 10.21 5.71
N LEU A 67 -5.14 10.41 4.44
CA LEU A 67 -5.88 9.77 3.35
C LEU A 67 -5.98 8.27 3.58
N LEU A 68 -4.83 7.62 3.65
CA LEU A 68 -4.78 6.17 3.85
C LEU A 68 -5.44 5.80 5.18
N ASN A 69 -5.30 6.65 6.18
CA ASN A 69 -5.89 6.42 7.49
C ASN A 69 -5.39 5.10 8.07
N ILE A 70 -4.08 4.89 8.02
CA ILE A 70 -3.48 3.67 8.54
C ILE A 70 -2.21 3.98 9.33
N ASP A 71 -1.65 2.96 9.98
CA ASP A 71 -0.44 3.12 10.77
C ASP A 71 0.53 4.09 10.09
N PRO A 72 1.35 4.77 10.90
CA PRO A 72 2.33 5.73 10.40
C PRO A 72 3.48 5.06 9.65
N ILE A 73 3.80 3.83 10.06
CA ILE A 73 4.87 3.07 9.42
C ILE A 73 4.49 2.64 8.02
N LYS A 74 3.30 2.04 7.90
CA LYS A 74 2.80 1.57 6.60
C LYS A 74 2.72 2.73 5.61
N ALA A 75 2.13 3.83 6.04
CA ALA A 75 1.99 5.00 5.18
C ALA A 75 3.35 5.57 4.80
N ASN A 76 4.23 5.73 5.79
CA ASN A 76 5.56 6.26 5.54
C ASN A 76 6.22 5.57 4.35
N ARG A 77 6.39 4.26 4.45
CA ARG A 77 7.00 3.48 3.38
C ARG A 77 6.30 3.75 2.05
N ILE A 78 5.05 3.31 1.94
CA ILE A 78 4.28 3.52 0.72
C ILE A 78 4.54 4.89 0.12
N TYR A 79 4.56 5.91 0.98
CA TYR A 79 4.80 7.27 0.54
C TYR A 79 6.13 7.39 -0.21
N ASP A 80 7.22 7.13 0.50
CA ASP A 80 8.55 7.20 -0.08
C ASP A 80 8.64 6.34 -1.34
N PHE A 81 8.12 5.12 -1.26
CA PHE A 81 8.13 4.20 -2.40
C PHE A 81 7.50 4.85 -3.62
N PHE A 82 6.26 5.28 -3.48
CA PHE A 82 5.53 5.92 -4.58
C PHE A 82 6.40 6.96 -5.27
N GLN A 83 6.90 7.92 -4.48
CA GLN A 83 7.74 8.99 -5.01
C GLN A 83 8.88 8.41 -5.84
N SER A 84 9.46 7.31 -5.36
CA SER A 84 10.56 6.66 -6.06
C SER A 84 10.30 6.60 -7.56
N GLN A 85 9.10 6.18 -7.93
CA GLN A 85 8.73 6.07 -9.34
C GLN A 85 8.24 7.42 -9.87
N ASN A 86 8.84 8.50 -9.38
CA ASN A 86 8.47 9.85 -9.81
C ASN A 86 6.96 9.95 -10.01
N TRP A 87 6.21 9.35 -9.10
CA TRP A 87 4.75 9.38 -9.17
C TRP A 87 4.19 10.61 -8.48
N MET A 88 4.75 10.92 -7.31
CA MET A 88 4.31 12.08 -6.55
C MET A 88 5.31 13.22 -6.65
N GLY A 1 -12.26 -13.57 24.76
CA GLY A 1 -11.79 -12.36 24.11
C GLY A 1 -12.64 -11.99 22.91
N SER A 2 -12.82 -10.68 22.69
CA SER A 2 -13.62 -10.19 21.57
C SER A 2 -12.79 -10.16 20.29
N SER A 3 -13.48 -10.06 19.16
CA SER A 3 -12.81 -10.01 17.87
C SER A 3 -11.57 -10.90 17.86
N GLY A 4 -11.70 -12.09 18.45
CA GLY A 4 -10.59 -13.01 18.51
C GLY A 4 -10.72 -14.14 17.50
N SER A 5 -10.54 -13.81 16.22
CA SER A 5 -10.65 -14.81 15.16
C SER A 5 -9.32 -15.52 14.94
N SER A 6 -9.34 -16.84 15.07
CA SER A 6 -8.13 -17.63 14.90
C SER A 6 -7.47 -17.33 13.56
N GLY A 7 -6.14 -17.45 13.52
CA GLY A 7 -5.41 -17.18 12.30
C GLY A 7 -4.50 -15.98 12.42
N ASN A 8 -3.34 -16.05 11.77
CA ASN A 8 -2.37 -14.95 11.81
C ASN A 8 -2.03 -14.47 10.41
N MET A 9 -1.25 -13.40 10.32
CA MET A 9 -0.86 -12.84 9.04
C MET A 9 0.61 -13.15 8.74
N THR A 10 0.83 -14.15 7.89
CA THR A 10 2.19 -14.55 7.53
C THR A 10 2.57 -14.01 6.16
N ILE A 11 3.85 -14.10 5.82
CA ILE A 11 4.34 -13.62 4.53
C ILE A 11 3.92 -14.54 3.40
N SER A 12 3.96 -15.85 3.67
CA SER A 12 3.59 -16.85 2.67
C SER A 12 2.21 -16.53 2.08
N ASP A 13 1.30 -16.08 2.93
CA ASP A 13 -0.05 -15.75 2.49
C ASP A 13 -0.02 -14.79 1.31
N ILE A 14 0.60 -13.62 1.51
CA ILE A 14 0.70 -12.62 0.46
C ILE A 14 1.01 -13.26 -0.89
N GLN A 15 2.04 -14.10 -0.92
CA GLN A 15 2.43 -14.78 -2.14
C GLN A 15 1.35 -15.74 -2.60
N HIS A 16 0.79 -16.50 -1.67
CA HIS A 16 -0.25 -17.46 -1.98
C HIS A 16 -1.36 -16.81 -2.81
N ALA A 17 -1.62 -15.53 -2.52
CA ALA A 17 -2.66 -14.79 -3.25
C ALA A 17 -2.32 -14.68 -4.72
N PRO A 18 -3.35 -14.81 -5.58
CA PRO A 18 -3.19 -14.73 -7.04
C PRO A 18 -2.85 -13.31 -7.49
N ASP A 19 -3.51 -12.33 -6.90
CA ASP A 19 -3.29 -10.93 -7.26
C ASP A 19 -1.83 -10.54 -7.01
N TYR A 20 -1.20 -11.21 -6.05
CA TYR A 20 0.20 -10.93 -5.72
C TYR A 20 1.07 -10.96 -6.97
N ALA A 21 0.55 -11.56 -8.03
CA ALA A 21 1.28 -11.66 -9.29
C ALA A 21 1.25 -10.33 -10.05
N LEU A 22 0.10 -9.65 -9.99
CA LEU A 22 -0.05 -8.37 -10.68
C LEU A 22 1.06 -7.41 -10.29
N LEU A 23 1.28 -7.26 -8.99
CA LEU A 23 2.33 -6.36 -8.48
C LEU A 23 3.66 -6.64 -9.18
N SER A 24 4.35 -5.57 -9.58
CA SER A 24 5.63 -5.69 -10.26
C SER A 24 6.72 -6.14 -9.28
N ASN A 25 7.92 -6.33 -9.80
CA ASN A 25 9.05 -6.75 -8.96
C ASN A 25 9.28 -5.77 -7.83
N ASP A 26 9.32 -4.49 -8.16
CA ASP A 26 9.53 -3.44 -7.16
C ASP A 26 8.42 -3.45 -6.12
N GLU A 27 7.18 -3.47 -6.59
CA GLU A 27 6.02 -3.47 -5.69
C GLU A 27 6.07 -4.66 -4.75
N GLN A 28 6.27 -5.85 -5.32
CA GLN A 28 6.34 -7.07 -4.54
C GLN A 28 7.23 -6.88 -3.31
N GLN A 29 8.46 -6.45 -3.53
CA GLN A 29 9.41 -6.23 -2.45
C GLN A 29 8.71 -5.59 -1.25
N LEU A 30 8.06 -4.46 -1.48
CA LEU A 30 7.35 -3.75 -0.42
C LEU A 30 6.39 -4.67 0.31
N CYS A 31 5.40 -5.19 -0.42
CA CYS A 31 4.42 -6.10 0.17
C CYS A 31 5.07 -7.03 1.18
N ILE A 32 6.26 -7.52 0.85
CA ILE A 32 6.98 -8.42 1.75
C ILE A 32 7.52 -7.68 2.97
N GLN A 33 8.18 -6.55 2.71
CA GLN A 33 8.75 -5.75 3.80
C GLN A 33 7.67 -5.33 4.78
N LEU A 34 6.63 -4.67 4.27
CA LEU A 34 5.53 -4.21 5.11
C LEU A 34 4.48 -5.30 5.26
N LYS A 35 4.84 -6.53 4.92
CA LYS A 35 3.93 -7.66 5.03
C LYS A 35 2.51 -7.24 4.68
N ILE A 36 2.35 -6.58 3.54
CA ILE A 36 1.03 -6.13 3.09
C ILE A 36 0.50 -7.02 1.97
N LEU A 37 -0.83 -7.05 1.83
CA LEU A 37 -1.46 -7.86 0.80
C LEU A 37 -1.74 -7.02 -0.44
N PRO A 38 -1.80 -7.71 -1.60
CA PRO A 38 -2.06 -7.05 -2.89
C PRO A 38 -3.49 -6.53 -3.00
N LYS A 39 -4.40 -7.19 -2.30
CA LYS A 39 -5.81 -6.79 -2.31
C LYS A 39 -5.98 -5.36 -1.79
N PRO A 40 -5.56 -5.13 -0.54
CA PRO A 40 -5.66 -3.81 0.10
C PRO A 40 -4.70 -2.81 -0.51
N TYR A 41 -3.47 -3.25 -0.76
CA TYR A 41 -2.44 -2.37 -1.34
C TYR A 41 -2.96 -1.72 -2.62
N LEU A 42 -3.82 -2.44 -3.34
CA LEU A 42 -4.38 -1.93 -4.59
C LEU A 42 -5.56 -0.99 -4.32
N VAL A 43 -6.22 -1.20 -3.18
CA VAL A 43 -7.35 -0.36 -2.80
C VAL A 43 -6.90 1.00 -2.29
N LEU A 44 -5.78 1.01 -1.58
CA LEU A 44 -5.23 2.24 -1.03
C LEU A 44 -4.42 3.00 -2.09
N LYS A 45 -3.91 2.26 -3.07
CA LYS A 45 -3.12 2.85 -4.14
C LYS A 45 -4.02 3.59 -5.13
N GLU A 46 -5.12 2.96 -5.50
CA GLU A 46 -6.06 3.56 -6.45
C GLU A 46 -6.55 4.91 -5.94
N VAL A 47 -6.44 5.13 -4.63
CA VAL A 47 -6.86 6.39 -4.02
C VAL A 47 -5.83 7.48 -4.24
N MET A 48 -4.67 7.33 -3.61
CA MET A 48 -3.59 8.31 -3.73
C MET A 48 -3.53 8.86 -5.16
N PHE A 49 -3.67 7.98 -6.13
CA PHE A 49 -3.63 8.38 -7.54
C PHE A 49 -4.84 9.23 -7.89
N ARG A 50 -6.02 8.72 -7.60
CA ARG A 50 -7.26 9.43 -7.89
C ARG A 50 -7.27 10.80 -7.23
N GLU A 51 -6.52 10.93 -6.14
CA GLU A 51 -6.43 12.20 -5.42
C GLU A 51 -5.32 13.07 -5.98
N LEU A 52 -4.21 12.44 -6.36
CA LEU A 52 -3.08 13.16 -6.91
C LEU A 52 -3.46 13.93 -8.17
N LEU A 53 -4.20 13.26 -9.06
CA LEU A 53 -4.64 13.88 -10.30
C LEU A 53 -5.46 15.13 -10.02
N LYS A 54 -6.29 15.07 -8.99
CA LYS A 54 -7.13 16.20 -8.62
C LYS A 54 -6.30 17.30 -7.95
N THR A 55 -5.42 16.91 -7.05
CA THR A 55 -4.55 17.85 -6.35
C THR A 55 -3.34 18.23 -7.19
N GLY A 56 -3.41 17.93 -8.49
CA GLY A 56 -2.31 18.24 -9.37
C GLY A 56 -0.97 17.78 -8.83
N GLY A 57 -1.00 16.71 -8.03
CA GLY A 57 0.23 16.19 -7.45
C GLY A 57 0.74 17.05 -6.31
N ASN A 58 -0.14 17.40 -5.38
CA ASN A 58 0.23 18.23 -4.24
C ASN A 58 -0.05 17.49 -2.93
N LEU A 59 0.16 16.18 -2.94
CA LEU A 59 -0.07 15.36 -1.75
C LEU A 59 1.01 15.62 -0.70
N SER A 60 0.62 15.50 0.56
CA SER A 60 1.55 15.72 1.67
C SER A 60 1.44 14.61 2.71
N LYS A 61 2.57 14.24 3.30
CA LYS A 61 2.60 13.20 4.32
C LYS A 61 1.49 13.40 5.35
N SER A 62 1.45 14.60 5.94
CA SER A 62 0.44 14.91 6.93
C SER A 62 -0.93 14.38 6.52
N ALA A 63 -1.23 14.48 5.24
CA ALA A 63 -2.50 14.01 4.71
C ALA A 63 -2.48 12.51 4.48
N CYS A 64 -1.46 12.04 3.75
CA CYS A 64 -1.32 10.62 3.46
C CYS A 64 -1.75 9.78 4.65
N ARG A 65 -1.22 10.10 5.83
CA ARG A 65 -1.54 9.37 7.04
C ARG A 65 -3.03 9.04 7.09
N GLU A 66 -3.86 10.06 7.22
CA GLU A 66 -5.31 9.87 7.27
C GLU A 66 -5.83 9.24 5.99
N LEU A 67 -5.28 9.67 4.86
CA LEU A 67 -5.69 9.14 3.56
C LEU A 67 -5.64 7.62 3.55
N LEU A 68 -4.62 7.06 4.21
CA LEU A 68 -4.46 5.62 4.27
C LEU A 68 -4.73 5.10 5.69
N ASN A 69 -5.92 4.54 5.89
CA ASN A 69 -6.30 4.01 7.19
C ASN A 69 -5.17 3.21 7.81
N ILE A 70 -4.30 2.67 6.95
CA ILE A 70 -3.17 1.89 7.41
C ILE A 70 -2.39 2.61 8.51
N ASP A 71 -1.56 1.87 9.23
CA ASP A 71 -0.75 2.44 10.30
C ASP A 71 0.14 3.56 9.78
N PRO A 72 0.56 4.46 10.69
CA PRO A 72 1.42 5.59 10.33
C PRO A 72 2.84 5.15 9.96
N ILE A 73 3.33 4.12 10.65
CA ILE A 73 4.67 3.60 10.39
C ILE A 73 4.71 2.81 9.09
N LYS A 74 3.55 2.33 8.67
CA LYS A 74 3.45 1.55 7.43
C LYS A 74 3.37 2.47 6.22
N ALA A 75 2.67 3.59 6.35
CA ALA A 75 2.52 4.55 5.27
C ALA A 75 3.81 5.34 5.08
N ASN A 76 4.33 5.90 6.16
CA ASN A 76 5.56 6.69 6.10
C ASN A 76 6.58 6.04 5.17
N ARG A 77 6.53 4.71 5.06
CA ARG A 77 7.44 3.97 4.21
C ARG A 77 6.91 3.92 2.77
N ILE A 78 5.64 3.61 2.63
CA ILE A 78 5.01 3.52 1.31
C ILE A 78 5.14 4.84 0.56
N TYR A 79 4.68 5.93 1.18
CA TYR A 79 4.74 7.24 0.57
C TYR A 79 6.02 7.41 -0.24
N ASP A 80 7.14 6.99 0.33
CA ASP A 80 8.43 7.09 -0.34
C ASP A 80 8.46 6.21 -1.58
N PHE A 81 8.07 4.94 -1.43
CA PHE A 81 8.06 4.00 -2.54
C PHE A 81 7.44 4.64 -3.78
N PHE A 82 6.26 5.21 -3.62
CA PHE A 82 5.57 5.85 -4.74
C PHE A 82 6.50 6.81 -5.48
N GLN A 83 7.22 7.62 -4.72
CA GLN A 83 8.15 8.58 -5.31
C GLN A 83 9.23 7.88 -6.13
N SER A 84 9.65 6.71 -5.64
CA SER A 84 10.68 5.93 -6.32
C SER A 84 10.30 5.67 -7.77
N GLN A 85 9.05 5.25 -7.98
CA GLN A 85 8.55 4.95 -9.32
C GLN A 85 8.07 6.23 -10.01
N ASN A 86 8.51 7.37 -9.50
CA ASN A 86 8.13 8.66 -10.07
C ASN A 86 6.64 8.66 -10.44
N TRP A 87 5.82 8.09 -9.57
CA TRP A 87 4.38 8.02 -9.81
C TRP A 87 3.72 9.34 -9.44
N MET A 88 4.14 9.92 -8.31
CA MET A 88 3.58 11.17 -7.84
C MET A 88 3.75 12.27 -8.89
N GLY A 1 -15.90 -16.91 19.56
CA GLY A 1 -14.52 -17.08 19.15
C GLY A 1 -13.73 -15.78 19.21
N SER A 2 -12.49 -15.83 18.73
CA SER A 2 -11.64 -14.65 18.75
C SER A 2 -11.12 -14.34 17.35
N SER A 3 -10.42 -15.30 16.75
CA SER A 3 -9.87 -15.12 15.41
C SER A 3 -10.98 -14.91 14.39
N GLY A 4 -10.80 -13.91 13.53
CA GLY A 4 -11.79 -13.61 12.52
C GLY A 4 -11.57 -12.26 11.87
N SER A 5 -11.54 -11.21 12.69
CA SER A 5 -11.34 -9.85 12.19
C SER A 5 -9.92 -9.67 11.65
N SER A 6 -8.93 -9.90 12.52
CA SER A 6 -7.53 -9.76 12.13
C SER A 6 -6.63 -10.57 13.06
N GLY A 7 -5.54 -11.09 12.51
CA GLY A 7 -4.61 -11.87 13.30
C GLY A 7 -3.28 -12.07 12.62
N ASN A 8 -2.63 -13.19 12.89
CA ASN A 8 -1.33 -13.50 12.30
C ASN A 8 -1.47 -13.73 10.79
N MET A 9 -0.52 -13.22 10.02
CA MET A 9 -0.53 -13.37 8.57
C MET A 9 0.86 -13.67 8.05
N THR A 10 1.08 -14.91 7.60
CA THR A 10 2.38 -15.31 7.07
C THR A 10 2.62 -14.69 5.70
N ILE A 11 3.85 -14.22 5.48
CA ILE A 11 4.22 -13.60 4.21
C ILE A 11 3.77 -14.46 3.04
N SER A 12 3.96 -15.77 3.16
CA SER A 12 3.57 -16.70 2.10
C SER A 12 2.19 -16.35 1.55
N ASP A 13 1.32 -15.85 2.42
CA ASP A 13 -0.03 -15.47 2.02
C ASP A 13 0.00 -14.42 0.91
N ILE A 14 0.93 -13.48 1.03
CA ILE A 14 1.06 -12.41 0.04
C ILE A 14 1.58 -12.96 -1.29
N GLN A 15 2.26 -14.11 -1.22
CA GLN A 15 2.81 -14.74 -2.41
C GLN A 15 1.85 -15.77 -2.97
N HIS A 16 0.69 -15.92 -2.32
CA HIS A 16 -0.31 -16.87 -2.76
C HIS A 16 -1.61 -16.16 -3.14
N ALA A 17 -1.49 -14.89 -3.50
CA ALA A 17 -2.65 -14.10 -3.89
C ALA A 17 -2.86 -14.12 -5.40
N PRO A 18 -4.13 -14.12 -5.84
CA PRO A 18 -4.49 -14.15 -7.25
C PRO A 18 -4.13 -12.85 -7.96
N ASP A 19 -4.14 -11.75 -7.21
CA ASP A 19 -3.83 -10.44 -7.76
C ASP A 19 -2.40 -10.03 -7.40
N TYR A 20 -1.59 -10.99 -6.99
CA TYR A 20 -0.21 -10.73 -6.62
C TYR A 20 0.66 -10.49 -7.85
N ALA A 21 0.75 -11.49 -8.71
CA ALA A 21 1.54 -11.39 -9.93
C ALA A 21 1.41 -9.99 -10.55
N LEU A 22 0.18 -9.51 -10.66
CA LEU A 22 -0.08 -8.19 -11.23
C LEU A 22 1.02 -7.20 -10.84
N LEU A 23 1.20 -7.03 -9.54
CA LEU A 23 2.22 -6.11 -9.03
C LEU A 23 3.54 -6.29 -9.77
N SER A 24 4.38 -5.27 -9.72
CA SER A 24 5.68 -5.32 -10.39
C SER A 24 6.74 -5.90 -9.47
N ASN A 25 7.99 -5.91 -9.94
CA ASN A 25 9.10 -6.45 -9.17
C ASN A 25 9.33 -5.62 -7.90
N ASP A 26 9.52 -4.32 -8.09
CA ASP A 26 9.75 -3.42 -6.96
C ASP A 26 8.54 -3.41 -6.02
N GLU A 27 7.35 -3.32 -6.60
CA GLU A 27 6.12 -3.29 -5.82
C GLU A 27 6.01 -4.52 -4.93
N GLN A 28 6.32 -5.68 -5.50
CA GLN A 28 6.27 -6.94 -4.77
C GLN A 28 7.15 -6.88 -3.52
N GLN A 29 8.41 -6.50 -3.71
CA GLN A 29 9.35 -6.40 -2.59
C GLN A 29 8.70 -5.74 -1.38
N LEU A 30 8.18 -4.53 -1.58
CA LEU A 30 7.54 -3.80 -0.51
C LEU A 30 6.51 -4.67 0.21
N CYS A 31 5.48 -5.09 -0.51
CA CYS A 31 4.43 -5.94 0.06
C CYS A 31 5.02 -6.94 1.04
N ILE A 32 5.95 -7.75 0.56
CA ILE A 32 6.60 -8.76 1.40
C ILE A 32 7.20 -8.13 2.66
N GLN A 33 7.86 -6.99 2.48
CA GLN A 33 8.47 -6.29 3.59
C GLN A 33 7.43 -5.86 4.61
N LEU A 34 6.47 -5.06 4.17
CA LEU A 34 5.40 -4.58 5.04
C LEU A 34 4.36 -5.65 5.27
N LYS A 35 4.65 -6.86 4.82
CA LYS A 35 3.73 -7.99 4.98
C LYS A 35 2.31 -7.58 4.62
N ILE A 36 2.16 -6.82 3.54
CA ILE A 36 0.86 -6.36 3.09
C ILE A 36 0.36 -7.19 1.91
N LEU A 37 -0.95 -7.30 1.78
CA LEU A 37 -1.55 -8.06 0.69
C LEU A 37 -1.82 -7.16 -0.51
N PRO A 38 -1.83 -7.76 -1.71
CA PRO A 38 -2.09 -7.04 -2.96
C PRO A 38 -3.53 -6.57 -3.08
N LYS A 39 -4.43 -7.26 -2.37
CA LYS A 39 -5.85 -6.91 -2.40
C LYS A 39 -6.08 -5.51 -1.82
N PRO A 40 -5.69 -5.32 -0.55
CA PRO A 40 -5.84 -4.04 0.13
C PRO A 40 -4.88 -2.97 -0.41
N TYR A 41 -3.63 -3.35 -0.60
CA TYR A 41 -2.62 -2.42 -1.12
C TYR A 41 -3.12 -1.74 -2.39
N LEU A 42 -3.88 -2.48 -3.19
CA LEU A 42 -4.41 -1.95 -4.44
C LEU A 42 -5.53 -0.95 -4.17
N VAL A 43 -6.40 -1.28 -3.22
CA VAL A 43 -7.51 -0.40 -2.86
C VAL A 43 -7.01 0.97 -2.41
N LEU A 44 -6.00 0.97 -1.54
CA LEU A 44 -5.43 2.22 -1.04
C LEU A 44 -4.60 2.90 -2.11
N LYS A 45 -3.84 2.12 -2.86
CA LYS A 45 -2.99 2.64 -3.92
C LYS A 45 -3.81 3.48 -4.89
N GLU A 46 -4.94 2.95 -5.33
CA GLU A 46 -5.81 3.65 -6.27
C GLU A 46 -6.17 5.03 -5.74
N VAL A 47 -6.85 5.06 -4.60
CA VAL A 47 -7.25 6.32 -3.98
C VAL A 47 -6.18 7.40 -4.17
N MET A 48 -5.02 7.18 -3.55
CA MET A 48 -3.92 8.13 -3.65
C MET A 48 -3.85 8.74 -5.04
N PHE A 49 -3.83 7.88 -6.06
CA PHE A 49 -3.76 8.33 -7.44
C PHE A 49 -5.00 9.12 -7.82
N ARG A 50 -6.16 8.65 -7.36
CA ARG A 50 -7.42 9.32 -7.65
C ARG A 50 -7.46 10.70 -7.03
N GLU A 51 -6.68 10.90 -5.97
CA GLU A 51 -6.63 12.17 -5.27
C GLU A 51 -5.45 13.01 -5.76
N LEU A 52 -4.43 12.34 -6.27
CA LEU A 52 -3.24 13.01 -6.77
C LEU A 52 -3.49 13.63 -8.15
N LEU A 53 -4.13 12.86 -9.03
CA LEU A 53 -4.44 13.33 -10.36
C LEU A 53 -5.54 14.39 -10.34
N LYS A 54 -6.53 14.17 -9.49
CA LYS A 54 -7.64 15.10 -9.36
C LYS A 54 -7.17 16.46 -8.85
N THR A 55 -6.38 16.44 -7.78
CA THR A 55 -5.84 17.66 -7.19
C THR A 55 -4.67 18.20 -8.01
N GLY A 56 -3.97 17.30 -8.69
CA GLY A 56 -2.84 17.70 -9.50
C GLY A 56 -1.53 17.66 -8.74
N GLY A 57 -1.44 16.74 -7.77
CA GLY A 57 -0.23 16.62 -6.97
C GLY A 57 -0.26 17.52 -5.74
N ASN A 58 -1.22 17.30 -4.87
CA ASN A 58 -1.36 18.09 -3.65
C ASN A 58 -1.30 17.20 -2.41
N LEU A 59 -0.41 16.21 -2.45
CA LEU A 59 -0.25 15.29 -1.33
C LEU A 59 1.11 15.48 -0.66
N SER A 60 1.16 15.22 0.64
CA SER A 60 2.40 15.37 1.39
C SER A 60 2.51 14.28 2.47
N LYS A 61 3.75 13.97 2.87
CA LYS A 61 3.99 12.96 3.88
C LYS A 61 3.00 13.10 5.03
N SER A 62 2.52 14.33 5.26
CA SER A 62 1.58 14.59 6.34
C SER A 62 0.17 14.15 5.94
N ALA A 63 -0.35 14.74 4.87
CA ALA A 63 -1.68 14.41 4.38
C ALA A 63 -1.82 12.91 4.14
N CYS A 64 -0.88 12.36 3.40
CA CYS A 64 -0.89 10.93 3.09
C CYS A 64 -1.38 10.12 4.29
N ARG A 65 -0.65 10.20 5.39
CA ARG A 65 -1.02 9.46 6.60
C ARG A 65 -2.52 9.53 6.84
N GLU A 66 -3.09 10.72 6.72
CA GLU A 66 -4.52 10.91 6.93
C GLU A 66 -5.32 10.19 5.84
N LEU A 67 -5.03 10.52 4.59
CA LEU A 67 -5.73 9.91 3.46
C LEU A 67 -5.90 8.41 3.67
N LEU A 68 -4.79 7.73 3.96
CA LEU A 68 -4.81 6.29 4.20
C LEU A 68 -5.20 5.98 5.64
N ASN A 69 -6.16 5.07 5.81
CA ASN A 69 -6.62 4.68 7.14
C ASN A 69 -5.75 3.55 7.69
N ILE A 70 -4.46 3.60 7.41
CA ILE A 70 -3.53 2.59 7.89
C ILE A 70 -2.65 3.14 9.02
N ASP A 71 -1.75 2.29 9.52
CA ASP A 71 -0.85 2.68 10.59
C ASP A 71 0.03 3.86 10.16
N PRO A 72 0.41 4.69 11.13
CA PRO A 72 1.25 5.88 10.89
C PRO A 72 2.68 5.49 10.51
N ILE A 73 3.12 4.33 10.99
CA ILE A 73 4.46 3.85 10.70
C ILE A 73 4.53 3.16 9.34
N LYS A 74 3.42 2.57 8.93
CA LYS A 74 3.35 1.89 7.64
C LYS A 74 3.23 2.88 6.50
N ALA A 75 2.48 3.96 6.73
CA ALA A 75 2.29 4.99 5.72
C ALA A 75 3.59 5.73 5.45
N ASN A 76 4.50 5.72 6.42
CA ASN A 76 5.78 6.39 6.30
C ASN A 76 6.63 5.73 5.21
N ARG A 77 6.53 4.41 5.12
CA ARG A 77 7.29 3.65 4.13
C ARG A 77 6.54 3.57 2.80
N ILE A 78 5.27 3.18 2.88
CA ILE A 78 4.44 3.05 1.69
C ILE A 78 4.45 4.35 0.88
N TYR A 79 4.38 5.48 1.57
CA TYR A 79 4.39 6.78 0.90
C TYR A 79 5.72 7.04 0.22
N ASP A 80 6.81 6.64 0.89
CA ASP A 80 8.15 6.83 0.35
C ASP A 80 8.33 6.04 -0.94
N PHE A 81 7.83 4.81 -0.96
CA PHE A 81 7.94 3.95 -2.13
C PHE A 81 7.30 4.62 -3.35
N PHE A 82 6.16 5.26 -3.14
CA PHE A 82 5.45 5.94 -4.22
C PHE A 82 6.30 7.05 -4.82
N GLN A 83 7.05 7.75 -3.97
CA GLN A 83 7.91 8.83 -4.41
C GLN A 83 9.16 8.29 -5.08
N SER A 84 9.79 7.30 -4.46
CA SER A 84 11.00 6.69 -4.99
C SER A 84 10.78 6.20 -6.42
N GLN A 85 9.53 5.92 -6.75
CA GLN A 85 9.18 5.45 -8.08
C GLN A 85 8.87 6.61 -9.02
N ASN A 86 9.38 7.79 -8.68
CA ASN A 86 9.15 8.98 -9.49
C ASN A 86 7.73 9.01 -10.03
N TRP A 87 6.79 8.59 -9.21
CA TRP A 87 5.38 8.57 -9.60
C TRP A 87 4.70 9.88 -9.24
N MET A 88 5.17 10.51 -8.17
CA MET A 88 4.60 11.78 -7.73
C MET A 88 5.52 12.94 -8.08
N GLY A 1 -21.98 -10.43 14.66
CA GLY A 1 -21.95 -11.78 14.15
C GLY A 1 -20.54 -12.23 13.78
N SER A 2 -20.44 -13.38 13.11
CA SER A 2 -19.15 -13.92 12.73
C SER A 2 -18.49 -13.03 11.67
N SER A 3 -17.70 -12.06 12.12
CA SER A 3 -17.01 -11.15 11.22
C SER A 3 -15.82 -11.82 10.56
N GLY A 4 -15.01 -12.52 11.36
CA GLY A 4 -13.85 -13.21 10.84
C GLY A 4 -12.55 -12.51 11.19
N SER A 5 -11.47 -13.27 11.24
CA SER A 5 -10.16 -12.71 11.57
C SER A 5 -9.05 -13.67 11.17
N SER A 6 -7.90 -13.12 10.77
CA SER A 6 -6.76 -13.92 10.37
C SER A 6 -5.77 -14.08 11.51
N GLY A 7 -5.68 -15.30 12.02
CA GLY A 7 -4.77 -15.58 13.12
C GLY A 7 -3.31 -15.35 12.75
N ASN A 8 -2.64 -16.41 12.31
CA ASN A 8 -1.24 -16.31 11.91
C ASN A 8 -1.11 -16.02 10.42
N MET A 9 -0.42 -14.95 10.08
CA MET A 9 -0.22 -14.57 8.69
C MET A 9 1.24 -14.19 8.43
N THR A 10 1.86 -14.90 7.50
CA THR A 10 3.25 -14.63 7.16
C THR A 10 3.42 -14.36 5.66
N ILE A 11 4.59 -13.90 5.28
CA ILE A 11 4.88 -13.58 3.88
C ILE A 11 4.33 -14.67 2.95
N SER A 12 4.60 -15.92 3.30
CA SER A 12 4.14 -17.06 2.51
C SER A 12 2.69 -16.84 2.05
N ASP A 13 1.89 -16.28 2.94
CA ASP A 13 0.48 -16.02 2.62
C ASP A 13 0.35 -15.04 1.46
N ILE A 14 1.03 -13.90 1.56
CA ILE A 14 1.00 -12.89 0.53
C ILE A 14 1.44 -13.46 -0.81
N GLN A 15 2.62 -14.07 -0.82
CA GLN A 15 3.17 -14.66 -2.04
C GLN A 15 2.28 -15.78 -2.56
N HIS A 16 1.46 -16.33 -1.66
CA HIS A 16 0.54 -17.41 -2.03
C HIS A 16 -0.87 -16.88 -2.23
N ALA A 17 -0.98 -15.69 -2.82
CA ALA A 17 -2.28 -15.07 -3.06
C ALA A 17 -2.58 -15.02 -4.56
N PRO A 18 -3.86 -15.21 -4.90
CA PRO A 18 -4.32 -15.19 -6.29
C PRO A 18 -4.26 -13.80 -6.91
N ASP A 19 -3.83 -12.83 -6.11
CA ASP A 19 -3.73 -11.45 -6.58
C ASP A 19 -2.38 -10.85 -6.19
N TYR A 20 -1.36 -11.69 -6.11
CA TYR A 20 -0.02 -11.25 -5.75
C TYR A 20 0.88 -11.16 -6.98
N ALA A 21 0.84 -12.19 -7.80
CA ALA A 21 1.66 -12.22 -9.01
C ALA A 21 1.43 -10.98 -9.86
N LEU A 22 0.19 -10.51 -9.88
CA LEU A 22 -0.16 -9.31 -10.65
C LEU A 22 0.74 -8.14 -10.29
N LEU A 23 1.22 -8.13 -9.05
CA LEU A 23 2.10 -7.07 -8.58
C LEU A 23 3.38 -7.02 -9.40
N SER A 24 4.08 -5.89 -9.35
CA SER A 24 5.31 -5.71 -10.09
C SER A 24 6.52 -6.07 -9.22
N ASN A 25 7.59 -6.54 -9.86
CA ASN A 25 8.80 -6.91 -9.14
C ASN A 25 9.06 -5.98 -7.97
N ASP A 26 8.80 -4.69 -8.18
CA ASP A 26 8.99 -3.69 -7.14
C ASP A 26 7.93 -3.83 -6.05
N GLU A 27 6.67 -3.73 -6.45
CA GLU A 27 5.56 -3.84 -5.49
C GLU A 27 5.74 -5.05 -4.58
N GLN A 28 6.08 -6.19 -5.19
CA GLN A 28 6.28 -7.42 -4.43
C GLN A 28 7.15 -7.17 -3.20
N GLN A 29 8.32 -6.59 -3.41
CA GLN A 29 9.24 -6.29 -2.32
C GLN A 29 8.51 -5.59 -1.17
N LEU A 30 7.81 -4.52 -1.50
CA LEU A 30 7.08 -3.75 -0.50
C LEU A 30 6.12 -4.65 0.29
N CYS A 31 5.10 -5.16 -0.40
CA CYS A 31 4.12 -6.04 0.24
C CYS A 31 4.81 -6.97 1.24
N ILE A 32 5.85 -7.64 0.81
CA ILE A 32 6.59 -8.56 1.67
C ILE A 32 7.16 -7.84 2.88
N GLN A 33 7.93 -6.78 2.63
CA GLN A 33 8.53 -5.99 3.71
C GLN A 33 7.47 -5.52 4.69
N LEU A 34 6.51 -4.76 4.18
CA LEU A 34 5.43 -4.23 5.02
C LEU A 34 4.42 -5.32 5.36
N LYS A 35 4.61 -6.49 4.77
CA LYS A 35 3.72 -7.63 5.01
C LYS A 35 2.28 -7.26 4.66
N ILE A 36 2.11 -6.51 3.57
CA ILE A 36 0.78 -6.10 3.14
C ILE A 36 0.32 -6.92 1.94
N LEU A 37 -0.99 -7.07 1.80
CA LEU A 37 -1.56 -7.84 0.70
C LEU A 37 -1.82 -6.94 -0.51
N PRO A 38 -1.84 -7.55 -1.70
CA PRO A 38 -2.09 -6.82 -2.95
C PRO A 38 -3.53 -6.33 -3.08
N LYS A 39 -4.43 -7.01 -2.38
CA LYS A 39 -5.84 -6.65 -2.40
C LYS A 39 -6.06 -5.27 -1.78
N PRO A 40 -5.68 -5.12 -0.51
CA PRO A 40 -5.81 -3.87 0.22
C PRO A 40 -4.86 -2.79 -0.28
N TYR A 41 -3.64 -3.20 -0.64
CA TYR A 41 -2.64 -2.27 -1.14
C TYR A 41 -3.12 -1.58 -2.41
N LEU A 42 -3.80 -2.34 -3.27
CA LEU A 42 -4.32 -1.80 -4.52
C LEU A 42 -5.41 -0.77 -4.26
N VAL A 43 -6.32 -1.09 -3.34
CA VAL A 43 -7.41 -0.19 -3.00
C VAL A 43 -6.88 1.18 -2.59
N LEU A 44 -6.01 1.19 -1.59
CA LEU A 44 -5.43 2.44 -1.10
C LEU A 44 -4.50 3.05 -2.14
N LYS A 45 -3.93 2.20 -2.99
CA LYS A 45 -3.01 2.66 -4.04
C LYS A 45 -3.76 3.52 -5.06
N GLU A 46 -4.82 2.95 -5.63
CA GLU A 46 -5.61 3.67 -6.63
C GLU A 46 -6.02 5.04 -6.11
N VAL A 47 -6.36 5.11 -4.83
CA VAL A 47 -6.77 6.38 -4.21
C VAL A 47 -5.67 7.43 -4.35
N MET A 48 -4.53 7.16 -3.73
CA MET A 48 -3.41 8.09 -3.77
C MET A 48 -3.31 8.78 -5.13
N PHE A 49 -3.29 7.97 -6.20
CA PHE A 49 -3.21 8.51 -7.55
C PHE A 49 -4.38 9.44 -7.84
N ARG A 50 -5.60 8.90 -7.74
CA ARG A 50 -6.80 9.68 -7.99
C ARG A 50 -6.72 11.03 -7.29
N GLU A 51 -6.36 11.02 -6.02
CA GLU A 51 -6.25 12.25 -5.24
C GLU A 51 -5.09 13.10 -5.73
N LEU A 52 -4.02 12.44 -6.18
CA LEU A 52 -2.85 13.14 -6.67
C LEU A 52 -3.18 13.98 -7.91
N LEU A 53 -3.92 13.37 -8.83
CA LEU A 53 -4.32 14.06 -10.06
C LEU A 53 -5.40 15.09 -9.78
N LYS A 54 -6.35 14.72 -8.91
CA LYS A 54 -7.44 15.62 -8.56
C LYS A 54 -6.92 16.95 -8.04
N THR A 55 -6.07 16.90 -7.02
CA THR A 55 -5.49 18.10 -6.44
C THR A 55 -4.37 18.65 -7.32
N GLY A 56 -3.70 17.77 -8.05
CA GLY A 56 -2.61 18.19 -8.92
C GLY A 56 -1.28 18.23 -8.20
N GLY A 57 -1.00 17.21 -7.40
CA GLY A 57 0.25 17.16 -6.67
C GLY A 57 0.19 17.94 -5.38
N ASN A 58 -0.73 17.55 -4.49
CA ASN A 58 -0.89 18.22 -3.21
C ASN A 58 -0.95 17.22 -2.07
N LEU A 59 -0.10 16.20 -2.12
CA LEU A 59 -0.07 15.17 -1.10
C LEU A 59 1.11 15.38 -0.15
N SER A 60 0.95 14.94 1.09
CA SER A 60 2.00 15.07 2.09
C SER A 60 1.75 14.13 3.27
N LYS A 61 2.83 13.65 3.87
CA LYS A 61 2.73 12.74 5.01
C LYS A 61 1.55 13.11 5.90
N SER A 62 1.36 14.41 6.12
CA SER A 62 0.26 14.89 6.96
C SER A 62 -1.08 14.45 6.38
N ALA A 63 -1.33 14.82 5.12
CA ALA A 63 -2.58 14.47 4.45
C ALA A 63 -2.64 12.97 4.17
N CYS A 64 -1.65 12.48 3.42
CA CYS A 64 -1.59 11.06 3.07
C CYS A 64 -2.03 10.19 4.24
N ARG A 65 -1.28 10.27 5.34
CA ARG A 65 -1.58 9.48 6.53
C ARG A 65 -3.08 9.47 6.80
N GLU A 66 -3.71 10.65 6.72
CA GLU A 66 -5.14 10.76 6.97
C GLU A 66 -5.93 9.99 5.91
N LEU A 67 -5.61 10.22 4.64
CA LEU A 67 -6.29 9.55 3.55
C LEU A 67 -6.29 8.03 3.75
N LEU A 68 -5.11 7.45 3.83
CA LEU A 68 -4.97 6.01 4.03
C LEU A 68 -5.57 5.59 5.37
N ASN A 69 -5.51 6.49 6.35
CA ASN A 69 -6.04 6.21 7.68
C ASN A 69 -5.44 4.93 8.25
N ILE A 70 -4.14 4.76 8.06
CA ILE A 70 -3.44 3.58 8.56
C ILE A 70 -2.25 3.98 9.41
N ASP A 71 -1.70 3.00 10.13
CA ASP A 71 -0.55 3.24 10.99
C ASP A 71 0.46 4.18 10.32
N PRO A 72 1.14 4.99 11.14
CA PRO A 72 2.13 5.95 10.65
C PRO A 72 3.39 5.26 10.10
N ILE A 73 3.71 4.11 10.67
CA ILE A 73 4.89 3.35 10.25
C ILE A 73 4.68 2.77 8.85
N LYS A 74 3.48 2.28 8.59
CA LYS A 74 3.16 1.69 7.29
C LYS A 74 3.25 2.75 6.19
N ALA A 75 2.41 3.78 6.30
CA ALA A 75 2.40 4.85 5.32
C ALA A 75 3.78 5.49 5.17
N ASN A 76 4.39 5.83 6.29
CA ASN A 76 5.72 6.44 6.28
C ASN A 76 6.62 5.78 5.25
N ARG A 77 6.46 4.47 5.08
CA ARG A 77 7.26 3.71 4.13
C ARG A 77 6.58 3.67 2.76
N ILE A 78 5.28 3.37 2.76
CA ILE A 78 4.51 3.29 1.52
C ILE A 78 4.73 4.53 0.67
N TYR A 79 4.86 5.68 1.32
CA TYR A 79 5.08 6.94 0.62
C TYR A 79 6.31 6.87 -0.27
N ASP A 80 7.47 6.70 0.35
CA ASP A 80 8.73 6.61 -0.39
C ASP A 80 8.54 5.80 -1.67
N PHE A 81 7.97 4.62 -1.54
CA PHE A 81 7.73 3.75 -2.69
C PHE A 81 7.17 4.54 -3.87
N PHE A 82 6.07 5.25 -3.64
CA PHE A 82 5.43 6.05 -4.67
C PHE A 82 6.44 6.97 -5.35
N GLN A 83 7.11 7.80 -4.54
CA GLN A 83 8.09 8.73 -5.06
C GLN A 83 9.14 8.00 -5.90
N SER A 84 9.75 6.96 -5.31
CA SER A 84 10.76 6.18 -6.01
C SER A 84 10.35 5.89 -7.44
N GLN A 85 9.04 5.71 -7.64
CA GLN A 85 8.51 5.43 -8.97
C GLN A 85 8.24 6.70 -9.75
N ASN A 86 8.98 7.77 -9.40
CA ASN A 86 8.82 9.05 -10.07
C ASN A 86 7.35 9.30 -10.42
N TRP A 87 6.45 8.88 -9.54
CA TRP A 87 5.02 9.06 -9.76
C TRP A 87 4.54 10.39 -9.21
N MET A 88 5.14 10.80 -8.09
CA MET A 88 4.76 12.07 -7.46
C MET A 88 6.00 12.75 -6.85
N GLY A 1 -16.20 -7.27 12.44
CA GLY A 1 -15.56 -8.54 12.13
C GLY A 1 -14.32 -8.78 12.96
N SER A 2 -13.23 -9.16 12.31
CA SER A 2 -11.97 -9.43 12.99
C SER A 2 -12.22 -10.19 14.30
N SER A 3 -13.12 -11.17 14.25
CA SER A 3 -13.44 -11.97 15.41
C SER A 3 -12.43 -13.10 15.60
N GLY A 4 -11.73 -13.07 16.73
CA GLY A 4 -10.74 -14.09 17.01
C GLY A 4 -9.41 -13.51 17.44
N SER A 5 -8.99 -13.80 18.67
CA SER A 5 -7.73 -13.29 19.19
C SER A 5 -6.56 -14.15 18.70
N SER A 6 -6.12 -13.90 17.48
CA SER A 6 -5.02 -14.65 16.89
C SER A 6 -4.60 -14.04 15.56
N GLY A 7 -3.28 -13.95 15.35
CA GLY A 7 -2.77 -13.40 14.10
C GLY A 7 -1.69 -14.25 13.49
N ASN A 8 -2.10 -15.24 12.70
CA ASN A 8 -1.15 -16.14 12.05
C ASN A 8 -0.86 -15.68 10.62
N MET A 9 -0.71 -14.37 10.45
CA MET A 9 -0.42 -13.80 9.13
C MET A 9 0.99 -14.15 8.68
N THR A 10 1.10 -14.70 7.48
CA THR A 10 2.40 -15.09 6.93
C THR A 10 2.55 -14.62 5.48
N ILE A 11 3.76 -14.24 5.11
CA ILE A 11 4.04 -13.77 3.76
C ILE A 11 3.32 -14.62 2.72
N SER A 12 3.36 -15.94 2.93
CA SER A 12 2.72 -16.87 2.01
C SER A 12 1.34 -16.37 1.61
N ASP A 13 0.59 -15.86 2.58
CA ASP A 13 -0.76 -15.34 2.32
C ASP A 13 -0.72 -14.27 1.23
N ILE A 14 0.21 -13.34 1.36
CA ILE A 14 0.33 -12.25 0.39
C ILE A 14 0.55 -12.81 -1.02
N GLN A 15 1.65 -13.51 -1.22
CA GLN A 15 1.97 -14.10 -2.51
C GLN A 15 0.82 -14.95 -3.03
N HIS A 16 0.31 -15.84 -2.18
CA HIS A 16 -0.79 -16.71 -2.54
C HIS A 16 -1.79 -15.98 -3.43
N ALA A 17 -2.31 -14.86 -2.95
CA ALA A 17 -3.27 -14.06 -3.71
C ALA A 17 -2.84 -13.94 -5.17
N PRO A 18 -3.83 -13.93 -6.07
CA PRO A 18 -3.59 -13.82 -7.51
C PRO A 18 -3.08 -12.43 -7.90
N ASP A 19 -3.77 -11.40 -7.44
CA ASP A 19 -3.39 -10.02 -7.75
C ASP A 19 -1.90 -9.79 -7.47
N TYR A 20 -1.41 -10.41 -6.39
CA TYR A 20 0.00 -10.27 -6.02
C TYR A 20 0.88 -10.17 -7.25
N ALA A 21 0.68 -11.08 -8.20
CA ALA A 21 1.46 -11.10 -9.42
C ALA A 21 1.56 -9.70 -10.04
N LEU A 22 0.41 -9.06 -10.22
CA LEU A 22 0.37 -7.72 -10.80
C LEU A 22 1.52 -6.87 -10.27
N LEU A 23 1.81 -7.01 -8.98
CA LEU A 23 2.89 -6.25 -8.36
C LEU A 23 4.24 -6.60 -8.99
N SER A 24 4.97 -5.57 -9.41
CA SER A 24 6.27 -5.77 -10.03
C SER A 24 7.31 -6.20 -9.00
N ASN A 25 8.52 -6.49 -9.47
CA ASN A 25 9.60 -6.92 -8.59
C ASN A 25 9.71 -6.00 -7.38
N ASP A 26 9.96 -4.72 -7.63
CA ASP A 26 10.08 -3.74 -6.56
C ASP A 26 8.83 -3.73 -5.68
N GLU A 27 7.69 -3.48 -6.29
CA GLU A 27 6.42 -3.44 -5.56
C GLU A 27 6.32 -4.61 -4.60
N GLN A 28 6.68 -5.79 -5.07
CA GLN A 28 6.62 -7.00 -4.26
C GLN A 28 7.51 -6.86 -3.02
N GLN A 29 8.80 -6.65 -3.25
CA GLN A 29 9.75 -6.51 -2.15
C GLN A 29 9.13 -5.73 -0.99
N LEU A 30 8.50 -4.60 -1.31
CA LEU A 30 7.86 -3.77 -0.29
C LEU A 30 6.78 -4.55 0.45
N CYS A 31 5.77 -4.99 -0.29
CA CYS A 31 4.67 -5.75 0.29
C CYS A 31 5.17 -6.69 1.37
N ILE A 32 6.23 -7.43 1.06
CA ILE A 32 6.81 -8.38 2.01
C ILE A 32 7.25 -7.67 3.29
N GLN A 33 8.16 -6.72 3.16
CA GLN A 33 8.66 -5.96 4.30
C GLN A 33 7.51 -5.41 5.14
N LEU A 34 6.60 -4.69 4.48
CA LEU A 34 5.45 -4.11 5.15
C LEU A 34 4.45 -5.18 5.55
N LYS A 35 4.65 -6.38 5.04
CA LYS A 35 3.76 -7.50 5.34
C LYS A 35 2.30 -7.13 5.07
N ILE A 36 2.06 -6.45 3.96
CA ILE A 36 0.73 -6.04 3.58
C ILE A 36 0.16 -6.91 2.47
N LEU A 37 -1.16 -7.07 2.44
CA LEU A 37 -1.82 -7.88 1.43
C LEU A 37 -1.94 -7.11 0.12
N PRO A 38 -1.90 -7.84 -1.01
CA PRO A 38 -2.01 -7.25 -2.34
C PRO A 38 -3.40 -6.70 -2.62
N LYS A 39 -4.42 -7.44 -2.21
CA LYS A 39 -5.81 -7.03 -2.41
C LYS A 39 -6.02 -5.60 -1.93
N PRO A 40 -5.74 -5.36 -0.64
CA PRO A 40 -5.90 -4.03 -0.03
C PRO A 40 -4.87 -3.03 -0.55
N TYR A 41 -3.61 -3.46 -0.61
CA TYR A 41 -2.52 -2.61 -1.08
C TYR A 41 -2.86 -2.02 -2.45
N LEU A 42 -3.58 -2.78 -3.26
CA LEU A 42 -3.97 -2.33 -4.59
C LEU A 42 -5.21 -1.44 -4.53
N VAL A 43 -6.04 -1.68 -3.53
CA VAL A 43 -7.26 -0.89 -3.36
C VAL A 43 -6.94 0.54 -2.91
N LEU A 44 -5.96 0.67 -2.04
CA LEU A 44 -5.55 1.97 -1.52
C LEU A 44 -4.63 2.68 -2.52
N LYS A 45 -3.99 1.89 -3.38
CA LYS A 45 -3.09 2.44 -4.38
C LYS A 45 -3.84 3.35 -5.36
N GLU A 46 -5.01 2.90 -5.79
CA GLU A 46 -5.83 3.66 -6.73
C GLU A 46 -6.27 4.99 -6.10
N VAL A 47 -6.59 4.95 -4.82
CA VAL A 47 -7.03 6.15 -4.10
C VAL A 47 -5.95 7.23 -4.15
N MET A 48 -4.74 6.88 -3.75
CA MET A 48 -3.62 7.82 -3.75
C MET A 48 -3.57 8.60 -5.07
N PHE A 49 -3.79 7.88 -6.18
CA PHE A 49 -3.75 8.50 -7.50
C PHE A 49 -5.02 9.31 -7.75
N ARG A 50 -6.17 8.74 -7.39
CA ARG A 50 -7.45 9.41 -7.58
C ARG A 50 -7.44 10.78 -6.91
N GLU A 51 -6.67 10.91 -5.84
CA GLU A 51 -6.57 12.17 -5.10
C GLU A 51 -5.51 13.08 -5.72
N LEU A 52 -4.31 12.54 -5.91
CA LEU A 52 -3.20 13.29 -6.48
C LEU A 52 -3.64 14.00 -7.76
N LEU A 53 -4.51 13.36 -8.51
CA LEU A 53 -5.02 13.94 -9.76
C LEU A 53 -6.06 15.02 -9.49
N LYS A 54 -6.99 14.71 -8.59
CA LYS A 54 -8.04 15.65 -8.23
C LYS A 54 -7.45 17.01 -7.85
N THR A 55 -6.53 17.01 -6.88
CA THR A 55 -5.89 18.22 -6.42
C THR A 55 -4.78 18.64 -7.37
N GLY A 56 -4.18 17.67 -8.05
CA GLY A 56 -3.10 17.96 -8.98
C GLY A 56 -1.74 17.54 -8.45
N GLY A 57 -1.56 17.67 -7.14
CA GLY A 57 -0.30 17.29 -6.53
C GLY A 57 -0.08 17.96 -5.19
N ASN A 58 -0.96 17.67 -4.23
CA ASN A 58 -0.86 18.24 -2.90
C ASN A 58 -0.92 17.17 -1.82
N LEU A 59 -0.33 16.01 -2.12
CA LEU A 59 -0.30 14.89 -1.18
C LEU A 59 0.97 14.91 -0.35
N SER A 60 0.88 15.42 0.86
CA SER A 60 2.03 15.50 1.76
C SER A 60 2.00 14.34 2.77
N LYS A 61 3.18 13.84 3.11
CA LYS A 61 3.29 12.74 4.06
C LYS A 61 2.22 12.85 5.15
N SER A 62 2.11 14.03 5.74
CA SER A 62 1.13 14.27 6.80
C SER A 62 -0.27 13.91 6.32
N ALA A 63 -0.66 14.44 5.16
CA ALA A 63 -1.98 14.18 4.60
C ALA A 63 -2.14 12.71 4.25
N CYS A 64 -1.17 12.16 3.53
CA CYS A 64 -1.22 10.76 3.13
C CYS A 64 -1.70 9.88 4.28
N ARG A 65 -1.23 10.18 5.48
CA ARG A 65 -1.62 9.41 6.66
C ARG A 65 -3.13 9.40 6.83
N GLU A 66 -3.74 10.58 6.76
CA GLU A 66 -5.19 10.70 6.90
C GLU A 66 -5.91 9.93 5.79
N LEU A 67 -5.44 10.11 4.56
CA LEU A 67 -6.03 9.43 3.41
C LEU A 67 -6.14 7.93 3.65
N LEU A 68 -5.01 7.31 3.96
CA LEU A 68 -4.98 5.86 4.21
C LEU A 68 -5.07 5.58 5.71
N ASN A 69 -6.12 4.87 6.10
CA ASN A 69 -6.33 4.53 7.51
C ASN A 69 -5.44 3.36 7.91
N ILE A 70 -4.14 3.63 8.06
CA ILE A 70 -3.19 2.60 8.44
C ILE A 70 -2.10 3.17 9.34
N ASP A 71 -1.44 2.29 10.10
CA ASP A 71 -0.36 2.71 10.99
C ASP A 71 0.45 3.84 10.39
N PRO A 72 0.97 4.72 11.24
CA PRO A 72 1.78 5.87 10.81
C PRO A 72 3.14 5.45 10.26
N ILE A 73 3.65 4.33 10.78
CA ILE A 73 4.95 3.82 10.35
C ILE A 73 4.85 3.20 8.95
N LYS A 74 3.69 2.63 8.64
CA LYS A 74 3.47 2.00 7.36
C LYS A 74 3.43 3.04 6.23
N ALA A 75 2.46 3.93 6.30
CA ALA A 75 2.32 4.99 5.30
C ALA A 75 3.61 5.80 5.17
N ASN A 76 4.50 5.63 6.13
CA ASN A 76 5.77 6.36 6.14
C ASN A 76 6.72 5.77 5.09
N ARG A 77 6.61 4.46 4.86
CA ARG A 77 7.46 3.79 3.89
C ARG A 77 6.86 3.87 2.48
N ILE A 78 5.61 3.42 2.36
CA ILE A 78 4.92 3.44 1.08
C ILE A 78 5.06 4.80 0.41
N TYR A 79 4.77 5.86 1.16
CA TYR A 79 4.85 7.22 0.64
C TYR A 79 6.11 7.41 -0.20
N ASP A 80 7.25 6.98 0.35
CA ASP A 80 8.53 7.09 -0.33
C ASP A 80 8.54 6.24 -1.60
N PHE A 81 8.13 4.99 -1.45
CA PHE A 81 8.09 4.06 -2.58
C PHE A 81 7.52 4.73 -3.82
N PHE A 82 6.46 5.51 -3.63
CA PHE A 82 5.81 6.21 -4.74
C PHE A 82 6.80 7.14 -5.44
N GLN A 83 7.53 7.92 -4.66
CA GLN A 83 8.52 8.85 -5.20
C GLN A 83 9.62 8.11 -5.95
N SER A 84 9.92 6.90 -5.49
CA SER A 84 10.97 6.09 -6.12
C SER A 84 10.64 5.84 -7.58
N GLN A 85 9.37 5.66 -7.89
CA GLN A 85 8.92 5.40 -9.25
C GLN A 85 8.52 6.71 -9.95
N ASN A 86 9.04 7.82 -9.44
CA ASN A 86 8.74 9.13 -10.01
C ASN A 86 7.27 9.23 -10.40
N TRP A 87 6.43 8.48 -9.69
CA TRP A 87 4.99 8.48 -9.96
C TRP A 87 4.36 9.81 -9.57
N MET A 88 4.82 10.37 -8.45
CA MET A 88 4.29 11.65 -7.97
C MET A 88 5.05 12.81 -8.59
N GLY A 1 -14.74 -11.41 6.97
CA GLY A 1 -16.05 -11.94 7.26
C GLY A 1 -16.31 -12.05 8.75
N SER A 2 -16.31 -13.29 9.25
CA SER A 2 -16.55 -13.53 10.67
C SER A 2 -15.68 -12.63 11.53
N SER A 3 -16.28 -12.04 12.56
CA SER A 3 -15.57 -11.15 13.46
C SER A 3 -14.43 -11.88 14.16
N GLY A 4 -13.32 -11.18 14.37
CA GLY A 4 -12.18 -11.79 15.04
C GLY A 4 -11.47 -12.79 14.16
N SER A 5 -10.35 -12.38 13.58
CA SER A 5 -9.57 -13.25 12.70
C SER A 5 -8.81 -14.29 13.51
N SER A 6 -8.23 -13.86 14.62
CA SER A 6 -7.46 -14.75 15.49
C SER A 6 -6.52 -15.62 14.67
N GLY A 7 -5.75 -14.99 13.79
CA GLY A 7 -4.80 -15.71 12.96
C GLY A 7 -3.78 -14.81 12.32
N ASN A 8 -2.51 -15.22 12.38
CA ASN A 8 -1.42 -14.44 11.81
C ASN A 8 -1.21 -14.80 10.33
N MET A 9 -0.51 -13.94 9.61
CA MET A 9 -0.23 -14.17 8.20
C MET A 9 1.21 -14.61 7.99
N THR A 10 1.61 -14.78 6.73
CA THR A 10 2.96 -15.19 6.40
C THR A 10 3.29 -14.90 4.94
N ILE A 11 4.57 -14.93 4.61
CA ILE A 11 5.00 -14.66 3.25
C ILE A 11 4.30 -15.58 2.25
N SER A 12 3.98 -16.79 2.70
CA SER A 12 3.30 -17.76 1.85
C SER A 12 1.87 -17.33 1.57
N ASP A 13 1.30 -16.55 2.49
CA ASP A 13 -0.07 -16.06 2.33
C ASP A 13 -0.14 -14.93 1.31
N ILE A 14 0.72 -13.93 1.50
CA ILE A 14 0.76 -12.78 0.59
C ILE A 14 1.07 -13.21 -0.83
N GLN A 15 2.18 -13.94 -1.00
CA GLN A 15 2.58 -14.42 -2.32
C GLN A 15 1.49 -15.28 -2.94
N HIS A 16 1.17 -16.39 -2.29
CA HIS A 16 0.14 -17.31 -2.78
C HIS A 16 -0.99 -16.53 -3.44
N ALA A 17 -1.41 -15.45 -2.81
CA ALA A 17 -2.49 -14.62 -3.34
C ALA A 17 -2.41 -14.51 -4.86
N PRO A 18 -3.57 -14.50 -5.52
CA PRO A 18 -3.66 -14.39 -6.97
C PRO A 18 -3.23 -13.02 -7.49
N ASP A 19 -3.80 -11.97 -6.91
CA ASP A 19 -3.47 -10.61 -7.30
C ASP A 19 -1.98 -10.34 -7.17
N TYR A 20 -1.38 -10.86 -6.09
CA TYR A 20 0.04 -10.68 -5.83
C TYR A 20 0.83 -10.72 -7.14
N ALA A 21 0.71 -11.82 -7.87
CA ALA A 21 1.41 -11.99 -9.13
C ALA A 21 1.49 -10.67 -9.90
N LEU A 22 0.38 -9.92 -9.90
CA LEU A 22 0.32 -8.64 -10.59
C LEU A 22 1.49 -7.75 -10.16
N LEU A 23 1.66 -7.58 -8.86
CA LEU A 23 2.74 -6.76 -8.33
C LEU A 23 4.06 -7.09 -8.99
N SER A 24 4.84 -6.07 -9.31
CA SER A 24 6.13 -6.25 -9.96
C SER A 24 7.19 -6.69 -8.94
N ASN A 25 8.41 -6.92 -9.42
CA ASN A 25 9.49 -7.35 -8.56
C ASN A 25 9.64 -6.42 -7.36
N ASP A 26 9.77 -5.13 -7.63
CA ASP A 26 9.92 -4.13 -6.58
C ASP A 26 8.69 -4.12 -5.67
N GLU A 27 7.54 -3.83 -6.26
CA GLU A 27 6.29 -3.78 -5.50
C GLU A 27 6.17 -4.97 -4.55
N GLN A 28 6.49 -6.15 -5.07
CA GLN A 28 6.43 -7.37 -4.28
C GLN A 28 7.25 -7.24 -3.00
N GLN A 29 8.52 -6.85 -3.16
CA GLN A 29 9.41 -6.69 -2.02
C GLN A 29 8.72 -5.94 -0.88
N LEU A 30 8.37 -4.68 -1.14
CA LEU A 30 7.69 -3.86 -0.15
C LEU A 30 6.57 -4.62 0.53
N CYS A 31 5.57 -5.02 -0.27
CA CYS A 31 4.44 -5.77 0.26
C CYS A 31 4.88 -6.74 1.35
N ILE A 32 6.00 -7.42 1.12
CA ILE A 32 6.52 -8.38 2.07
C ILE A 32 7.11 -7.67 3.29
N GLN A 33 7.89 -6.63 3.05
CA GLN A 33 8.51 -5.87 4.12
C GLN A 33 7.46 -5.27 5.04
N LEU A 34 6.53 -4.51 4.46
CA LEU A 34 5.46 -3.88 5.24
C LEU A 34 4.42 -4.91 5.67
N LYS A 35 4.58 -6.15 5.19
CA LYS A 35 3.66 -7.23 5.53
C LYS A 35 2.24 -6.85 5.14
N ILE A 36 2.08 -6.24 3.97
CA ILE A 36 0.76 -5.84 3.48
C ILE A 36 0.26 -6.81 2.42
N LEU A 37 -1.04 -6.75 2.14
CA LEU A 37 -1.65 -7.61 1.15
C LEU A 37 -1.84 -6.88 -0.18
N PRO A 38 -1.88 -7.64 -1.28
CA PRO A 38 -2.05 -7.08 -2.63
C PRO A 38 -3.45 -6.51 -2.84
N LYS A 39 -4.42 -7.04 -2.10
CA LYS A 39 -5.80 -6.58 -2.22
C LYS A 39 -5.93 -5.14 -1.73
N PRO A 40 -5.56 -4.90 -0.46
CA PRO A 40 -5.62 -3.57 0.14
C PRO A 40 -4.59 -2.61 -0.45
N TYR A 41 -3.41 -3.12 -0.72
CA TYR A 41 -2.33 -2.30 -1.30
C TYR A 41 -2.76 -1.72 -2.64
N LEU A 42 -3.60 -2.45 -3.36
CA LEU A 42 -4.08 -2.01 -4.67
C LEU A 42 -5.20 -1.00 -4.52
N VAL A 43 -6.16 -1.31 -3.65
CA VAL A 43 -7.29 -0.42 -3.40
C VAL A 43 -6.82 0.96 -2.95
N LEU A 44 -6.00 0.99 -1.90
CA LEU A 44 -5.48 2.24 -1.36
C LEU A 44 -4.63 2.96 -2.40
N LYS A 45 -3.88 2.18 -3.19
CA LYS A 45 -3.03 2.75 -4.23
C LYS A 45 -3.83 3.68 -5.14
N GLU A 46 -4.88 3.14 -5.75
CA GLU A 46 -5.72 3.92 -6.65
C GLU A 46 -6.14 5.24 -6.00
N VAL A 47 -6.56 5.17 -4.74
CA VAL A 47 -7.00 6.34 -4.00
C VAL A 47 -5.97 7.46 -4.12
N MET A 48 -4.73 7.17 -3.75
CA MET A 48 -3.66 8.15 -3.81
C MET A 48 -3.65 8.86 -5.15
N PHE A 49 -3.57 8.08 -6.23
CA PHE A 49 -3.55 8.64 -7.57
C PHE A 49 -4.71 9.62 -7.78
N ARG A 50 -5.93 9.12 -7.59
CA ARG A 50 -7.12 9.94 -7.76
C ARG A 50 -7.01 11.22 -6.94
N GLU A 51 -6.63 11.09 -5.67
CA GLU A 51 -6.49 12.24 -4.79
C GLU A 51 -5.38 13.17 -5.28
N LEU A 52 -4.46 12.62 -6.07
CA LEU A 52 -3.36 13.41 -6.61
C LEU A 52 -3.80 14.21 -7.83
N LEU A 53 -4.34 13.50 -8.83
CA LEU A 53 -4.81 14.14 -10.05
C LEU A 53 -5.98 15.08 -9.76
N LYS A 54 -6.83 14.68 -8.82
CA LYS A 54 -7.99 15.49 -8.45
C LYS A 54 -7.55 16.83 -7.89
N THR A 55 -6.63 16.81 -6.93
CA THR A 55 -6.13 18.03 -6.31
C THR A 55 -5.07 18.69 -7.18
N GLY A 56 -4.40 17.89 -8.01
CA GLY A 56 -3.38 18.42 -8.88
C GLY A 56 -2.01 18.44 -8.23
N GLY A 57 -1.66 17.34 -7.57
CA GLY A 57 -0.37 17.25 -6.91
C GLY A 57 -0.33 18.07 -5.63
N ASN A 58 -1.14 17.67 -4.65
CA ASN A 58 -1.20 18.36 -3.38
C ASN A 58 -1.17 17.37 -2.21
N LEU A 59 -0.31 16.37 -2.31
CA LEU A 59 -0.19 15.36 -1.28
C LEU A 59 1.09 15.56 -0.46
N SER A 60 0.98 15.42 0.86
CA SER A 60 2.11 15.58 1.75
C SER A 60 2.27 14.37 2.67
N LYS A 61 3.42 14.30 3.34
CA LYS A 61 3.69 13.20 4.25
C LYS A 61 2.59 13.05 5.29
N SER A 62 1.90 14.15 5.57
CA SER A 62 0.82 14.15 6.55
C SER A 62 -0.50 13.78 5.89
N ALA A 63 -0.93 14.62 4.95
CA ALA A 63 -2.19 14.39 4.24
C ALA A 63 -2.35 12.91 3.88
N CYS A 64 -1.32 12.34 3.26
CA CYS A 64 -1.34 10.94 2.86
C CYS A 64 -1.82 10.05 4.01
N ARG A 65 -1.05 10.03 5.09
CA ARG A 65 -1.40 9.22 6.25
C ARG A 65 -2.90 9.29 6.54
N GLU A 66 -3.38 10.49 6.84
CA GLU A 66 -4.79 10.70 7.14
C GLU A 66 -5.67 10.07 6.06
N LEU A 67 -5.29 10.28 4.80
CA LEU A 67 -6.05 9.75 3.67
C LEU A 67 -6.12 8.22 3.75
N LEU A 68 -4.95 7.58 3.73
CA LEU A 68 -4.89 6.13 3.81
C LEU A 68 -5.50 5.60 5.11
N ASN A 69 -5.53 6.47 6.11
CA ASN A 69 -6.10 6.10 7.42
C ASN A 69 -5.42 4.84 7.97
N ILE A 70 -4.13 4.71 7.69
CA ILE A 70 -3.36 3.56 8.15
C ILE A 70 -2.31 3.98 9.18
N ASP A 71 -1.55 3.00 9.67
CA ASP A 71 -0.51 3.27 10.66
C ASP A 71 0.46 4.33 10.15
N PRO A 72 1.06 5.07 11.08
CA PRO A 72 2.02 6.14 10.75
C PRO A 72 3.34 5.58 10.21
N ILE A 73 3.67 4.36 10.62
CA ILE A 73 4.89 3.71 10.18
C ILE A 73 4.75 3.16 8.76
N LYS A 74 3.61 2.55 8.49
CA LYS A 74 3.34 1.98 7.17
C LYS A 74 3.27 3.08 6.11
N ALA A 75 2.33 4.00 6.30
CA ALA A 75 2.17 5.11 5.37
C ALA A 75 3.48 5.85 5.14
N ASN A 76 4.27 5.98 6.20
CA ASN A 76 5.55 6.66 6.11
C ASN A 76 6.44 6.04 5.03
N ARG A 77 6.38 4.71 4.92
CA ARG A 77 7.17 4.00 3.93
C ARG A 77 6.43 3.93 2.60
N ILE A 78 5.15 3.59 2.65
CA ILE A 78 4.34 3.49 1.45
C ILE A 78 4.49 4.73 0.57
N TYR A 79 4.36 5.91 1.19
CA TYR A 79 4.49 7.17 0.47
C TYR A 79 5.86 7.29 -0.18
N ASP A 80 6.89 6.85 0.54
CA ASP A 80 8.25 6.92 0.03
C ASP A 80 8.42 6.05 -1.21
N PHE A 81 7.68 4.95 -1.25
CA PHE A 81 7.74 4.03 -2.40
C PHE A 81 7.21 4.71 -3.65
N PHE A 82 6.07 5.38 -3.53
CA PHE A 82 5.46 6.06 -4.66
C PHE A 82 6.39 7.13 -5.21
N GLN A 83 7.41 7.48 -4.44
CA GLN A 83 8.37 8.50 -4.84
C GLN A 83 9.56 7.88 -5.56
N SER A 84 9.70 6.56 -5.42
CA SER A 84 10.80 5.83 -6.05
C SER A 84 10.57 5.70 -7.55
N GLN A 85 9.30 5.62 -7.94
CA GLN A 85 8.95 5.49 -9.35
C GLN A 85 8.62 6.85 -9.96
N ASN A 86 8.83 7.90 -9.18
CA ASN A 86 8.55 9.26 -9.64
C ASN A 86 7.10 9.40 -10.08
N TRP A 87 6.21 8.69 -9.38
CA TRP A 87 4.79 8.75 -9.69
C TRP A 87 4.16 10.04 -9.18
N MET A 88 4.72 10.57 -8.10
CA MET A 88 4.22 11.81 -7.51
C MET A 88 5.06 13.00 -7.95
N GLY A 1 -6.62 -23.31 2.35
CA GLY A 1 -6.97 -23.81 3.66
C GLY A 1 -5.76 -24.04 4.55
N SER A 2 -5.85 -23.62 5.81
CA SER A 2 -4.75 -23.78 6.74
C SER A 2 -5.24 -24.34 8.07
N SER A 3 -4.32 -24.65 8.96
CA SER A 3 -4.66 -25.20 10.28
C SER A 3 -4.53 -24.12 11.36
N GLY A 4 -3.33 -23.57 11.51
CA GLY A 4 -3.11 -22.55 12.51
C GLY A 4 -1.63 -22.27 12.74
N SER A 5 -1.07 -21.36 11.95
CA SER A 5 0.34 -21.01 12.07
C SER A 5 0.62 -20.30 13.39
N SER A 6 1.87 -20.35 13.84
CA SER A 6 2.26 -19.72 15.09
C SER A 6 1.89 -18.23 15.09
N GLY A 7 2.38 -17.50 14.09
CA GLY A 7 2.08 -16.09 13.99
C GLY A 7 0.68 -15.82 13.51
N ASN A 8 0.46 -14.64 12.93
CA ASN A 8 -0.85 -14.26 12.42
C ASN A 8 -0.79 -13.93 10.94
N MET A 9 0.16 -13.07 10.57
CA MET A 9 0.33 -12.67 9.18
C MET A 9 1.79 -12.82 8.74
N THR A 10 2.04 -13.80 7.88
CA THR A 10 3.39 -14.06 7.39
C THR A 10 3.52 -13.64 5.93
N ILE A 11 4.72 -13.81 5.38
CA ILE A 11 4.98 -13.46 3.99
C ILE A 11 4.22 -14.37 3.03
N SER A 12 3.91 -15.58 3.50
CA SER A 12 3.19 -16.55 2.70
C SER A 12 1.76 -16.09 2.43
N ASP A 13 1.19 -15.38 3.39
CA ASP A 13 -0.17 -14.87 3.26
C ASP A 13 -0.32 -14.03 2.00
N ILE A 14 0.79 -13.49 1.52
CA ILE A 14 0.78 -12.66 0.33
C ILE A 14 1.24 -13.46 -0.90
N GLN A 15 2.38 -14.13 -0.76
CA GLN A 15 2.93 -14.93 -1.85
C GLN A 15 1.93 -16.00 -2.29
N HIS A 16 1.02 -16.36 -1.39
CA HIS A 16 0.01 -17.37 -1.69
C HIS A 16 -1.30 -16.72 -2.13
N ALA A 17 -1.18 -15.60 -2.86
CA ALA A 17 -2.36 -14.89 -3.34
C ALA A 17 -2.31 -14.73 -4.86
N PRO A 18 -3.50 -14.80 -5.50
CA PRO A 18 -3.62 -14.68 -6.95
C PRO A 18 -3.33 -13.26 -7.43
N ASP A 19 -3.79 -12.27 -6.66
CA ASP A 19 -3.58 -10.87 -7.01
C ASP A 19 -2.18 -10.42 -6.62
N TYR A 20 -1.33 -11.38 -6.27
CA TYR A 20 0.04 -11.09 -5.88
C TYR A 20 0.98 -11.10 -7.08
N ALA A 21 0.82 -12.12 -7.93
CA ALA A 21 1.64 -12.24 -9.12
C ALA A 21 1.50 -11.03 -10.03
N LEU A 22 0.39 -10.31 -9.87
CA LEU A 22 0.13 -9.12 -10.68
C LEU A 22 1.13 -8.01 -10.36
N LEU A 23 1.30 -7.72 -9.08
CA LEU A 23 2.23 -6.68 -8.64
C LEU A 23 3.54 -6.77 -9.43
N SER A 24 4.21 -5.63 -9.58
CA SER A 24 5.47 -5.58 -10.31
C SER A 24 6.61 -6.09 -9.44
N ASN A 25 7.80 -6.18 -10.03
CA ASN A 25 8.98 -6.66 -9.32
C ASN A 25 9.18 -5.88 -8.02
N ASP A 26 9.37 -4.58 -8.14
CA ASP A 26 9.56 -3.72 -6.97
C ASP A 26 8.37 -3.81 -6.02
N GLU A 27 7.18 -3.55 -6.56
CA GLU A 27 5.97 -3.61 -5.75
C GLU A 27 5.98 -4.81 -4.82
N GLN A 28 6.28 -5.98 -5.39
CA GLN A 28 6.33 -7.21 -4.61
C GLN A 28 7.18 -7.05 -3.36
N GLN A 29 8.41 -6.58 -3.55
CA GLN A 29 9.33 -6.36 -2.45
C GLN A 29 8.63 -5.71 -1.27
N LEU A 30 8.13 -4.50 -1.48
CA LEU A 30 7.42 -3.76 -0.44
C LEU A 30 6.36 -4.62 0.22
N CYS A 31 5.39 -5.08 -0.58
CA CYS A 31 4.31 -5.92 -0.07
C CYS A 31 4.83 -6.89 0.98
N ILE A 32 6.06 -7.38 0.78
CA ILE A 32 6.67 -8.32 1.70
C ILE A 32 7.18 -7.61 2.96
N GLN A 33 7.99 -6.59 2.76
CA GLN A 33 8.54 -5.82 3.87
C GLN A 33 7.44 -5.39 4.83
N LEU A 34 6.46 -4.67 4.31
CA LEU A 34 5.34 -4.20 5.13
C LEU A 34 4.34 -5.31 5.38
N LYS A 35 4.57 -6.46 4.76
CA LYS A 35 3.69 -7.61 4.91
C LYS A 35 2.23 -7.23 4.63
N ILE A 36 2.00 -6.57 3.50
CA ILE A 36 0.66 -6.15 3.12
C ILE A 36 0.16 -6.94 1.91
N LEU A 37 -1.14 -7.25 1.91
CA LEU A 37 -1.75 -7.98 0.81
C LEU A 37 -1.92 -7.10 -0.41
N PRO A 38 -1.90 -7.71 -1.60
CA PRO A 38 -2.06 -7.00 -2.87
C PRO A 38 -3.48 -6.47 -3.06
N LYS A 39 -4.45 -7.16 -2.48
CA LYS A 39 -5.85 -6.76 -2.59
C LYS A 39 -6.06 -5.37 -2.00
N PRO A 40 -5.71 -5.22 -0.71
CA PRO A 40 -5.85 -3.94 0.00
C PRO A 40 -4.86 -2.88 -0.50
N TYR A 41 -3.62 -3.31 -0.70
CA TYR A 41 -2.58 -2.40 -1.17
C TYR A 41 -3.00 -1.70 -2.47
N LEU A 42 -3.58 -2.48 -3.38
CA LEU A 42 -4.03 -1.94 -4.67
C LEU A 42 -5.16 -0.94 -4.46
N VAL A 43 -6.06 -1.24 -3.53
CA VAL A 43 -7.18 -0.37 -3.23
C VAL A 43 -6.71 1.02 -2.81
N LEU A 44 -5.86 1.06 -1.78
CA LEU A 44 -5.34 2.32 -1.29
C LEU A 44 -4.42 2.97 -2.30
N LYS A 45 -3.81 2.15 -3.16
CA LYS A 45 -2.91 2.65 -4.19
C LYS A 45 -3.65 3.51 -5.20
N GLU A 46 -4.77 2.99 -5.71
CA GLU A 46 -5.57 3.73 -6.69
C GLU A 46 -6.07 5.04 -6.10
N VAL A 47 -6.48 5.01 -4.84
CA VAL A 47 -6.97 6.20 -4.15
C VAL A 47 -5.96 7.33 -4.22
N MET A 48 -4.74 7.07 -3.75
CA MET A 48 -3.69 8.06 -3.76
C MET A 48 -3.54 8.69 -5.14
N PHE A 49 -3.75 7.88 -6.18
CA PHE A 49 -3.64 8.36 -7.55
C PHE A 49 -4.84 9.23 -7.92
N ARG A 50 -6.02 8.83 -7.47
CA ARG A 50 -7.24 9.58 -7.75
C ARG A 50 -7.25 10.91 -7.02
N GLU A 51 -6.51 10.99 -5.93
CA GLU A 51 -6.42 12.21 -5.14
C GLU A 51 -5.22 13.05 -5.56
N LEU A 52 -4.18 12.38 -6.07
CA LEU A 52 -2.98 13.06 -6.50
C LEU A 52 -3.20 13.77 -7.84
N LEU A 53 -4.20 13.32 -8.59
CA LEU A 53 -4.52 13.91 -9.87
C LEU A 53 -5.44 15.12 -9.71
N LYS A 54 -6.40 15.00 -8.79
CA LYS A 54 -7.33 16.09 -8.53
C LYS A 54 -6.63 17.27 -7.87
N THR A 55 -5.67 16.98 -7.01
CA THR A 55 -4.92 18.01 -6.31
C THR A 55 -3.76 18.51 -7.15
N GLY A 56 -3.24 17.65 -8.02
CA GLY A 56 -2.14 18.02 -8.88
C GLY A 56 -0.79 17.84 -8.20
N GLY A 57 -0.74 16.95 -7.22
CA GLY A 57 0.50 16.71 -6.50
C GLY A 57 0.63 17.60 -5.27
N ASN A 58 -0.23 17.39 -4.29
CA ASN A 58 -0.19 18.18 -3.06
C ASN A 58 -0.25 17.28 -1.84
N LEU A 59 -0.20 15.98 -2.07
CA LEU A 59 -0.25 15.00 -0.97
C LEU A 59 1.04 15.03 -0.16
N SER A 60 0.98 14.54 1.07
CA SER A 60 2.15 14.51 1.95
C SER A 60 1.89 13.62 3.15
N LYS A 61 2.96 13.19 3.80
CA LYS A 61 2.87 12.33 4.99
C LYS A 61 1.69 12.75 5.86
N SER A 62 1.46 14.06 5.96
CA SER A 62 0.37 14.59 6.77
C SER A 62 -0.98 14.11 6.23
N ALA A 63 -1.33 14.55 5.03
CA ALA A 63 -2.58 14.17 4.41
C ALA A 63 -2.67 12.67 4.21
N CYS A 64 -1.68 12.11 3.53
CA CYS A 64 -1.63 10.68 3.27
C CYS A 64 -2.00 9.89 4.53
N ARG A 65 -1.18 10.01 5.55
CA ARG A 65 -1.42 9.31 6.81
C ARG A 65 -2.91 9.28 7.15
N GLU A 66 -3.62 10.33 6.77
CA GLU A 66 -5.05 10.42 7.02
C GLU A 66 -5.84 9.69 5.96
N LEU A 67 -5.58 10.03 4.70
CA LEU A 67 -6.28 9.40 3.57
C LEU A 67 -6.32 7.88 3.74
N LEU A 68 -5.20 7.31 4.18
CA LEU A 68 -5.12 5.87 4.38
C LEU A 68 -5.43 5.51 5.83
N ASN A 69 -6.22 4.44 6.01
CA ASN A 69 -6.59 3.99 7.35
C ASN A 69 -5.62 2.92 7.86
N ILE A 70 -4.33 3.21 7.74
CA ILE A 70 -3.30 2.28 8.19
C ILE A 70 -2.42 2.91 9.26
N ASP A 71 -1.43 2.16 9.72
CA ASP A 71 -0.51 2.64 10.74
C ASP A 71 0.33 3.82 10.20
N PRO A 72 0.78 4.68 11.13
CA PRO A 72 1.59 5.84 10.77
C PRO A 72 2.99 5.47 10.29
N ILE A 73 3.49 4.34 10.78
CA ILE A 73 4.81 3.87 10.40
C ILE A 73 4.79 3.21 9.02
N LYS A 74 3.74 2.45 8.76
CA LYS A 74 3.59 1.76 7.48
C LYS A 74 3.53 2.76 6.34
N ALA A 75 2.62 3.72 6.45
CA ALA A 75 2.46 4.75 5.42
C ALA A 75 3.79 5.44 5.13
N ASN A 76 4.46 5.90 6.18
CA ASN A 76 5.74 6.59 6.04
C ASN A 76 6.66 5.82 5.08
N ARG A 77 6.47 4.51 5.02
CA ARG A 77 7.28 3.67 4.15
C ARG A 77 6.71 3.64 2.74
N ILE A 78 5.41 3.36 2.63
CA ILE A 78 4.74 3.30 1.34
C ILE A 78 4.98 4.57 0.54
N TYR A 79 4.66 5.71 1.14
CA TYR A 79 4.84 6.99 0.48
C TYR A 79 6.13 7.02 -0.33
N ASP A 80 7.25 6.75 0.34
CA ASP A 80 8.54 6.74 -0.32
C ASP A 80 8.49 5.97 -1.62
N PHE A 81 7.94 4.76 -1.56
CA PHE A 81 7.83 3.90 -2.74
C PHE A 81 7.32 4.70 -3.94
N PHE A 82 6.09 5.20 -3.84
CA PHE A 82 5.50 5.98 -4.91
C PHE A 82 6.54 6.88 -5.58
N GLN A 83 7.14 7.77 -4.79
CA GLN A 83 8.16 8.68 -5.30
C GLN A 83 9.29 7.92 -5.99
N SER A 84 9.67 6.78 -5.40
CA SER A 84 10.74 5.96 -5.95
C SER A 84 10.54 5.76 -7.45
N GLN A 85 9.36 5.30 -7.84
CA GLN A 85 9.04 5.06 -9.23
C GLN A 85 8.47 6.31 -9.90
N ASN A 86 8.85 7.48 -9.36
CA ASN A 86 8.37 8.75 -9.90
C ASN A 86 6.92 8.63 -10.35
N TRP A 87 6.11 7.94 -9.57
CA TRP A 87 4.70 7.77 -9.88
C TRP A 87 3.88 8.98 -9.46
N MET A 88 4.22 9.54 -8.30
CA MET A 88 3.52 10.71 -7.78
C MET A 88 4.35 11.97 -7.98
N GLY A 1 -21.56 -6.31 7.84
CA GLY A 1 -20.88 -5.81 9.02
C GLY A 1 -19.70 -6.67 9.41
N SER A 2 -18.52 -6.31 8.90
CA SER A 2 -17.30 -7.07 9.21
C SER A 2 -16.22 -6.15 9.76
N SER A 3 -15.95 -6.28 11.06
CA SER A 3 -14.95 -5.45 11.71
C SER A 3 -13.57 -6.10 11.61
N GLY A 4 -12.90 -5.89 10.47
CA GLY A 4 -11.59 -6.46 10.26
C GLY A 4 -11.58 -7.97 10.35
N SER A 5 -10.53 -8.52 10.93
CA SER A 5 -10.41 -9.97 11.07
C SER A 5 -9.53 -10.34 12.26
N SER A 6 -9.39 -11.63 12.51
CA SER A 6 -8.57 -12.11 13.63
C SER A 6 -8.19 -13.57 13.43
N GLY A 7 -6.91 -13.82 13.18
CA GLY A 7 -6.44 -15.17 12.97
C GLY A 7 -4.92 -15.24 12.89
N ASN A 8 -4.41 -15.64 11.73
CA ASN A 8 -2.97 -15.77 11.52
C ASN A 8 -2.57 -15.25 10.14
N MET A 9 -1.59 -14.37 10.11
CA MET A 9 -1.11 -13.79 8.85
C MET A 9 0.31 -14.26 8.55
N THR A 10 0.49 -14.86 7.38
CA THR A 10 1.81 -15.35 6.98
C THR A 10 2.23 -14.74 5.64
N ILE A 11 3.48 -14.32 5.56
CA ILE A 11 4.01 -13.73 4.33
C ILE A 11 3.63 -14.55 3.11
N SER A 12 3.76 -15.86 3.22
CA SER A 12 3.42 -16.75 2.11
C SER A 12 2.11 -16.33 1.45
N ASP A 13 1.11 -16.02 2.28
CA ASP A 13 -0.19 -15.59 1.77
C ASP A 13 -0.03 -14.52 0.69
N ILE A 14 0.60 -13.41 1.07
CA ILE A 14 0.81 -12.30 0.14
C ILE A 14 1.24 -12.82 -1.23
N GLN A 15 2.17 -13.78 -1.23
CA GLN A 15 2.67 -14.35 -2.47
C GLN A 15 1.61 -15.23 -3.12
N HIS A 16 0.83 -15.93 -2.30
CA HIS A 16 -0.22 -16.82 -2.80
C HIS A 16 -1.53 -16.06 -2.98
N ALA A 17 -1.43 -14.78 -3.35
CA ALA A 17 -2.61 -13.95 -3.54
C ALA A 17 -3.02 -13.92 -5.02
N PRO A 18 -4.33 -13.80 -5.26
CA PRO A 18 -4.88 -13.76 -6.61
C PRO A 18 -4.52 -12.48 -7.35
N ASP A 19 -4.04 -11.48 -6.60
CA ASP A 19 -3.66 -10.20 -7.19
C ASP A 19 -2.26 -9.79 -6.73
N TYR A 20 -1.39 -10.78 -6.58
CA TYR A 20 -0.03 -10.52 -6.15
C TYR A 20 0.93 -10.42 -7.34
N ALA A 21 0.60 -11.16 -8.40
CA ALA A 21 1.42 -11.16 -9.61
C ALA A 21 1.57 -9.75 -10.16
N LEU A 22 0.45 -9.09 -10.44
CA LEU A 22 0.46 -7.74 -10.98
C LEU A 22 1.63 -6.94 -10.42
N LEU A 23 1.87 -7.09 -9.12
CA LEU A 23 2.96 -6.39 -8.45
C LEU A 23 4.30 -6.66 -9.15
N SER A 24 4.96 -5.60 -9.58
CA SER A 24 6.23 -5.73 -10.27
C SER A 24 7.33 -6.17 -9.30
N ASN A 25 8.53 -6.41 -9.84
CA ASN A 25 9.65 -6.84 -9.01
C ASN A 25 9.78 -5.97 -7.77
N ASP A 26 9.63 -4.66 -7.95
CA ASP A 26 9.73 -3.72 -6.84
C ASP A 26 8.52 -3.83 -5.93
N GLU A 27 7.35 -3.48 -6.46
CA GLU A 27 6.12 -3.53 -5.70
C GLU A 27 6.08 -4.77 -4.79
N GLN A 28 6.50 -5.90 -5.34
CA GLN A 28 6.53 -7.15 -4.58
C GLN A 28 7.31 -6.99 -3.29
N GLN A 29 8.53 -6.45 -3.40
CA GLN A 29 9.39 -6.25 -2.24
C GLN A 29 8.61 -5.59 -1.10
N LEU A 30 8.16 -4.37 -1.34
CA LEU A 30 7.41 -3.62 -0.34
C LEU A 30 6.41 -4.53 0.38
N CYS A 31 5.44 -5.03 -0.36
CA CYS A 31 4.42 -5.92 0.19
C CYS A 31 5.03 -6.85 1.23
N ILE A 32 6.02 -7.63 0.81
CA ILE A 32 6.69 -8.57 1.71
C ILE A 32 7.27 -7.85 2.91
N GLN A 33 7.91 -6.71 2.67
CA GLN A 33 8.52 -5.93 3.74
C GLN A 33 7.48 -5.51 4.77
N LEU A 34 6.47 -4.77 4.32
CA LEU A 34 5.41 -4.31 5.20
C LEU A 34 4.38 -5.41 5.44
N LYS A 35 4.67 -6.60 4.94
CA LYS A 35 3.78 -7.75 5.11
C LYS A 35 2.35 -7.35 4.76
N ILE A 36 2.19 -6.52 3.74
CA ILE A 36 0.87 -6.08 3.31
C ILE A 36 0.36 -6.91 2.14
N LEU A 37 -0.95 -7.06 2.06
CA LEU A 37 -1.57 -7.84 0.97
C LEU A 37 -1.85 -6.96 -0.23
N PRO A 38 -1.91 -7.58 -1.42
CA PRO A 38 -2.18 -6.88 -2.68
C PRO A 38 -3.61 -6.36 -2.75
N LYS A 39 -4.56 -7.19 -2.35
CA LYS A 39 -5.97 -6.83 -2.37
C LYS A 39 -6.18 -5.42 -1.79
N PRO A 40 -5.78 -5.25 -0.52
CA PRO A 40 -5.92 -3.97 0.19
C PRO A 40 -4.96 -2.91 -0.36
N TYR A 41 -3.70 -3.31 -0.54
CA TYR A 41 -2.68 -2.38 -1.04
C TYR A 41 -3.16 -1.70 -2.31
N LEU A 42 -3.96 -2.40 -3.10
CA LEU A 42 -4.50 -1.86 -4.34
C LEU A 42 -5.55 -0.79 -4.06
N VAL A 43 -6.44 -1.08 -3.11
CA VAL A 43 -7.50 -0.14 -2.75
C VAL A 43 -6.93 1.22 -2.37
N LEU A 44 -5.97 1.22 -1.45
CA LEU A 44 -5.34 2.44 -1.00
C LEU A 44 -4.45 3.03 -2.09
N LYS A 45 -3.73 2.16 -2.79
CA LYS A 45 -2.84 2.58 -3.86
C LYS A 45 -3.61 3.38 -4.92
N GLU A 46 -4.74 2.86 -5.35
CA GLU A 46 -5.56 3.53 -6.35
C GLU A 46 -6.01 4.91 -5.86
N VAL A 47 -6.43 4.97 -4.61
CA VAL A 47 -6.90 6.22 -4.01
C VAL A 47 -5.86 7.32 -4.20
N MET A 48 -4.64 7.06 -3.73
CA MET A 48 -3.55 8.03 -3.84
C MET A 48 -3.53 8.68 -5.22
N PHE A 49 -3.48 7.83 -6.25
CA PHE A 49 -3.46 8.32 -7.63
C PHE A 49 -4.69 9.15 -7.93
N ARG A 50 -5.84 8.70 -7.43
CA ARG A 50 -7.09 9.41 -7.65
C ARG A 50 -7.07 10.79 -6.99
N GLU A 51 -6.43 10.87 -5.84
CA GLU A 51 -6.33 12.14 -5.11
C GLU A 51 -5.27 13.04 -5.73
N LEU A 52 -4.21 12.42 -6.25
CA LEU A 52 -3.12 13.18 -6.87
C LEU A 52 -3.63 13.97 -8.06
N LEU A 53 -4.40 13.32 -8.91
CA LEU A 53 -4.95 13.97 -10.10
C LEU A 53 -6.08 14.93 -9.72
N LYS A 54 -6.90 14.52 -8.75
CA LYS A 54 -8.01 15.34 -8.30
C LYS A 54 -7.52 16.70 -7.79
N THR A 55 -6.57 16.66 -6.85
CA THR A 55 -6.02 17.88 -6.28
C THR A 55 -4.98 18.50 -7.20
N GLY A 56 -4.34 17.65 -8.01
CA GLY A 56 -3.33 18.14 -8.93
C GLY A 56 -1.94 17.63 -8.61
N GLY A 57 -1.66 17.45 -7.31
CA GLY A 57 -0.36 16.96 -6.89
C GLY A 57 0.17 17.70 -5.67
N ASN A 58 -0.62 17.74 -4.62
CA ASN A 58 -0.23 18.42 -3.39
C ASN A 58 -0.33 17.48 -2.19
N LEU A 59 0.16 16.26 -2.36
CA LEU A 59 0.13 15.26 -1.28
C LEU A 59 1.33 15.42 -0.36
N SER A 60 1.15 15.06 0.90
CA SER A 60 2.22 15.15 1.89
C SER A 60 2.03 14.14 3.00
N LYS A 61 3.14 13.58 3.48
CA LYS A 61 3.11 12.59 4.54
C LYS A 61 1.97 12.88 5.52
N SER A 62 1.78 14.16 5.83
CA SER A 62 0.73 14.57 6.75
C SER A 62 -0.64 14.11 6.26
N ALA A 63 -1.04 14.61 5.10
CA ALA A 63 -2.33 14.25 4.52
C ALA A 63 -2.38 12.77 4.17
N CYS A 64 -1.38 12.30 3.43
CA CYS A 64 -1.31 10.90 3.02
C CYS A 64 -1.81 9.99 4.13
N ARG A 65 -1.30 10.19 5.34
CA ARG A 65 -1.70 9.39 6.49
C ARG A 65 -3.21 9.40 6.66
N GLU A 66 -3.80 10.59 6.55
CA GLU A 66 -5.25 10.74 6.71
C GLU A 66 -5.99 9.95 5.63
N LEU A 67 -5.64 10.21 4.38
CA LEU A 67 -6.28 9.52 3.25
C LEU A 67 -6.22 8.01 3.43
N LEU A 68 -5.00 7.48 3.58
CA LEU A 68 -4.81 6.04 3.78
C LEU A 68 -5.42 5.58 5.09
N ASN A 69 -5.42 6.46 6.08
CA ASN A 69 -5.98 6.13 7.40
C ASN A 69 -5.38 4.85 7.94
N ILE A 70 -4.07 4.69 7.74
CA ILE A 70 -3.37 3.50 8.22
C ILE A 70 -2.24 3.88 9.17
N ASP A 71 -1.59 2.86 9.75
CA ASP A 71 -0.49 3.08 10.67
C ASP A 71 0.43 4.19 10.17
N PRO A 72 1.01 4.96 11.11
CA PRO A 72 1.91 6.06 10.79
C PRO A 72 3.24 5.57 10.23
N ILE A 73 3.65 4.39 10.66
CA ILE A 73 4.92 3.81 10.21
C ILE A 73 4.77 3.20 8.82
N LYS A 74 3.60 2.61 8.56
CA LYS A 74 3.34 1.99 7.26
C LYS A 74 3.32 3.04 6.15
N ALA A 75 2.46 4.03 6.29
CA ALA A 75 2.35 5.10 5.31
C ALA A 75 3.68 5.83 5.14
N ASN A 76 4.37 6.05 6.25
CA ASN A 76 5.65 6.74 6.23
C ASN A 76 6.65 6.01 5.33
N ARG A 77 6.45 4.72 5.16
CA ARG A 77 7.32 3.91 4.33
C ARG A 77 6.78 3.80 2.91
N ILE A 78 5.51 3.42 2.78
CA ILE A 78 4.88 3.30 1.48
C ILE A 78 5.07 4.56 0.64
N TYR A 79 4.83 5.70 1.26
CA TYR A 79 4.98 6.99 0.57
C TYR A 79 6.29 7.03 -0.21
N ASP A 80 7.40 6.85 0.49
CA ASP A 80 8.71 6.87 -0.14
C ASP A 80 8.73 5.99 -1.39
N PHE A 81 8.33 4.74 -1.22
CA PHE A 81 8.30 3.79 -2.34
C PHE A 81 7.77 4.46 -3.60
N PHE A 82 6.49 4.83 -3.58
CA PHE A 82 5.86 5.47 -4.73
C PHE A 82 6.83 6.44 -5.41
N GLN A 83 7.43 7.32 -4.62
CA GLN A 83 8.38 8.29 -5.16
C GLN A 83 9.51 7.60 -5.90
N SER A 84 10.02 6.51 -5.32
CA SER A 84 11.11 5.77 -5.91
C SER A 84 10.86 5.56 -7.41
N GLN A 85 9.65 5.17 -7.76
CA GLN A 85 9.28 4.94 -9.15
C GLN A 85 8.88 6.24 -9.84
N ASN A 86 9.45 7.34 -9.37
CA ASN A 86 9.15 8.65 -9.94
C ASN A 86 7.68 8.74 -10.36
N TRP A 87 6.81 8.11 -9.58
CA TRP A 87 5.38 8.12 -9.87
C TRP A 87 4.74 9.42 -9.42
N MET A 88 5.22 9.96 -8.31
CA MET A 88 4.70 11.21 -7.77
C MET A 88 5.52 12.40 -8.26
N GLY A 1 -21.80 -11.89 18.11
CA GLY A 1 -20.55 -11.39 18.65
C GLY A 1 -19.35 -12.13 18.10
N SER A 2 -18.81 -11.62 16.99
CA SER A 2 -17.65 -12.25 16.35
C SER A 2 -16.65 -12.72 17.39
N SER A 3 -16.58 -14.04 17.57
CA SER A 3 -15.66 -14.64 18.53
C SER A 3 -14.32 -14.96 17.88
N GLY A 4 -13.26 -14.94 18.69
CA GLY A 4 -11.94 -15.24 18.17
C GLY A 4 -11.51 -14.28 17.08
N SER A 5 -10.20 -14.03 16.99
CA SER A 5 -9.66 -13.11 16.00
C SER A 5 -8.78 -13.86 15.01
N SER A 6 -9.40 -14.39 13.96
CA SER A 6 -8.68 -15.13 12.93
C SER A 6 -7.48 -14.33 12.42
N GLY A 7 -6.33 -15.01 12.32
CA GLY A 7 -5.13 -14.34 11.86
C GLY A 7 -4.54 -15.01 10.63
N ASN A 8 -3.55 -15.87 10.84
CA ASN A 8 -2.90 -16.58 9.73
C ASN A 8 -2.41 -15.59 8.67
N MET A 9 -1.84 -14.48 9.13
CA MET A 9 -1.32 -13.46 8.23
C MET A 9 0.20 -13.46 8.22
N THR A 10 0.79 -13.90 7.10
CA THR A 10 2.23 -13.95 6.96
C THR A 10 2.65 -13.79 5.50
N ILE A 11 3.96 -13.69 5.27
CA ILE A 11 4.48 -13.53 3.93
C ILE A 11 4.03 -14.66 3.02
N SER A 12 4.22 -15.89 3.48
CA SER A 12 3.83 -17.07 2.71
C SER A 12 2.45 -16.87 2.08
N ASP A 13 1.60 -16.11 2.76
CA ASP A 13 0.26 -15.83 2.27
C ASP A 13 0.29 -14.86 1.09
N ILE A 14 0.79 -13.66 1.33
CA ILE A 14 0.88 -12.65 0.30
C ILE A 14 1.33 -13.26 -1.03
N GLN A 15 2.50 -13.89 -1.01
CA GLN A 15 3.05 -14.52 -2.21
C GLN A 15 2.09 -15.57 -2.75
N HIS A 16 1.64 -16.48 -1.87
CA HIS A 16 0.73 -17.54 -2.28
C HIS A 16 -0.43 -16.98 -3.10
N ALA A 17 -1.01 -15.88 -2.63
CA ALA A 17 -2.12 -15.25 -3.33
C ALA A 17 -1.88 -15.22 -4.83
N PRO A 18 -2.96 -15.42 -5.61
CA PRO A 18 -2.88 -15.42 -7.07
C PRO A 18 -2.61 -14.03 -7.64
N ASP A 19 -3.39 -13.06 -7.21
CA ASP A 19 -3.24 -11.68 -7.68
C ASP A 19 -1.84 -11.17 -7.36
N TYR A 20 -1.30 -11.60 -6.22
CA TYR A 20 0.03 -11.16 -5.80
C TYR A 20 0.98 -11.09 -6.99
N ALA A 21 1.07 -12.18 -7.74
CA ALA A 21 1.94 -12.24 -8.91
C ALA A 21 1.86 -10.94 -9.72
N LEU A 22 0.64 -10.48 -9.96
CA LEU A 22 0.42 -9.25 -10.72
C LEU A 22 1.41 -8.16 -10.28
N LEU A 23 1.54 -7.98 -8.97
CA LEU A 23 2.45 -6.98 -8.42
C LEU A 23 3.76 -6.95 -9.22
N SER A 24 4.31 -5.75 -9.37
CA SER A 24 5.56 -5.58 -10.10
C SER A 24 6.76 -5.91 -9.22
N ASN A 25 7.90 -6.19 -9.85
CA ASN A 25 9.11 -6.54 -9.12
C ASN A 25 9.20 -5.74 -7.82
N ASP A 26 8.88 -4.45 -7.90
CA ASP A 26 8.93 -3.59 -6.73
C ASP A 26 7.78 -3.89 -5.78
N GLU A 27 6.55 -3.65 -6.24
CA GLU A 27 5.37 -3.89 -5.43
C GLU A 27 5.54 -5.15 -4.59
N GLN A 28 6.06 -6.21 -5.21
CA GLN A 28 6.28 -7.47 -4.52
C GLN A 28 7.13 -7.27 -3.27
N GLN A 29 8.24 -6.56 -3.43
CA GLN A 29 9.15 -6.30 -2.32
C GLN A 29 8.40 -5.67 -1.15
N LEU A 30 7.89 -4.46 -1.37
CA LEU A 30 7.15 -3.74 -0.33
C LEU A 30 6.20 -4.68 0.40
N CYS A 31 5.20 -5.17 -0.32
CA CYS A 31 4.21 -6.09 0.27
C CYS A 31 4.87 -7.03 1.26
N ILE A 32 6.02 -7.58 0.87
CA ILE A 32 6.75 -8.51 1.73
C ILE A 32 7.31 -7.80 2.95
N GLN A 33 7.80 -6.58 2.75
CA GLN A 33 8.37 -5.78 3.83
C GLN A 33 7.29 -5.38 4.84
N LEU A 34 6.24 -4.75 4.33
CA LEU A 34 5.14 -4.30 5.19
C LEU A 34 4.10 -5.41 5.36
N LYS A 35 4.47 -6.62 4.97
CA LYS A 35 3.57 -7.77 5.09
C LYS A 35 2.14 -7.38 4.71
N ILE A 36 2.01 -6.65 3.62
CA ILE A 36 0.70 -6.21 3.16
C ILE A 36 0.25 -7.02 1.94
N LEU A 37 -1.06 -7.27 1.85
CA LEU A 37 -1.62 -8.03 0.74
C LEU A 37 -1.83 -7.13 -0.48
N PRO A 38 -1.79 -7.74 -1.67
CA PRO A 38 -1.99 -7.03 -2.93
C PRO A 38 -3.42 -6.54 -3.11
N LYS A 39 -4.38 -7.35 -2.65
CA LYS A 39 -5.79 -6.99 -2.76
C LYS A 39 -6.07 -5.65 -2.11
N PRO A 40 -5.75 -5.54 -0.81
CA PRO A 40 -5.96 -4.31 -0.03
C PRO A 40 -5.01 -3.20 -0.46
N TYR A 41 -3.74 -3.55 -0.67
CA TYR A 41 -2.73 -2.58 -1.06
C TYR A 41 -3.17 -1.84 -2.33
N LEU A 42 -3.66 -2.59 -3.30
CA LEU A 42 -4.11 -2.00 -4.56
C LEU A 42 -5.20 -0.96 -4.32
N VAL A 43 -6.10 -1.25 -3.40
CA VAL A 43 -7.18 -0.33 -3.07
C VAL A 43 -6.65 1.04 -2.69
N LEU A 44 -5.77 1.06 -1.69
CA LEU A 44 -5.17 2.32 -1.23
C LEU A 44 -4.25 2.91 -2.29
N LYS A 45 -3.77 2.06 -3.19
CA LYS A 45 -2.89 2.50 -4.26
C LYS A 45 -3.63 3.39 -5.24
N GLU A 46 -4.81 2.95 -5.67
CA GLU A 46 -5.62 3.70 -6.62
C GLU A 46 -6.06 5.03 -6.00
N VAL A 47 -6.53 4.98 -4.76
CA VAL A 47 -6.98 6.18 -4.07
C VAL A 47 -5.95 7.29 -4.15
N MET A 48 -4.71 6.96 -3.81
CA MET A 48 -3.62 7.93 -3.84
C MET A 48 -3.50 8.56 -5.23
N PHE A 49 -3.70 7.75 -6.26
CA PHE A 49 -3.61 8.24 -7.64
C PHE A 49 -4.80 9.14 -7.98
N ARG A 50 -5.98 8.71 -7.57
CA ARG A 50 -7.20 9.48 -7.82
C ARG A 50 -7.11 10.87 -7.19
N GLU A 51 -6.42 10.95 -6.06
CA GLU A 51 -6.27 12.22 -5.36
C GLU A 51 -5.09 13.00 -5.92
N LEU A 52 -3.99 12.30 -6.21
CA LEU A 52 -2.80 12.94 -6.75
C LEU A 52 -3.13 13.74 -8.01
N LEU A 53 -4.08 13.24 -8.79
CA LEU A 53 -4.49 13.90 -10.02
C LEU A 53 -5.44 15.05 -9.72
N LYS A 54 -6.37 14.83 -8.80
CA LYS A 54 -7.34 15.85 -8.42
C LYS A 54 -6.64 17.07 -7.82
N THR A 55 -5.63 16.82 -6.99
CA THR A 55 -4.88 17.89 -6.35
C THR A 55 -3.84 18.47 -7.29
N GLY A 56 -3.40 17.65 -8.25
CA GLY A 56 -2.40 18.10 -9.20
C GLY A 56 -1.02 17.52 -8.92
N GLY A 57 -0.80 17.12 -7.68
CA GLY A 57 0.48 16.55 -7.30
C GLY A 57 1.03 17.15 -6.01
N ASN A 58 0.12 17.55 -5.12
CA ASN A 58 0.52 18.14 -3.85
C ASN A 58 0.14 17.23 -2.68
N LEU A 59 0.72 16.03 -2.66
CA LEU A 59 0.44 15.06 -1.60
C LEU A 59 1.64 14.90 -0.68
N SER A 60 1.42 15.10 0.61
CA SER A 60 2.49 14.97 1.60
C SER A 60 2.25 13.78 2.52
N LYS A 61 3.18 13.54 3.42
CA LYS A 61 3.07 12.44 4.37
C LYS A 61 1.97 12.70 5.38
N SER A 62 2.01 13.87 6.01
CA SER A 62 1.01 14.24 7.00
C SER A 62 -0.39 13.93 6.51
N ALA A 63 -0.80 14.60 5.44
CA ALA A 63 -2.12 14.39 4.86
C ALA A 63 -2.33 12.92 4.48
N CYS A 64 -1.45 12.41 3.64
CA CYS A 64 -1.54 11.01 3.19
C CYS A 64 -1.96 10.11 4.35
N ARG A 65 -1.24 10.18 5.45
CA ARG A 65 -1.54 9.37 6.62
C ARG A 65 -3.05 9.33 6.88
N GLU A 66 -3.68 10.49 6.85
CA GLU A 66 -5.11 10.60 7.09
C GLU A 66 -5.90 9.95 5.95
N LEU A 67 -5.48 10.24 4.72
CA LEU A 67 -6.14 9.69 3.54
C LEU A 67 -6.22 8.17 3.61
N LEU A 68 -5.10 7.54 3.98
CA LEU A 68 -5.04 6.09 4.09
C LEU A 68 -5.45 5.63 5.49
N ASN A 69 -6.22 4.56 5.55
CA ASN A 69 -6.68 4.02 6.83
C ASN A 69 -5.67 3.04 7.41
N ILE A 70 -4.41 3.48 7.49
CA ILE A 70 -3.34 2.64 8.03
C ILE A 70 -2.54 3.39 9.09
N ASP A 71 -1.57 2.70 9.68
CA ASP A 71 -0.73 3.30 10.71
C ASP A 71 0.26 4.29 10.10
N PRO A 72 0.79 5.20 10.94
CA PRO A 72 1.75 6.21 10.51
C PRO A 72 3.10 5.62 10.14
N ILE A 73 3.42 4.48 10.74
CA ILE A 73 4.69 3.81 10.47
C ILE A 73 4.72 3.26 9.04
N LYS A 74 3.60 2.69 8.61
CA LYS A 74 3.50 2.13 7.28
C LYS A 74 3.48 3.22 6.22
N ALA A 75 2.58 4.18 6.38
CA ALA A 75 2.46 5.29 5.43
C ALA A 75 3.81 5.97 5.23
N ASN A 76 4.60 6.04 6.29
CA ASN A 76 5.91 6.68 6.23
C ASN A 76 6.81 5.97 5.21
N ARG A 77 6.67 4.65 5.11
CA ARG A 77 7.46 3.87 4.17
C ARG A 77 6.80 3.83 2.80
N ILE A 78 5.51 3.48 2.78
CA ILE A 78 4.76 3.40 1.53
C ILE A 78 4.84 4.71 0.76
N TYR A 79 4.88 5.83 1.50
CA TYR A 79 4.95 7.14 0.88
C TYR A 79 6.22 7.28 0.05
N ASP A 80 7.23 6.48 0.38
CA ASP A 80 8.49 6.52 -0.34
C ASP A 80 8.46 5.59 -1.56
N PHE A 81 7.43 4.75 -1.62
CA PHE A 81 7.27 3.82 -2.73
C PHE A 81 6.84 4.54 -4.00
N PHE A 82 5.87 5.45 -3.85
CA PHE A 82 5.36 6.20 -4.98
C PHE A 82 6.40 7.19 -5.50
N GLN A 83 6.91 8.03 -4.60
CA GLN A 83 7.92 9.02 -4.97
C GLN A 83 9.05 8.38 -5.77
N SER A 84 9.56 7.26 -5.27
CA SER A 84 10.64 6.54 -5.93
C SER A 84 10.29 6.25 -7.39
N GLN A 85 9.04 5.85 -7.61
CA GLN A 85 8.58 5.53 -8.96
C GLN A 85 8.15 6.80 -9.69
N ASN A 86 8.62 7.95 -9.20
CA ASN A 86 8.28 9.23 -9.81
C ASN A 86 6.81 9.28 -10.20
N TRP A 87 5.98 8.56 -9.44
CA TRP A 87 4.54 8.52 -9.71
C TRP A 87 3.87 9.78 -9.19
N MET A 88 4.34 10.28 -8.06
CA MET A 88 3.78 11.48 -7.44
C MET A 88 4.64 12.70 -7.76
N GLY A 1 -19.32 -12.79 3.68
CA GLY A 1 -17.92 -13.16 3.67
C GLY A 1 -17.05 -12.05 3.10
N SER A 2 -16.03 -11.66 3.87
CA SER A 2 -15.12 -10.59 3.46
C SER A 2 -13.69 -10.92 3.86
N SER A 3 -12.86 -11.25 2.88
CA SER A 3 -11.46 -11.59 3.13
C SER A 3 -10.71 -10.40 3.71
N GLY A 4 -9.65 -10.68 4.46
CA GLY A 4 -8.86 -9.62 5.06
C GLY A 4 -8.54 -9.90 6.52
N SER A 5 -7.28 -9.75 6.89
CA SER A 5 -6.85 -9.99 8.25
C SER A 5 -5.86 -8.91 8.72
N SER A 6 -6.33 -8.02 9.58
CA SER A 6 -5.50 -6.94 10.09
C SER A 6 -4.91 -7.31 11.45
N GLY A 7 -3.80 -8.06 11.43
CA GLY A 7 -3.15 -8.45 12.65
C GLY A 7 -1.79 -9.08 12.42
N ASN A 8 -1.75 -10.40 12.33
CA ASN A 8 -0.51 -11.12 12.11
C ASN A 8 -0.46 -11.72 10.70
N MET A 9 0.24 -11.05 9.80
CA MET A 9 0.35 -11.51 8.42
C MET A 9 1.77 -12.00 8.13
N THR A 10 1.90 -12.89 7.15
CA THR A 10 3.21 -13.43 6.77
C THR A 10 3.43 -13.32 5.27
N ILE A 11 4.67 -13.53 4.85
CA ILE A 11 5.02 -13.45 3.43
C ILE A 11 4.32 -14.55 2.65
N SER A 12 4.47 -15.79 3.09
CA SER A 12 3.85 -16.93 2.43
C SER A 12 2.37 -16.68 2.17
N ASP A 13 1.74 -15.97 3.11
CA ASP A 13 0.32 -15.65 2.99
C ASP A 13 0.05 -14.78 1.76
N ILE A 14 0.91 -13.79 1.53
CA ILE A 14 0.76 -12.89 0.40
C ILE A 14 1.19 -13.58 -0.89
N GLN A 15 2.45 -14.00 -0.94
CA GLN A 15 2.98 -14.68 -2.12
C GLN A 15 2.05 -15.80 -2.58
N HIS A 16 1.19 -16.24 -1.68
CA HIS A 16 0.24 -17.32 -1.99
C HIS A 16 -1.15 -16.75 -2.23
N ALA A 17 -1.23 -15.74 -3.08
CA ALA A 17 -2.51 -15.10 -3.40
C ALA A 17 -2.68 -14.93 -4.90
N PRO A 18 -3.92 -15.13 -5.38
CA PRO A 18 -4.25 -15.01 -6.81
C PRO A 18 -4.18 -13.56 -7.29
N ASP A 19 -4.16 -12.63 -6.35
CA ASP A 19 -4.10 -11.21 -6.68
C ASP A 19 -2.74 -10.63 -6.32
N TYR A 20 -1.77 -11.50 -6.09
CA TYR A 20 -0.42 -11.07 -5.72
C TYR A 20 0.50 -11.09 -6.93
N ALA A 21 0.23 -12.00 -7.86
CA ALA A 21 1.04 -12.12 -9.06
C ALA A 21 0.98 -10.84 -9.89
N LEU A 22 -0.13 -10.12 -9.79
CA LEU A 22 -0.32 -8.88 -10.52
C LEU A 22 0.81 -7.89 -10.23
N LEU A 23 1.03 -7.63 -8.95
CA LEU A 23 2.09 -6.70 -8.54
C LEU A 23 3.35 -6.91 -9.36
N SER A 24 4.18 -5.88 -9.43
CA SER A 24 5.42 -5.94 -10.19
C SER A 24 6.58 -6.43 -9.31
N ASN A 25 7.76 -6.53 -9.90
CA ASN A 25 8.94 -6.98 -9.16
C ASN A 25 9.14 -6.15 -7.90
N ASP A 26 9.35 -4.86 -8.09
CA ASP A 26 9.56 -3.95 -6.96
C ASP A 26 8.38 -4.01 -5.99
N GLU A 27 7.19 -3.70 -6.49
CA GLU A 27 5.99 -3.73 -5.66
C GLU A 27 5.99 -4.93 -4.72
N GLN A 28 6.21 -6.12 -5.29
CA GLN A 28 6.24 -7.34 -4.50
C GLN A 28 7.12 -7.17 -3.27
N GLN A 29 8.33 -6.68 -3.48
CA GLN A 29 9.28 -6.47 -2.38
C GLN A 29 8.59 -5.80 -1.19
N LEU A 30 7.96 -4.66 -1.46
CA LEU A 30 7.26 -3.90 -0.41
C LEU A 30 6.29 -4.80 0.34
N CYS A 31 5.26 -5.26 -0.35
CA CYS A 31 4.25 -6.13 0.26
C CYS A 31 4.89 -7.11 1.22
N ILE A 32 5.95 -7.77 0.77
CA ILE A 32 6.66 -8.73 1.61
C ILE A 32 7.25 -8.07 2.85
N GLN A 33 7.90 -6.93 2.64
CA GLN A 33 8.51 -6.19 3.74
C GLN A 33 7.45 -5.70 4.73
N LEU A 34 6.50 -4.93 4.23
CA LEU A 34 5.43 -4.40 5.08
C LEU A 34 4.43 -5.50 5.44
N LYS A 35 4.52 -6.62 4.75
CA LYS A 35 3.63 -7.75 5.01
C LYS A 35 2.18 -7.37 4.73
N ILE A 36 1.96 -6.69 3.61
CA ILE A 36 0.61 -6.27 3.23
C ILE A 36 0.12 -7.04 2.01
N LEU A 37 -1.18 -7.28 1.95
CA LEU A 37 -1.78 -8.01 0.83
C LEU A 37 -1.95 -7.09 -0.38
N PRO A 38 -2.05 -7.69 -1.57
CA PRO A 38 -2.21 -6.95 -2.82
C PRO A 38 -3.58 -6.29 -2.93
N LYS A 39 -4.59 -6.93 -2.35
CA LYS A 39 -5.95 -6.42 -2.38
C LYS A 39 -6.02 -5.04 -1.71
N PRO A 40 -5.65 -4.99 -0.43
CA PRO A 40 -5.65 -3.75 0.35
C PRO A 40 -4.57 -2.77 -0.11
N TYR A 41 -3.44 -3.31 -0.54
CA TYR A 41 -2.32 -2.49 -1.00
C TYR A 41 -2.68 -1.77 -2.30
N LEU A 42 -3.52 -2.40 -3.10
CA LEU A 42 -3.95 -1.82 -4.37
C LEU A 42 -5.08 -0.81 -4.16
N VAL A 43 -6.16 -1.27 -3.55
CA VAL A 43 -7.32 -0.42 -3.29
C VAL A 43 -6.87 0.96 -2.78
N LEU A 44 -5.95 0.95 -1.82
CA LEU A 44 -5.45 2.19 -1.25
C LEU A 44 -4.62 2.97 -2.27
N LYS A 45 -3.96 2.24 -3.16
CA LYS A 45 -3.13 2.85 -4.19
C LYS A 45 -3.99 3.66 -5.17
N GLU A 46 -5.19 3.16 -5.44
CA GLU A 46 -6.11 3.84 -6.35
C GLU A 46 -6.51 5.20 -5.80
N VAL A 47 -6.77 5.27 -4.50
CA VAL A 47 -7.17 6.51 -3.87
C VAL A 47 -6.08 7.58 -4.03
N MET A 48 -4.85 7.22 -3.70
CA MET A 48 -3.73 8.14 -3.82
C MET A 48 -3.69 8.77 -5.21
N PHE A 49 -3.45 7.95 -6.23
CA PHE A 49 -3.39 8.43 -7.60
C PHE A 49 -4.62 9.26 -7.95
N ARG A 50 -5.77 8.85 -7.41
CA ARG A 50 -7.01 9.55 -7.67
C ARG A 50 -7.01 10.93 -7.04
N GLU A 51 -6.23 11.09 -5.97
CA GLU A 51 -6.13 12.37 -5.27
C GLU A 51 -5.01 13.22 -5.86
N LEU A 52 -3.95 12.57 -6.33
CA LEU A 52 -2.82 13.27 -6.91
C LEU A 52 -3.20 13.88 -8.26
N LEU A 53 -4.32 13.43 -8.81
CA LEU A 53 -4.81 13.95 -10.09
C LEU A 53 -5.76 15.11 -9.89
N LYS A 54 -6.64 14.98 -8.90
CA LYS A 54 -7.61 16.03 -8.60
C LYS A 54 -6.93 17.24 -7.96
N THR A 55 -5.81 16.99 -7.29
CA THR A 55 -5.06 18.07 -6.63
C THR A 55 -3.84 18.47 -7.45
N GLY A 56 -3.47 17.61 -8.41
CA GLY A 56 -2.32 17.90 -9.25
C GLY A 56 -1.02 17.37 -8.65
N GLY A 57 -0.89 17.49 -7.34
CA GLY A 57 0.31 17.02 -6.67
C GLY A 57 0.54 17.70 -5.33
N ASN A 58 -0.54 17.91 -4.59
CA ASN A 58 -0.46 18.56 -3.28
C ASN A 58 -0.74 17.57 -2.16
N LEU A 59 -0.06 16.43 -2.20
CA LEU A 59 -0.24 15.40 -1.18
C LEU A 59 0.93 15.39 -0.21
N SER A 60 0.66 15.81 1.03
CA SER A 60 1.69 15.85 2.06
C SER A 60 1.67 14.58 2.89
N LYS A 61 2.72 14.38 3.67
CA LYS A 61 2.84 13.19 4.52
C LYS A 61 1.63 13.08 5.45
N SER A 62 1.30 14.19 6.11
CA SER A 62 0.16 14.22 7.03
C SER A 62 -1.14 13.85 6.32
N ALA A 63 -1.44 14.59 5.26
CA ALA A 63 -2.65 14.35 4.47
C ALA A 63 -2.73 12.89 4.02
N CYS A 64 -1.58 12.33 3.68
CA CYS A 64 -1.52 10.94 3.23
C CYS A 64 -1.90 9.99 4.35
N ARG A 65 -1.17 10.05 5.45
CA ARG A 65 -1.42 9.18 6.60
C ARG A 65 -2.92 9.13 6.90
N GLU A 66 -3.57 10.28 6.82
CA GLU A 66 -5.01 10.36 7.09
C GLU A 66 -5.82 9.80 5.93
N LEU A 67 -5.48 10.24 4.72
CA LEU A 67 -6.17 9.79 3.52
C LEU A 67 -6.18 8.27 3.44
N LEU A 68 -5.17 7.64 4.03
CA LEU A 68 -5.07 6.19 4.03
C LEU A 68 -5.66 5.60 5.30
N ASN A 69 -5.60 6.36 6.39
CA ASN A 69 -6.14 5.90 7.67
C ASN A 69 -5.46 4.63 8.12
N ILE A 70 -4.21 4.45 7.70
CA ILE A 70 -3.44 3.26 8.07
C ILE A 70 -2.37 3.60 9.11
N ASP A 71 -1.56 2.61 9.45
CA ASP A 71 -0.49 2.81 10.43
C ASP A 71 0.40 3.97 10.03
N PRO A 72 0.90 4.71 11.03
CA PRO A 72 1.77 5.86 10.81
C PRO A 72 3.14 5.47 10.29
N ILE A 73 3.56 4.24 10.61
CA ILE A 73 4.85 3.74 10.16
C ILE A 73 4.77 3.15 8.76
N LYS A 74 3.65 2.50 8.47
CA LYS A 74 3.43 1.89 7.16
C LYS A 74 3.25 2.95 6.09
N ALA A 75 2.64 4.08 6.47
CA ALA A 75 2.41 5.17 5.54
C ALA A 75 3.73 5.79 5.08
N ASN A 76 4.56 6.18 6.04
CA ASN A 76 5.85 6.79 5.74
C ASN A 76 6.66 5.91 4.78
N ARG A 77 6.46 4.60 4.88
CA ARG A 77 7.16 3.65 4.04
C ARG A 77 6.55 3.61 2.64
N ILE A 78 5.27 3.28 2.56
CA ILE A 78 4.57 3.20 1.28
C ILE A 78 4.72 4.50 0.51
N TYR A 79 4.55 5.63 1.19
CA TYR A 79 4.68 6.94 0.56
C TYR A 79 6.00 7.05 -0.20
N ASP A 80 7.08 6.60 0.42
CA ASP A 80 8.39 6.66 -0.19
C ASP A 80 8.45 5.78 -1.44
N PHE A 81 7.77 4.64 -1.38
CA PHE A 81 7.74 3.71 -2.51
C PHE A 81 7.15 4.37 -3.75
N PHE A 82 6.25 5.33 -3.52
CA PHE A 82 5.61 6.04 -4.63
C PHE A 82 6.56 7.07 -5.23
N GLN A 83 7.39 7.67 -4.38
CA GLN A 83 8.34 8.67 -4.85
C GLN A 83 9.57 8.01 -5.49
N SER A 84 9.87 6.80 -5.04
CA SER A 84 11.02 6.06 -5.58
C SER A 84 10.86 5.83 -7.07
N GLN A 85 9.67 5.43 -7.49
CA GLN A 85 9.39 5.16 -8.89
C GLN A 85 8.88 6.43 -9.59
N ASN A 86 9.17 7.58 -8.99
CA ASN A 86 8.73 8.85 -9.55
C ASN A 86 7.29 8.77 -10.04
N TRP A 87 6.49 7.94 -9.39
CA TRP A 87 5.09 7.76 -9.76
C TRP A 87 4.27 8.98 -9.37
N MET A 88 4.68 9.65 -8.29
CA MET A 88 3.98 10.83 -7.81
C MET A 88 4.82 12.08 -8.04
N GLY A 1 -21.04 -6.02 7.31
CA GLY A 1 -20.46 -7.03 8.17
C GLY A 1 -18.97 -6.82 8.39
N SER A 2 -18.64 -5.91 9.29
CA SER A 2 -17.24 -5.61 9.60
C SER A 2 -16.58 -6.78 10.32
N SER A 3 -15.26 -6.78 10.33
CA SER A 3 -14.49 -7.84 10.98
C SER A 3 -13.26 -7.28 11.68
N GLY A 4 -12.70 -8.07 12.60
CA GLY A 4 -11.52 -7.63 13.31
C GLY A 4 -10.33 -8.55 13.10
N SER A 5 -9.34 -8.47 13.99
CA SER A 5 -8.16 -9.30 13.89
C SER A 5 -7.69 -9.76 15.27
N SER A 6 -7.57 -11.07 15.44
CA SER A 6 -7.14 -11.64 16.71
C SER A 6 -6.07 -12.71 16.50
N GLY A 7 -5.13 -12.42 15.60
CA GLY A 7 -4.06 -13.36 15.32
C GLY A 7 -2.87 -12.70 14.67
N ASN A 8 -2.25 -13.40 13.73
CA ASN A 8 -1.08 -12.87 13.03
C ASN A 8 -1.24 -13.02 11.51
N MET A 9 -0.27 -12.48 10.77
CA MET A 9 -0.31 -12.55 9.31
C MET A 9 1.04 -12.99 8.76
N THR A 10 1.04 -14.09 8.01
CA THR A 10 2.27 -14.61 7.43
C THR A 10 2.52 -14.00 6.05
N ILE A 11 3.75 -14.15 5.55
CA ILE A 11 4.12 -13.62 4.25
C ILE A 11 3.80 -14.63 3.14
N SER A 12 4.13 -15.89 3.38
CA SER A 12 3.89 -16.95 2.41
C SER A 12 2.52 -16.77 1.74
N ASP A 13 1.56 -16.27 2.51
CA ASP A 13 0.21 -16.05 1.99
C ASP A 13 0.22 -15.02 0.86
N ILE A 14 0.61 -13.79 1.20
CA ILE A 14 0.67 -12.71 0.23
C ILE A 14 1.14 -13.23 -1.13
N GLN A 15 2.13 -14.11 -1.11
CA GLN A 15 2.68 -14.68 -2.34
C GLN A 15 1.65 -15.58 -3.02
N HIS A 16 0.99 -16.41 -2.23
CA HIS A 16 -0.02 -17.34 -2.75
C HIS A 16 -1.05 -16.58 -3.59
N ALA A 17 -1.47 -15.42 -3.11
CA ALA A 17 -2.46 -14.61 -3.82
C ALA A 17 -2.13 -14.53 -5.30
N PRO A 18 -3.18 -14.59 -6.14
CA PRO A 18 -3.03 -14.53 -7.60
C PRO A 18 -2.59 -13.14 -8.08
N ASP A 19 -3.30 -12.11 -7.62
CA ASP A 19 -2.99 -10.74 -8.00
C ASP A 19 -1.55 -10.40 -7.64
N TYR A 20 -1.11 -10.84 -6.47
CA TYR A 20 0.24 -10.57 -6.00
C TYR A 20 1.23 -10.55 -7.17
N ALA A 21 1.23 -11.63 -7.94
CA ALA A 21 2.12 -11.74 -9.10
C ALA A 21 2.21 -10.41 -9.84
N LEU A 22 1.07 -9.89 -10.26
CA LEU A 22 1.03 -8.63 -10.99
C LEU A 22 2.06 -7.65 -10.45
N LEU A 23 2.00 -7.39 -9.15
CA LEU A 23 2.95 -6.47 -8.51
C LEU A 23 4.35 -6.65 -9.07
N SER A 24 5.06 -5.54 -9.23
CA SER A 24 6.42 -5.58 -9.77
C SER A 24 7.41 -6.03 -8.71
N ASN A 25 8.66 -6.22 -9.12
CA ASN A 25 9.71 -6.65 -8.20
C ASN A 25 9.71 -5.81 -6.93
N ASP A 26 9.82 -4.50 -7.10
CA ASP A 26 9.84 -3.58 -5.98
C ASP A 26 8.56 -3.71 -5.15
N GLU A 27 7.42 -3.51 -5.79
CA GLU A 27 6.14 -3.60 -5.11
C GLU A 27 6.12 -4.79 -4.15
N GLN A 28 6.53 -5.95 -4.65
CA GLN A 28 6.57 -7.15 -3.83
C GLN A 28 7.32 -6.92 -2.53
N GLN A 29 8.59 -6.51 -2.65
CA GLN A 29 9.41 -6.26 -1.48
C GLN A 29 8.60 -5.57 -0.37
N LEU A 30 8.05 -4.40 -0.68
CA LEU A 30 7.26 -3.65 0.28
C LEU A 30 6.15 -4.53 0.86
N CYS A 31 5.23 -4.97 0.01
CA CYS A 31 4.13 -5.81 0.44
C CYS A 31 4.57 -6.79 1.51
N ILE A 32 5.77 -7.34 1.34
CA ILE A 32 6.31 -8.29 2.31
C ILE A 32 6.60 -7.63 3.64
N GLN A 33 7.61 -6.76 3.65
CA GLN A 33 7.98 -6.05 4.87
C GLN A 33 6.76 -5.47 5.57
N LEU A 34 5.95 -4.75 4.81
CA LEU A 34 4.73 -4.14 5.36
C LEU A 34 3.71 -5.21 5.74
N LYS A 35 3.88 -6.40 5.18
CA LYS A 35 2.97 -7.51 5.46
C LYS A 35 1.54 -7.16 5.07
N ILE A 36 1.39 -6.48 3.94
CA ILE A 36 0.07 -6.09 3.46
C ILE A 36 -0.37 -6.96 2.28
N LEU A 37 -1.67 -7.20 2.21
CA LEU A 37 -2.24 -8.03 1.14
C LEU A 37 -2.26 -7.26 -0.19
N PRO A 38 -2.19 -8.01 -1.29
CA PRO A 38 -2.19 -7.42 -2.63
C PRO A 38 -3.55 -6.83 -3.00
N LYS A 39 -4.60 -7.39 -2.41
CA LYS A 39 -5.96 -6.92 -2.68
C LYS A 39 -6.14 -5.47 -2.24
N PRO A 40 -5.88 -5.22 -0.94
CA PRO A 40 -6.00 -3.87 -0.37
C PRO A 40 -4.91 -2.93 -0.86
N TYR A 41 -3.67 -3.41 -0.86
CA TYR A 41 -2.54 -2.62 -1.30
C TYR A 41 -2.80 -2.02 -2.69
N LEU A 42 -3.49 -2.79 -3.52
CA LEU A 42 -3.81 -2.35 -4.88
C LEU A 42 -5.03 -1.45 -4.88
N VAL A 43 -5.81 -1.51 -3.79
CA VAL A 43 -7.02 -0.70 -3.67
C VAL A 43 -6.70 0.68 -3.09
N LEU A 44 -5.75 0.71 -2.17
CA LEU A 44 -5.34 1.96 -1.53
C LEU A 44 -4.43 2.77 -2.45
N LYS A 45 -3.50 2.09 -3.10
CA LYS A 45 -2.57 2.73 -4.01
C LYS A 45 -3.31 3.56 -5.06
N GLU A 46 -4.52 3.12 -5.41
CA GLU A 46 -5.32 3.81 -6.40
C GLU A 46 -5.84 5.14 -5.85
N VAL A 47 -6.45 5.09 -4.68
CA VAL A 47 -6.99 6.28 -4.05
C VAL A 47 -5.98 7.42 -4.08
N MET A 48 -4.76 7.15 -3.63
CA MET A 48 -3.70 8.15 -3.62
C MET A 48 -3.58 8.82 -4.98
N PHE A 49 -3.63 8.02 -6.05
CA PHE A 49 -3.52 8.54 -7.40
C PHE A 49 -4.65 9.52 -7.71
N ARG A 50 -5.88 9.10 -7.40
CA ARG A 50 -7.05 9.94 -7.63
C ARG A 50 -6.99 11.21 -6.78
N GLU A 51 -6.42 11.09 -5.59
CA GLU A 51 -6.31 12.23 -4.69
C GLU A 51 -5.18 13.17 -5.12
N LEU A 52 -4.35 12.68 -6.04
CA LEU A 52 -3.23 13.48 -6.54
C LEU A 52 -3.68 14.40 -7.68
N LEU A 53 -4.25 13.81 -8.72
CA LEU A 53 -4.72 14.57 -9.87
C LEU A 53 -5.81 15.56 -9.46
N LYS A 54 -6.67 15.13 -8.54
CA LYS A 54 -7.75 15.98 -8.05
C LYS A 54 -7.20 17.16 -7.26
N THR A 55 -6.20 16.90 -6.44
CA THR A 55 -5.57 17.94 -5.63
C THR A 55 -4.40 18.58 -6.35
N GLY A 56 -4.41 18.49 -7.68
CA GLY A 56 -3.33 19.07 -8.47
C GLY A 56 -1.97 18.86 -7.83
N GLY A 57 -1.78 17.71 -7.20
CA GLY A 57 -0.52 17.42 -6.55
C GLY A 57 -0.36 18.14 -5.23
N ASN A 58 -1.32 17.95 -4.32
CA ASN A 58 -1.29 18.59 -3.03
C ASN A 58 -1.36 17.56 -1.90
N LEU A 59 -0.54 16.52 -2.01
CA LEU A 59 -0.52 15.45 -1.01
C LEU A 59 0.83 15.42 -0.30
N SER A 60 0.79 15.51 1.03
CA SER A 60 2.02 15.49 1.84
C SER A 60 1.98 14.33 2.83
N LYS A 61 3.17 13.87 3.21
CA LYS A 61 3.28 12.77 4.17
C LYS A 61 2.21 12.86 5.24
N SER A 62 2.00 14.06 5.75
CA SER A 62 1.00 14.28 6.79
C SER A 62 -0.39 13.89 6.30
N ALA A 63 -0.84 14.56 5.24
CA ALA A 63 -2.15 14.29 4.67
C ALA A 63 -2.30 12.81 4.30
N CYS A 64 -1.32 12.29 3.60
CA CYS A 64 -1.33 10.88 3.19
C CYS A 64 -1.67 9.97 4.37
N ARG A 65 -0.87 10.06 5.42
CA ARG A 65 -1.08 9.25 6.61
C ARG A 65 -2.57 9.11 6.92
N GLU A 66 -3.28 10.22 6.85
CA GLU A 66 -4.71 10.23 7.13
C GLU A 66 -5.48 9.49 6.03
N LEU A 67 -5.25 9.90 4.79
CA LEU A 67 -5.93 9.28 3.65
C LEU A 67 -5.98 7.77 3.81
N LEU A 68 -4.85 7.17 4.17
CA LEU A 68 -4.78 5.73 4.37
C LEU A 68 -4.96 5.36 5.83
N ASN A 69 -5.97 4.56 6.12
CA ASN A 69 -6.26 4.14 7.49
C ASN A 69 -5.28 3.04 7.92
N ILE A 70 -3.99 3.33 7.81
CA ILE A 70 -2.96 2.36 8.20
C ILE A 70 -1.97 3.00 9.17
N ASP A 71 -1.13 2.16 9.78
CA ASP A 71 -0.13 2.63 10.73
C ASP A 71 0.61 3.83 10.17
N PRO A 72 1.22 4.62 11.07
CA PRO A 72 1.99 5.82 10.70
C PRO A 72 3.28 5.48 9.98
N ILE A 73 3.83 4.31 10.27
CA ILE A 73 5.06 3.86 9.64
C ILE A 73 4.81 3.32 8.24
N LYS A 74 3.78 2.50 8.10
CA LYS A 74 3.43 1.92 6.82
C LYS A 74 3.18 3.00 5.78
N ALA A 75 2.40 4.02 6.18
CA ALA A 75 2.08 5.13 5.28
C ALA A 75 3.34 5.68 4.62
N ASN A 76 4.30 6.11 5.45
CA ASN A 76 5.54 6.67 4.95
C ASN A 76 6.21 5.71 3.97
N ARG A 77 6.21 4.42 4.30
CA ARG A 77 6.82 3.41 3.45
C ARG A 77 6.21 3.44 2.05
N ILE A 78 4.88 3.53 1.99
CA ILE A 78 4.17 3.57 0.71
C ILE A 78 4.44 4.88 -0.02
N TYR A 79 4.37 5.99 0.71
CA TYR A 79 4.61 7.31 0.13
C TYR A 79 5.92 7.34 -0.65
N ASP A 80 7.01 6.99 0.03
CA ASP A 80 8.33 6.98 -0.59
C ASP A 80 8.32 6.14 -1.86
N PHE A 81 7.82 4.91 -1.75
CA PHE A 81 7.77 4.00 -2.89
C PHE A 81 7.21 4.72 -4.12
N PHE A 82 6.01 5.27 -4.00
CA PHE A 82 5.38 5.98 -5.10
C PHE A 82 6.38 6.89 -5.81
N GLN A 83 7.10 7.69 -5.03
CA GLN A 83 8.09 8.61 -5.59
C GLN A 83 9.16 7.84 -6.35
N SER A 84 9.43 6.62 -5.92
CA SER A 84 10.44 5.78 -6.57
C SER A 84 10.15 5.64 -8.06
N GLN A 85 8.90 5.33 -8.38
CA GLN A 85 8.49 5.15 -9.77
C GLN A 85 8.07 6.48 -10.39
N ASN A 86 8.66 7.57 -9.90
CA ASN A 86 8.35 8.91 -10.40
C ASN A 86 6.87 9.02 -10.75
N TRP A 87 6.03 8.32 -10.00
CA TRP A 87 4.59 8.34 -10.23
C TRP A 87 4.00 9.68 -9.85
N MET A 88 4.42 10.21 -8.69
CA MET A 88 3.94 11.49 -8.21
C MET A 88 4.74 12.64 -8.80
N GLY A 1 -15.41 -4.29 6.65
CA GLY A 1 -15.04 -5.67 6.85
C GLY A 1 -13.62 -5.83 7.34
N SER A 2 -13.45 -5.91 8.66
CA SER A 2 -12.12 -6.06 9.25
C SER A 2 -11.73 -7.54 9.35
N SER A 3 -10.43 -7.79 9.36
CA SER A 3 -9.92 -9.15 9.44
C SER A 3 -9.26 -9.41 10.79
N GLY A 4 -8.46 -8.45 11.24
CA GLY A 4 -7.78 -8.58 12.52
C GLY A 4 -6.90 -7.39 12.84
N SER A 5 -6.65 -7.17 14.12
CA SER A 5 -5.83 -6.05 14.56
C SER A 5 -4.59 -6.55 15.31
N SER A 6 -4.80 -7.51 16.21
CA SER A 6 -3.71 -8.07 17.01
C SER A 6 -3.30 -9.43 16.47
N GLY A 7 -2.01 -9.58 16.20
CA GLY A 7 -1.50 -10.84 15.69
C GLY A 7 -0.53 -10.66 14.54
N ASN A 8 0.12 -11.74 14.13
CA ASN A 8 1.08 -11.69 13.03
C ASN A 8 0.51 -12.34 11.78
N MET A 9 0.96 -11.88 10.63
CA MET A 9 0.50 -12.42 9.35
C MET A 9 1.64 -13.05 8.58
N THR A 10 1.42 -14.27 8.08
CA THR A 10 2.44 -14.99 7.32
C THR A 10 2.72 -14.31 5.99
N ILE A 11 3.97 -14.35 5.55
CA ILE A 11 4.37 -13.73 4.30
C ILE A 11 3.97 -14.59 3.11
N SER A 12 4.30 -15.88 3.17
CA SER A 12 3.97 -16.81 2.11
C SER A 12 2.59 -16.49 1.51
N ASP A 13 1.62 -16.27 2.39
CA ASP A 13 0.26 -15.95 1.96
C ASP A 13 0.28 -14.88 0.88
N ILE A 14 0.81 -13.71 1.21
CA ILE A 14 0.87 -12.60 0.28
C ILE A 14 1.22 -13.10 -1.13
N GLN A 15 2.34 -13.80 -1.24
CA GLN A 15 2.78 -14.34 -2.53
C GLN A 15 1.72 -15.27 -3.12
N HIS A 16 1.19 -16.14 -2.28
CA HIS A 16 0.17 -17.09 -2.72
C HIS A 16 -1.00 -16.38 -3.37
N ALA A 17 -1.32 -15.19 -2.85
CA ALA A 17 -2.43 -14.39 -3.40
C ALA A 17 -2.47 -14.49 -4.91
N PRO A 18 -3.70 -14.57 -5.47
CA PRO A 18 -3.91 -14.66 -6.91
C PRO A 18 -3.56 -13.36 -7.63
N ASP A 19 -3.62 -12.25 -6.90
CA ASP A 19 -3.31 -10.95 -7.46
C ASP A 19 -2.02 -10.39 -6.89
N TYR A 20 -1.06 -11.28 -6.60
CA TYR A 20 0.22 -10.89 -6.04
C TYR A 20 1.21 -10.56 -7.14
N ALA A 21 1.38 -11.48 -8.09
CA ALA A 21 2.29 -11.28 -9.20
C ALA A 21 2.14 -9.90 -9.81
N LEU A 22 0.89 -9.44 -9.90
CA LEU A 22 0.59 -8.13 -10.47
C LEU A 22 1.53 -7.07 -9.91
N LEU A 23 1.78 -7.14 -8.60
CA LEU A 23 2.67 -6.19 -7.94
C LEU A 23 4.01 -6.13 -8.63
N SER A 24 4.37 -4.94 -9.12
CA SER A 24 5.64 -4.74 -9.80
C SER A 24 6.80 -5.25 -8.96
N ASN A 25 7.88 -5.66 -9.62
CA ASN A 25 9.06 -6.16 -8.93
C ASN A 25 9.29 -5.40 -7.63
N ASP A 26 9.36 -4.08 -7.73
CA ASP A 26 9.58 -3.24 -6.56
C ASP A 26 8.42 -3.37 -5.57
N GLU A 27 7.20 -3.30 -6.08
CA GLU A 27 6.01 -3.40 -5.25
C GLU A 27 6.05 -4.68 -4.41
N GLN A 28 6.44 -5.79 -5.04
CA GLN A 28 6.50 -7.07 -4.36
C GLN A 28 7.32 -6.95 -3.08
N GLN A 29 8.48 -6.32 -3.17
CA GLN A 29 9.36 -6.15 -2.02
C GLN A 29 8.59 -5.59 -0.84
N LEU A 30 8.07 -4.37 -0.99
CA LEU A 30 7.31 -3.72 0.06
C LEU A 30 6.23 -4.65 0.62
N CYS A 31 5.31 -5.05 -0.24
CA CYS A 31 4.22 -5.94 0.15
C CYS A 31 4.72 -6.98 1.15
N ILE A 32 5.94 -7.48 0.92
CA ILE A 32 6.53 -8.49 1.80
C ILE A 32 7.05 -7.86 3.08
N GLN A 33 7.76 -6.74 2.94
CA GLN A 33 8.32 -6.04 4.09
C GLN A 33 7.22 -5.64 5.07
N LEU A 34 6.21 -4.95 4.56
CA LEU A 34 5.09 -4.50 5.39
C LEU A 34 4.12 -5.64 5.65
N LYS A 35 4.36 -6.77 5.00
CA LYS A 35 3.50 -7.94 5.17
C LYS A 35 2.06 -7.62 4.79
N ILE A 36 1.89 -6.79 3.75
CA ILE A 36 0.56 -6.41 3.29
C ILE A 36 0.18 -7.18 2.03
N LEU A 37 -1.12 -7.42 1.86
CA LEU A 37 -1.62 -8.13 0.70
C LEU A 37 -1.80 -7.19 -0.48
N PRO A 38 -1.77 -7.75 -1.69
CA PRO A 38 -1.94 -6.98 -2.93
C PRO A 38 -3.37 -6.47 -3.10
N LYS A 39 -4.33 -7.22 -2.57
CA LYS A 39 -5.73 -6.82 -2.66
C LYS A 39 -5.99 -5.53 -1.91
N PRO A 40 -5.69 -5.53 -0.61
CA PRO A 40 -5.88 -4.36 0.26
C PRO A 40 -4.91 -3.23 -0.07
N TYR A 41 -3.76 -3.59 -0.65
CA TYR A 41 -2.75 -2.61 -1.02
C TYR A 41 -3.17 -1.82 -2.26
N LEU A 42 -3.74 -2.53 -3.23
CA LEU A 42 -4.19 -1.90 -4.46
C LEU A 42 -5.37 -0.98 -4.21
N VAL A 43 -6.22 -1.36 -3.26
CA VAL A 43 -7.39 -0.57 -2.91
C VAL A 43 -6.99 0.81 -2.39
N LEU A 44 -5.96 0.84 -1.56
CA LEU A 44 -5.47 2.09 -0.98
C LEU A 44 -4.53 2.80 -1.95
N LYS A 45 -3.95 2.03 -2.88
CA LYS A 45 -3.03 2.59 -3.86
C LYS A 45 -3.79 3.32 -4.97
N GLU A 46 -4.88 2.72 -5.43
CA GLU A 46 -5.70 3.32 -6.48
C GLU A 46 -6.21 4.70 -6.06
N VAL A 47 -6.29 4.91 -4.75
CA VAL A 47 -6.76 6.19 -4.21
C VAL A 47 -5.68 7.26 -4.32
N MET A 48 -4.50 6.97 -3.77
CA MET A 48 -3.39 7.91 -3.80
C MET A 48 -3.25 8.52 -5.19
N PHE A 49 -3.73 7.82 -6.20
CA PHE A 49 -3.65 8.29 -7.58
C PHE A 49 -4.76 9.30 -7.87
N ARG A 50 -6.00 8.86 -7.68
CA ARG A 50 -7.16 9.72 -7.92
C ARG A 50 -7.01 11.05 -7.20
N GLU A 51 -6.50 11.00 -5.97
CA GLU A 51 -6.30 12.21 -5.18
C GLU A 51 -5.11 13.00 -5.69
N LEU A 52 -4.10 12.30 -6.19
CA LEU A 52 -2.90 12.94 -6.71
C LEU A 52 -3.22 13.78 -7.94
N LEU A 53 -4.02 13.22 -8.84
CA LEU A 53 -4.41 13.93 -10.07
C LEU A 53 -5.46 14.99 -9.77
N LYS A 54 -6.38 14.67 -8.87
CA LYS A 54 -7.44 15.59 -8.49
C LYS A 54 -6.86 16.90 -7.96
N THR A 55 -5.98 16.78 -6.96
CA THR A 55 -5.35 17.95 -6.36
C THR A 55 -4.21 18.47 -7.22
N GLY A 56 -3.65 17.58 -8.05
CA GLY A 56 -2.55 17.96 -8.91
C GLY A 56 -1.22 17.93 -8.19
N GLY A 57 -1.04 16.97 -7.28
CA GLY A 57 0.19 16.86 -6.54
C GLY A 57 0.17 17.67 -5.25
N ASN A 58 -0.83 17.41 -4.42
CA ASN A 58 -0.97 18.12 -3.15
C ASN A 58 -0.99 17.14 -1.98
N LEU A 59 -0.10 16.15 -2.03
CA LEU A 59 -0.02 15.14 -0.98
C LEU A 59 1.32 15.22 -0.26
N SER A 60 1.32 14.84 1.01
CA SER A 60 2.54 14.87 1.82
C SER A 60 2.43 13.93 3.01
N LYS A 61 3.56 13.38 3.44
CA LYS A 61 3.59 12.46 4.57
C LYS A 61 2.57 12.86 5.63
N SER A 62 2.31 14.16 5.74
CA SER A 62 1.35 14.68 6.71
C SER A 62 -0.07 14.36 6.28
N ALA A 63 -0.39 14.65 5.02
CA ALA A 63 -1.72 14.40 4.49
C ALA A 63 -1.94 12.91 4.25
N CYS A 64 -1.00 12.28 3.55
CA CYS A 64 -1.09 10.85 3.25
C CYS A 64 -1.59 10.07 4.47
N ARG A 65 -1.00 10.34 5.62
CA ARG A 65 -1.40 9.66 6.86
C ARG A 65 -2.92 9.61 6.99
N GLU A 66 -3.55 10.77 6.92
CA GLU A 66 -5.00 10.86 7.03
C GLU A 66 -5.68 10.11 5.88
N LEU A 67 -5.25 10.40 4.66
CA LEU A 67 -5.81 9.75 3.48
C LEU A 67 -6.00 8.25 3.71
N LEU A 68 -4.93 7.58 4.12
CA LEU A 68 -4.98 6.15 4.39
C LEU A 68 -5.28 5.87 5.85
N ASN A 69 -6.30 5.06 6.10
CA ASN A 69 -6.69 4.71 7.47
C ASN A 69 -5.85 3.56 8.00
N ILE A 70 -4.54 3.64 7.79
CA ILE A 70 -3.63 2.60 8.25
C ILE A 70 -2.61 3.16 9.24
N ASP A 71 -1.75 2.29 9.74
CA ASP A 71 -0.72 2.69 10.70
C ASP A 71 0.14 3.81 10.13
N PRO A 72 0.76 4.60 11.03
CA PRO A 72 1.62 5.72 10.64
C PRO A 72 2.93 5.25 10.00
N ILE A 73 3.61 4.32 10.67
CA ILE A 73 4.87 3.80 10.17
C ILE A 73 4.68 3.13 8.81
N LYS A 74 3.58 2.40 8.66
CA LYS A 74 3.29 1.71 7.42
C LYS A 74 3.02 2.72 6.30
N ALA A 75 2.30 3.77 6.62
CA ALA A 75 1.97 4.81 5.65
C ALA A 75 3.23 5.39 5.02
N ASN A 76 4.07 6.01 5.85
CA ASN A 76 5.32 6.62 5.38
C ASN A 76 5.96 5.75 4.31
N ARG A 77 6.13 4.46 4.61
CA ARG A 77 6.75 3.52 3.69
C ARG A 77 6.11 3.64 2.30
N ILE A 78 4.78 3.57 2.26
CA ILE A 78 4.05 3.66 1.00
C ILE A 78 4.33 4.99 0.31
N TYR A 79 4.24 6.08 1.07
CA TYR A 79 4.48 7.42 0.52
C TYR A 79 5.78 7.45 -0.27
N ASP A 80 6.90 7.19 0.42
CA ASP A 80 8.20 7.20 -0.21
C ASP A 80 8.22 6.28 -1.44
N PHE A 81 7.90 5.01 -1.22
CA PHE A 81 7.88 4.03 -2.30
C PHE A 81 7.33 4.65 -3.59
N PHE A 82 6.09 5.11 -3.52
CA PHE A 82 5.44 5.73 -4.67
C PHE A 82 6.41 6.62 -5.43
N GLN A 83 7.05 7.54 -4.73
CA GLN A 83 8.01 8.45 -5.33
C GLN A 83 9.10 7.67 -6.07
N SER A 84 9.52 6.56 -5.50
CA SER A 84 10.56 5.73 -6.10
C SER A 84 10.33 5.58 -7.60
N GLN A 85 9.10 5.19 -7.97
CA GLN A 85 8.76 5.01 -9.37
C GLN A 85 8.36 6.34 -10.01
N ASN A 86 9.02 7.41 -9.59
CA ASN A 86 8.73 8.74 -10.13
C ASN A 86 7.25 8.89 -10.46
N TRP A 87 6.41 8.30 -9.62
CA TRP A 87 4.96 8.37 -9.81
C TRP A 87 4.41 9.70 -9.32
N MET A 88 4.93 10.17 -8.20
CA MET A 88 4.49 11.44 -7.63
C MET A 88 5.31 12.60 -8.17
N GLY A 1 -9.15 -14.20 22.64
CA GLY A 1 -7.89 -13.49 22.58
C GLY A 1 -7.27 -13.30 23.95
N SER A 2 -6.52 -12.22 24.12
CA SER A 2 -5.86 -11.92 25.39
C SER A 2 -5.55 -10.43 25.51
N SER A 3 -5.16 -10.02 26.71
CA SER A 3 -4.84 -8.62 26.96
C SER A 3 -3.78 -8.11 25.99
N GLY A 4 -4.05 -6.97 25.37
CA GLY A 4 -3.11 -6.41 24.42
C GLY A 4 -2.45 -7.45 23.56
N SER A 5 -3.10 -7.83 22.46
CA SER A 5 -2.56 -8.83 21.56
C SER A 5 -2.83 -8.45 20.10
N SER A 6 -2.06 -9.05 19.19
CA SER A 6 -2.22 -8.77 17.76
C SER A 6 -2.39 -10.06 16.98
N GLY A 7 -2.74 -9.92 15.70
CA GLY A 7 -2.95 -11.09 14.86
C GLY A 7 -1.66 -11.58 14.24
N ASN A 8 -1.59 -12.88 13.97
CA ASN A 8 -0.40 -13.47 13.36
C ASN A 8 -0.41 -13.28 11.85
N MET A 9 0.52 -12.47 11.35
CA MET A 9 0.62 -12.19 9.93
C MET A 9 1.96 -12.68 9.38
N THR A 10 1.90 -13.58 8.40
CA THR A 10 3.11 -14.13 7.79
C THR A 10 3.23 -13.69 6.34
N ILE A 11 4.46 -13.66 5.83
CA ILE A 11 4.71 -13.27 4.45
C ILE A 11 3.98 -14.20 3.48
N SER A 12 4.01 -15.49 3.78
CA SER A 12 3.35 -16.48 2.93
C SER A 12 1.95 -16.01 2.51
N ASP A 13 1.21 -15.49 3.48
CA ASP A 13 -0.14 -15.00 3.22
C ASP A 13 -0.16 -14.10 1.98
N ILE A 14 0.78 -13.18 1.91
CA ILE A 14 0.86 -12.26 0.78
C ILE A 14 0.93 -13.02 -0.54
N GLN A 15 1.82 -14.00 -0.60
CA GLN A 15 1.99 -14.81 -1.81
C GLN A 15 0.73 -15.62 -2.09
N HIS A 16 0.29 -16.37 -1.09
CA HIS A 16 -0.91 -17.21 -1.23
C HIS A 16 -2.01 -16.45 -1.96
N ALA A 17 -2.17 -15.18 -1.62
CA ALA A 17 -3.19 -14.34 -2.24
C ALA A 17 -3.24 -14.57 -3.75
N PRO A 18 -4.47 -14.67 -4.29
CA PRO A 18 -4.69 -14.89 -5.72
C PRO A 18 -4.30 -13.67 -6.55
N ASP A 19 -4.25 -12.51 -5.91
CA ASP A 19 -3.90 -11.27 -6.59
C ASP A 19 -2.49 -10.82 -6.23
N TYR A 20 -1.64 -11.78 -5.89
CA TYR A 20 -0.27 -11.50 -5.51
C TYR A 20 0.62 -11.33 -6.75
N ALA A 21 0.81 -12.42 -7.48
CA ALA A 21 1.62 -12.40 -8.69
C ALA A 21 1.49 -11.07 -9.41
N LEU A 22 0.25 -10.61 -9.58
CA LEU A 22 -0.01 -9.35 -10.26
C LEU A 22 1.09 -8.33 -9.97
N LEU A 23 1.29 -8.04 -8.69
CA LEU A 23 2.32 -7.08 -8.28
C LEU A 23 3.58 -7.26 -9.11
N SER A 24 4.36 -6.18 -9.23
CA SER A 24 5.60 -6.21 -9.99
C SER A 24 6.75 -6.69 -9.12
N ASN A 25 7.92 -6.84 -9.73
CA ASN A 25 9.12 -7.28 -9.02
C ASN A 25 9.36 -6.42 -7.78
N ASP A 26 9.42 -5.10 -7.99
CA ASP A 26 9.65 -4.17 -6.90
C ASP A 26 8.48 -4.20 -5.91
N GLU A 27 7.29 -3.89 -6.40
CA GLU A 27 6.10 -3.88 -5.55
C GLU A 27 6.10 -5.07 -4.60
N GLN A 28 6.39 -6.25 -5.13
CA GLN A 28 6.42 -7.46 -4.32
C GLN A 28 7.32 -7.28 -3.11
N GLN A 29 8.57 -6.90 -3.35
CA GLN A 29 9.53 -6.69 -2.27
C GLN A 29 8.89 -5.95 -1.10
N LEU A 30 8.42 -4.73 -1.37
CA LEU A 30 7.78 -3.92 -0.34
C LEU A 30 6.71 -4.72 0.40
N CYS A 31 5.69 -5.17 -0.32
CA CYS A 31 4.61 -5.94 0.27
C CYS A 31 5.14 -6.89 1.34
N ILE A 32 6.24 -7.58 1.01
CA ILE A 32 6.85 -8.52 1.95
C ILE A 32 7.41 -7.80 3.17
N GLN A 33 8.18 -6.75 2.92
CA GLN A 33 8.78 -5.97 4.01
C GLN A 33 7.70 -5.38 4.90
N LEU A 34 6.82 -4.57 4.32
CA LEU A 34 5.74 -3.94 5.08
C LEU A 34 4.69 -4.97 5.48
N LYS A 35 4.79 -6.16 4.91
CA LYS A 35 3.84 -7.23 5.21
C LYS A 35 2.42 -6.83 4.83
N ILE A 36 2.28 -6.23 3.67
CA ILE A 36 0.98 -5.79 3.19
C ILE A 36 0.45 -6.71 2.08
N LEU A 37 -0.85 -6.95 2.08
CA LEU A 37 -1.47 -7.81 1.08
C LEU A 37 -1.67 -7.06 -0.23
N PRO A 38 -1.72 -7.81 -1.34
CA PRO A 38 -1.91 -7.23 -2.68
C PRO A 38 -3.33 -6.70 -2.86
N LYS A 39 -4.30 -7.41 -2.31
CA LYS A 39 -5.70 -7.01 -2.42
C LYS A 39 -5.89 -5.58 -1.94
N PRO A 40 -5.56 -5.32 -0.66
CA PRO A 40 -5.69 -4.00 -0.05
C PRO A 40 -4.68 -3.01 -0.61
N TYR A 41 -3.43 -3.44 -0.75
CA TYR A 41 -2.38 -2.59 -1.28
C TYR A 41 -2.77 -1.97 -2.61
N LEU A 42 -3.60 -2.71 -3.36
CA LEU A 42 -4.06 -2.24 -4.66
C LEU A 42 -5.14 -1.17 -4.50
N VAL A 43 -5.95 -1.31 -3.46
CA VAL A 43 -7.02 -0.35 -3.19
C VAL A 43 -6.47 1.02 -2.84
N LEU A 44 -5.64 1.07 -1.81
CA LEU A 44 -5.04 2.32 -1.37
C LEU A 44 -4.20 2.94 -2.48
N LYS A 45 -3.72 2.10 -3.39
CA LYS A 45 -2.92 2.57 -4.52
C LYS A 45 -3.72 3.49 -5.42
N GLU A 46 -4.89 3.01 -5.88
CA GLU A 46 -5.75 3.79 -6.75
C GLU A 46 -6.22 5.07 -6.05
N VAL A 47 -6.46 4.96 -4.75
CA VAL A 47 -6.93 6.10 -3.96
C VAL A 47 -5.89 7.22 -3.97
N MET A 48 -4.64 6.87 -3.74
CA MET A 48 -3.55 7.84 -3.72
C MET A 48 -3.53 8.64 -5.02
N PHE A 49 -3.61 7.94 -6.14
CA PHE A 49 -3.59 8.58 -7.45
C PHE A 49 -4.79 9.49 -7.63
N ARG A 50 -5.97 8.99 -7.23
CA ARG A 50 -7.20 9.77 -7.34
C ARG A 50 -7.10 11.08 -6.57
N GLU A 51 -6.27 11.09 -5.53
CA GLU A 51 -6.08 12.29 -4.72
C GLU A 51 -5.04 13.20 -5.33
N LEU A 52 -3.88 12.64 -5.64
CA LEU A 52 -2.78 13.41 -6.24
C LEU A 52 -3.31 14.36 -7.30
N LEU A 53 -4.31 13.92 -8.05
CA LEU A 53 -4.90 14.73 -9.10
C LEU A 53 -5.65 15.92 -8.51
N LYS A 54 -6.34 15.69 -7.40
CA LYS A 54 -7.10 16.75 -6.74
C LYS A 54 -6.16 17.71 -6.02
N THR A 55 -5.16 17.17 -5.33
CA THR A 55 -4.20 17.98 -4.61
C THR A 55 -3.22 18.66 -5.56
N GLY A 56 -2.98 18.02 -6.70
CA GLY A 56 -2.06 18.57 -7.68
C GLY A 56 -0.63 18.13 -7.45
N GLY A 57 -0.45 16.87 -7.07
CA GLY A 57 0.87 16.35 -6.81
C GLY A 57 1.36 16.66 -5.40
N ASN A 58 0.93 17.79 -4.87
CA ASN A 58 1.33 18.20 -3.53
C ASN A 58 0.58 17.39 -2.47
N LEU A 59 0.74 16.07 -2.53
CA LEU A 59 0.08 15.19 -1.57
C LEU A 59 0.90 15.04 -0.30
N SER A 60 0.77 16.01 0.60
CA SER A 60 1.51 16.00 1.85
C SER A 60 1.31 14.66 2.58
N LYS A 61 2.32 14.27 3.37
CA LYS A 61 2.25 13.02 4.11
C LYS A 61 1.09 13.03 5.10
N SER A 62 0.88 14.17 5.75
CA SER A 62 -0.20 14.30 6.72
C SER A 62 -1.54 13.88 6.11
N ALA A 63 -1.84 14.42 4.93
CA ALA A 63 -3.08 14.10 4.24
C ALA A 63 -3.10 12.64 3.80
N CYS A 64 -2.07 12.23 3.06
CA CYS A 64 -1.98 10.86 2.57
C CYS A 64 -2.30 9.87 3.69
N ARG A 65 -1.67 10.06 4.85
CA ARG A 65 -1.89 9.18 5.98
C ARG A 65 -3.39 8.99 6.25
N GLU A 66 -4.10 10.10 6.39
CA GLU A 66 -5.54 10.06 6.65
C GLU A 66 -6.27 9.38 5.50
N LEU A 67 -5.99 9.82 4.28
CA LEU A 67 -6.62 9.26 3.09
C LEU A 67 -6.50 7.74 3.07
N LEU A 68 -5.28 7.26 3.35
CA LEU A 68 -5.03 5.82 3.37
C LEU A 68 -5.70 5.16 4.56
N ASN A 69 -5.69 5.85 5.69
CA ASN A 69 -6.31 5.32 6.91
C ASN A 69 -5.59 4.08 7.39
N ILE A 70 -4.25 4.11 7.36
CA ILE A 70 -3.45 2.98 7.79
C ILE A 70 -2.30 3.44 8.68
N ASP A 71 -1.68 2.48 9.36
CA ASP A 71 -0.56 2.77 10.26
C ASP A 71 0.33 3.87 9.67
N PRO A 72 0.87 4.73 10.55
CA PRO A 72 1.74 5.83 10.13
C PRO A 72 3.10 5.34 9.62
N ILE A 73 3.55 4.20 10.16
CA ILE A 73 4.83 3.63 9.76
C ILE A 73 4.73 2.99 8.38
N LYS A 74 3.60 2.36 8.10
CA LYS A 74 3.38 1.72 6.80
C LYS A 74 3.33 2.74 5.68
N ALA A 75 2.33 3.62 5.72
CA ALA A 75 2.18 4.66 4.71
C ALA A 75 3.45 5.50 4.60
N ASN A 76 4.07 5.78 5.74
CA ASN A 76 5.30 6.58 5.76
C ASN A 76 6.34 6.01 4.81
N ARG A 77 6.35 4.69 4.66
CA ARG A 77 7.29 4.02 3.77
C ARG A 77 6.75 3.94 2.35
N ILE A 78 5.47 3.61 2.23
CA ILE A 78 4.83 3.50 0.93
C ILE A 78 4.96 4.81 0.15
N TYR A 79 4.86 5.93 0.84
CA TYR A 79 4.97 7.24 0.22
C TYR A 79 6.24 7.33 -0.63
N ASP A 80 7.36 6.92 -0.06
CA ASP A 80 8.64 6.95 -0.76
C ASP A 80 8.63 5.99 -1.95
N PHE A 81 7.99 4.84 -1.78
CA PHE A 81 7.91 3.84 -2.83
C PHE A 81 7.32 4.44 -4.10
N PHE A 82 6.34 5.32 -3.93
CA PHE A 82 5.68 5.96 -5.07
C PHE A 82 6.62 6.95 -5.75
N GLN A 83 7.41 7.66 -4.95
CA GLN A 83 8.35 8.64 -5.48
C GLN A 83 9.48 7.96 -6.23
N SER A 84 10.06 6.93 -5.63
CA SER A 84 11.16 6.19 -6.25
C SER A 84 10.74 5.65 -7.61
N GLN A 85 9.44 5.41 -7.78
CA GLN A 85 8.92 4.89 -9.04
C GLN A 85 8.61 6.04 -10.00
N ASN A 86 9.31 7.16 -9.83
CA ASN A 86 9.10 8.33 -10.68
C ASN A 86 7.64 8.45 -11.09
N TRP A 87 6.74 8.07 -10.18
CA TRP A 87 5.31 8.16 -10.44
C TRP A 87 4.74 9.48 -9.97
N MET A 88 5.36 10.07 -8.96
CA MET A 88 4.92 11.35 -8.41
C MET A 88 5.92 12.45 -8.75
N GLY A 1 -16.46 -7.84 2.77
CA GLY A 1 -15.53 -7.34 3.77
C GLY A 1 -14.72 -8.45 4.39
N SER A 2 -14.76 -8.55 5.72
CA SER A 2 -14.01 -9.57 6.45
C SER A 2 -12.52 -9.27 6.42
N SER A 3 -12.17 -7.98 6.37
CA SER A 3 -10.78 -7.57 6.32
C SER A 3 -10.50 -6.51 7.39
N GLY A 4 -9.22 -6.19 7.56
CA GLY A 4 -8.85 -5.18 8.55
C GLY A 4 -8.76 -5.76 9.95
N SER A 5 -7.61 -6.36 10.27
CA SER A 5 -7.41 -6.96 11.59
C SER A 5 -5.92 -7.09 11.89
N SER A 6 -5.53 -6.64 13.08
CA SER A 6 -4.13 -6.71 13.49
C SER A 6 -3.90 -7.88 14.45
N GLY A 7 -2.79 -8.58 14.27
CA GLY A 7 -2.47 -9.71 15.12
C GLY A 7 -1.56 -10.71 14.44
N ASN A 8 -2.13 -11.53 13.57
CA ASN A 8 -1.36 -12.55 12.84
C ASN A 8 -1.20 -12.16 11.38
N MET A 9 0.05 -12.19 10.90
CA MET A 9 0.34 -11.85 9.52
C MET A 9 1.69 -12.42 9.08
N THR A 10 1.67 -13.27 8.07
CA THR A 10 2.89 -13.88 7.57
C THR A 10 3.02 -13.71 6.06
N ILE A 11 4.24 -13.47 5.59
CA ILE A 11 4.49 -13.30 4.17
C ILE A 11 3.91 -14.44 3.35
N SER A 12 4.09 -15.67 3.85
CA SER A 12 3.58 -16.84 3.16
C SER A 12 2.21 -16.57 2.54
N ASP A 13 1.40 -15.79 3.25
CA ASP A 13 0.07 -15.44 2.77
C ASP A 13 0.14 -14.61 1.49
N ILE A 14 0.88 -13.51 1.55
CA ILE A 14 1.03 -12.63 0.40
C ILE A 14 1.58 -13.39 -0.79
N GLN A 15 2.53 -14.29 -0.55
CA GLN A 15 3.13 -15.09 -1.61
C GLN A 15 2.16 -16.13 -2.13
N HIS A 16 1.26 -16.58 -1.26
CA HIS A 16 0.26 -17.58 -1.62
C HIS A 16 -1.09 -16.93 -1.93
N ALA A 17 -1.03 -15.71 -2.44
CA ALA A 17 -2.25 -14.98 -2.78
C ALA A 17 -2.59 -15.14 -4.26
N PRO A 18 -3.90 -15.21 -4.56
CA PRO A 18 -4.39 -15.36 -5.94
C PRO A 18 -4.16 -14.11 -6.78
N ASP A 19 -4.03 -12.97 -6.10
CA ASP A 19 -3.81 -11.70 -6.79
C ASP A 19 -2.53 -11.03 -6.30
N TYR A 20 -1.48 -11.84 -6.10
CA TYR A 20 -0.21 -11.32 -5.62
C TYR A 20 0.82 -11.32 -6.74
N ALA A 21 0.80 -12.37 -7.56
CA ALA A 21 1.73 -12.49 -8.68
C ALA A 21 1.64 -11.29 -9.61
N LEU A 22 0.41 -10.90 -9.93
CA LEU A 22 0.19 -9.75 -10.82
C LEU A 22 1.11 -8.60 -10.46
N LEU A 23 1.46 -8.50 -9.18
CA LEU A 23 2.34 -7.43 -8.71
C LEU A 23 3.65 -7.41 -9.50
N SER A 24 4.37 -6.30 -9.41
CA SER A 24 5.64 -6.16 -10.12
C SER A 24 6.80 -6.57 -9.23
N ASN A 25 8.00 -6.56 -9.80
CA ASN A 25 9.20 -6.94 -9.07
C ASN A 25 9.36 -6.09 -7.81
N ASP A 26 9.21 -4.78 -7.96
CA ASP A 26 9.32 -3.87 -6.83
C ASP A 26 8.15 -4.03 -5.87
N GLU A 27 6.94 -3.80 -6.37
CA GLU A 27 5.74 -3.91 -5.56
C GLU A 27 5.81 -5.15 -4.66
N GLN A 28 6.25 -6.26 -5.24
CA GLN A 28 6.37 -7.51 -4.48
C GLN A 28 7.27 -7.33 -3.26
N GLN A 29 8.44 -6.73 -3.48
CA GLN A 29 9.39 -6.51 -2.40
C GLN A 29 8.70 -5.86 -1.20
N LEU A 30 8.18 -4.66 -1.40
CA LEU A 30 7.49 -3.93 -0.33
C LEU A 30 6.47 -4.82 0.36
N CYS A 31 5.49 -5.28 -0.40
CA CYS A 31 4.45 -6.16 0.15
C CYS A 31 5.03 -7.11 1.18
N ILE A 32 6.17 -7.72 0.85
CA ILE A 32 6.83 -8.65 1.74
C ILE A 32 7.37 -7.95 2.98
N GLN A 33 8.03 -6.82 2.77
CA GLN A 33 8.61 -6.05 3.86
C GLN A 33 7.51 -5.52 4.79
N LEU A 34 6.61 -4.73 4.23
CA LEU A 34 5.50 -4.15 4.99
C LEU A 34 4.45 -5.21 5.32
N LYS A 35 4.69 -6.44 4.86
CA LYS A 35 3.78 -7.54 5.09
C LYS A 35 2.35 -7.15 4.70
N ILE A 36 2.23 -6.45 3.58
CA ILE A 36 0.91 -6.02 3.09
C ILE A 36 0.45 -6.91 1.95
N LEU A 37 -0.86 -7.01 1.78
CA LEU A 37 -1.45 -7.83 0.72
C LEU A 37 -1.68 -6.99 -0.54
N PRO A 38 -1.77 -7.68 -1.69
CA PRO A 38 -1.98 -7.02 -2.98
C PRO A 38 -3.39 -6.44 -3.11
N LYS A 39 -4.33 -7.00 -2.34
CA LYS A 39 -5.71 -6.55 -2.36
C LYS A 39 -5.81 -5.10 -1.88
N PRO A 40 -5.35 -4.85 -0.65
CA PRO A 40 -5.38 -3.51 -0.05
C PRO A 40 -4.40 -2.55 -0.72
N TYR A 41 -3.19 -3.04 -0.98
CA TYR A 41 -2.16 -2.23 -1.62
C TYR A 41 -2.63 -1.72 -2.97
N LEU A 42 -3.58 -2.43 -3.57
CA LEU A 42 -4.12 -2.05 -4.87
C LEU A 42 -5.32 -1.14 -4.72
N VAL A 43 -6.24 -1.51 -3.83
CA VAL A 43 -7.44 -0.71 -3.58
C VAL A 43 -7.08 0.68 -3.09
N LEU A 44 -6.17 0.74 -2.11
CA LEU A 44 -5.74 2.01 -1.55
C LEU A 44 -4.93 2.81 -2.57
N LYS A 45 -4.14 2.11 -3.37
CA LYS A 45 -3.32 2.74 -4.39
C LYS A 45 -4.17 3.57 -5.35
N GLU A 46 -5.39 3.10 -5.60
CA GLU A 46 -6.31 3.79 -6.50
C GLU A 46 -6.70 5.15 -5.92
N VAL A 47 -6.81 5.22 -4.60
CA VAL A 47 -7.18 6.46 -3.93
C VAL A 47 -6.06 7.49 -4.02
N MET A 48 -4.83 7.04 -3.80
CA MET A 48 -3.67 7.92 -3.86
C MET A 48 -3.59 8.62 -5.22
N PHE A 49 -3.44 7.83 -6.27
CA PHE A 49 -3.35 8.36 -7.63
C PHE A 49 -4.47 9.35 -7.90
N ARG A 50 -5.69 8.96 -7.56
CA ARG A 50 -6.85 9.81 -7.77
C ARG A 50 -6.71 11.13 -7.01
N GLU A 51 -6.60 11.03 -5.70
CA GLU A 51 -6.45 12.22 -4.85
C GLU A 51 -5.27 13.07 -5.32
N LEU A 52 -4.29 12.43 -5.94
CA LEU A 52 -3.11 13.13 -6.43
C LEU A 52 -3.46 14.02 -7.62
N LEU A 53 -3.91 13.39 -8.70
CA LEU A 53 -4.28 14.13 -9.90
C LEU A 53 -5.36 15.17 -9.61
N LYS A 54 -6.29 14.80 -8.73
CA LYS A 54 -7.38 15.70 -8.35
C LYS A 54 -6.83 16.96 -7.69
N THR A 55 -5.91 16.77 -6.74
CA THR A 55 -5.31 17.90 -6.03
C THR A 55 -4.05 18.40 -6.74
N GLY A 56 -4.02 18.22 -8.07
CA GLY A 56 -2.88 18.65 -8.84
C GLY A 56 -1.56 18.33 -8.16
N GLY A 57 -1.55 17.26 -7.36
CA GLY A 57 -0.34 16.87 -6.66
C GLY A 57 -0.13 17.66 -5.39
N ASN A 58 -1.09 17.56 -4.47
CA ASN A 58 -1.00 18.27 -3.19
C ASN A 58 -1.09 17.30 -2.02
N LEU A 59 -0.51 16.12 -2.18
CA LEU A 59 -0.53 15.11 -1.15
C LEU A 59 0.75 15.16 -0.31
N SER A 60 0.64 15.70 0.91
CA SER A 60 1.78 15.80 1.81
C SER A 60 1.91 14.55 2.66
N LYS A 61 3.07 14.41 3.31
CA LYS A 61 3.33 13.26 4.17
C LYS A 61 2.24 13.11 5.22
N SER A 62 2.10 14.12 6.07
CA SER A 62 1.10 14.09 7.13
C SER A 62 -0.28 13.78 6.56
N ALA A 63 -0.62 14.44 5.45
CA ALA A 63 -1.91 14.23 4.81
C ALA A 63 -2.11 12.77 4.42
N CYS A 64 -1.08 12.17 3.82
CA CYS A 64 -1.15 10.78 3.40
C CYS A 64 -1.74 9.91 4.50
N ARG A 65 -1.06 9.86 5.65
CA ARG A 65 -1.53 9.07 6.77
C ARG A 65 -3.03 9.19 6.95
N GLU A 66 -3.52 10.43 6.90
CA GLU A 66 -4.95 10.69 7.06
C GLU A 66 -5.75 10.02 5.93
N LEU A 67 -5.35 10.29 4.70
CA LEU A 67 -6.02 9.72 3.54
C LEU A 67 -6.16 8.21 3.67
N LEU A 68 -5.02 7.52 3.78
CA LEU A 68 -5.01 6.08 3.91
C LEU A 68 -5.37 5.65 5.33
N ASN A 69 -6.29 4.69 5.44
CA ASN A 69 -6.73 4.20 6.75
C ASN A 69 -5.84 3.06 7.22
N ILE A 70 -4.53 3.28 7.20
CA ILE A 70 -3.57 2.27 7.64
C ILE A 70 -2.64 2.82 8.72
N ASP A 71 -1.79 1.95 9.25
CA ASP A 71 -0.85 2.34 10.30
C ASP A 71 -0.01 3.54 9.84
N PRO A 72 0.40 4.36 10.81
CA PRO A 72 1.22 5.55 10.54
C PRO A 72 2.64 5.20 10.11
N ILE A 73 3.13 4.07 10.59
CA ILE A 73 4.47 3.61 10.25
C ILE A 73 4.51 2.99 8.87
N LYS A 74 3.36 2.52 8.40
CA LYS A 74 3.25 1.89 7.08
C LYS A 74 3.14 2.95 6.00
N ALA A 75 2.25 3.92 6.20
CA ALA A 75 2.04 4.99 5.23
C ALA A 75 3.31 5.83 5.08
N ASN A 76 4.13 5.86 6.13
CA ASN A 76 5.37 6.64 6.11
C ASN A 76 6.35 6.04 5.11
N ARG A 77 6.29 4.72 4.93
CA ARG A 77 7.19 4.04 4.01
C ARG A 77 6.56 3.95 2.62
N ILE A 78 5.36 3.39 2.55
CA ILE A 78 4.66 3.25 1.27
C ILE A 78 4.73 4.53 0.46
N TYR A 79 4.59 5.66 1.15
CA TYR A 79 4.63 6.97 0.48
C TYR A 79 5.87 7.08 -0.41
N ASP A 80 7.03 6.80 0.16
CA ASP A 80 8.29 6.87 -0.58
C ASP A 80 8.23 5.99 -1.83
N PHE A 81 7.61 4.83 -1.69
CA PHE A 81 7.49 3.89 -2.79
C PHE A 81 6.87 4.56 -4.01
N PHE A 82 6.10 5.61 -3.77
CA PHE A 82 5.45 6.35 -4.85
C PHE A 82 6.37 7.42 -5.41
N GLN A 83 7.27 7.92 -4.58
CA GLN A 83 8.21 8.95 -4.99
C GLN A 83 9.34 8.36 -5.84
N SER A 84 9.81 7.19 -5.44
CA SER A 84 10.90 6.51 -6.15
C SER A 84 10.55 6.38 -7.64
N GLN A 85 9.33 5.97 -7.92
CA GLN A 85 8.87 5.79 -9.30
C GLN A 85 8.47 7.14 -9.91
N ASN A 86 8.85 8.22 -9.26
CA ASN A 86 8.53 9.56 -9.73
C ASN A 86 7.09 9.63 -10.22
N TRP A 87 6.19 8.98 -9.48
CA TRP A 87 4.77 8.97 -9.83
C TRP A 87 4.06 10.20 -9.28
N MET A 88 4.47 10.62 -8.08
CA MET A 88 3.87 11.78 -7.44
C MET A 88 4.25 13.07 -8.18
N GLY A 1 -23.04 -7.00 13.53
CA GLY A 1 -21.76 -7.51 13.96
C GLY A 1 -20.88 -7.93 12.81
N SER A 2 -19.61 -8.21 13.11
CA SER A 2 -18.66 -8.62 12.09
C SER A 2 -17.73 -9.71 12.62
N SER A 3 -17.17 -10.51 11.70
CA SER A 3 -16.27 -11.58 12.09
C SER A 3 -14.87 -11.05 12.33
N GLY A 4 -14.18 -11.64 13.29
CA GLY A 4 -12.82 -11.21 13.61
C GLY A 4 -11.77 -12.15 13.05
N SER A 5 -10.54 -11.65 12.92
CA SER A 5 -9.44 -12.46 12.39
C SER A 5 -8.54 -12.94 13.52
N SER A 6 -7.98 -14.14 13.34
CA SER A 6 -7.09 -14.72 14.35
C SER A 6 -5.74 -15.08 13.73
N GLY A 7 -4.69 -14.97 14.53
CA GLY A 7 -3.36 -15.29 14.06
C GLY A 7 -2.82 -14.24 13.09
N ASN A 8 -1.53 -13.99 13.16
CA ASN A 8 -0.90 -13.00 12.29
C ASN A 8 -0.55 -13.62 10.94
N MET A 9 -0.94 -12.93 9.87
CA MET A 9 -0.67 -13.41 8.51
C MET A 9 0.83 -13.51 8.26
N THR A 10 1.19 -14.24 7.21
CA THR A 10 2.60 -14.41 6.85
C THR A 10 2.86 -13.98 5.42
N ILE A 11 4.12 -14.09 4.99
CA ILE A 11 4.50 -13.72 3.63
C ILE A 11 3.95 -14.71 2.63
N SER A 12 3.97 -15.99 2.98
CA SER A 12 3.48 -17.04 2.11
C SER A 12 2.05 -16.75 1.67
N ASP A 13 1.28 -16.12 2.55
CA ASP A 13 -0.11 -15.79 2.25
C ASP A 13 -0.20 -14.82 1.09
N ILE A 14 0.59 -13.74 1.16
CA ILE A 14 0.60 -12.73 0.10
C ILE A 14 0.93 -13.36 -1.25
N GLN A 15 2.08 -14.03 -1.32
CA GLN A 15 2.51 -14.67 -2.55
C GLN A 15 1.48 -15.68 -3.04
N HIS A 16 0.77 -16.29 -2.10
CA HIS A 16 -0.25 -17.27 -2.43
C HIS A 16 -1.32 -16.67 -3.35
N ALA A 17 -1.82 -15.50 -2.96
CA ALA A 17 -2.84 -14.81 -3.75
C ALA A 17 -2.41 -14.67 -5.20
N PRO A 18 -3.37 -14.88 -6.12
CA PRO A 18 -3.12 -14.79 -7.56
C PRO A 18 -2.86 -13.36 -8.01
N ASP A 19 -3.53 -12.40 -7.38
CA ASP A 19 -3.37 -11.00 -7.71
C ASP A 19 -1.99 -10.49 -7.28
N TYR A 20 -1.33 -11.26 -6.41
CA TYR A 20 -0.01 -10.88 -5.92
C TYR A 20 0.96 -10.66 -7.07
N ALA A 21 1.11 -11.68 -7.91
CA ALA A 21 2.00 -11.59 -9.06
C ALA A 21 1.95 -10.21 -9.70
N LEU A 22 0.74 -9.74 -9.96
CA LEU A 22 0.55 -8.43 -10.58
C LEU A 22 1.59 -7.43 -10.06
N LEU A 23 1.66 -7.28 -8.75
CA LEU A 23 2.61 -6.36 -8.14
C LEU A 23 3.97 -6.44 -8.83
N SER A 24 4.50 -5.28 -9.20
CA SER A 24 5.80 -5.22 -9.87
C SER A 24 6.90 -5.79 -8.99
N ASN A 25 8.06 -6.03 -9.58
CA ASN A 25 9.20 -6.57 -8.85
C ASN A 25 9.48 -5.76 -7.60
N ASP A 26 9.55 -4.44 -7.77
CA ASP A 26 9.81 -3.54 -6.65
C ASP A 26 8.66 -3.55 -5.65
N GLU A 27 7.43 -3.56 -6.17
CA GLU A 27 6.25 -3.57 -5.33
C GLU A 27 6.24 -4.80 -4.43
N GLN A 28 6.48 -5.96 -5.03
CA GLN A 28 6.50 -7.21 -4.28
C GLN A 28 7.36 -7.10 -3.03
N GLN A 29 8.62 -6.73 -3.22
CA GLN A 29 9.56 -6.58 -2.12
C GLN A 29 8.88 -5.89 -0.93
N LEU A 30 8.43 -4.66 -1.15
CA LEU A 30 7.76 -3.90 -0.11
C LEU A 30 6.61 -4.69 0.51
N CYS A 31 5.62 -5.00 -0.31
CA CYS A 31 4.46 -5.76 0.15
C CYS A 31 4.87 -6.82 1.15
N ILE A 32 5.98 -7.49 0.88
CA ILE A 32 6.49 -8.54 1.76
C ILE A 32 6.97 -7.96 3.09
N GLN A 33 7.81 -6.94 3.00
CA GLN A 33 8.35 -6.30 4.20
C GLN A 33 7.23 -5.79 5.09
N LEU A 34 6.32 -5.00 4.51
CA LEU A 34 5.19 -4.45 5.25
C LEU A 34 4.21 -5.55 5.64
N LYS A 35 4.36 -6.72 5.03
CA LYS A 35 3.49 -7.85 5.30
C LYS A 35 2.04 -7.53 4.94
N ILE A 36 1.86 -6.71 3.91
CA ILE A 36 0.53 -6.31 3.47
C ILE A 36 0.10 -7.12 2.25
N LEU A 37 -1.21 -7.30 2.11
CA LEU A 37 -1.75 -8.06 0.98
C LEU A 37 -1.92 -7.16 -0.25
N PRO A 38 -1.88 -7.78 -1.44
CA PRO A 38 -2.04 -7.07 -2.70
C PRO A 38 -3.46 -6.54 -2.91
N LYS A 39 -4.43 -7.25 -2.36
CA LYS A 39 -5.83 -6.86 -2.48
C LYS A 39 -6.05 -5.45 -1.92
N PRO A 40 -5.71 -5.26 -0.63
CA PRO A 40 -5.86 -3.98 0.05
C PRO A 40 -4.87 -2.93 -0.47
N TYR A 41 -3.60 -3.32 -0.57
CA TYR A 41 -2.56 -2.42 -1.05
C TYR A 41 -2.95 -1.80 -2.39
N LEU A 42 -3.74 -2.53 -3.16
CA LEU A 42 -4.18 -2.05 -4.47
C LEU A 42 -5.29 -1.02 -4.32
N VAL A 43 -6.16 -1.23 -3.35
CA VAL A 43 -7.27 -0.31 -3.09
C VAL A 43 -6.77 1.04 -2.63
N LEU A 44 -6.02 1.05 -1.53
CA LEU A 44 -5.46 2.29 -0.98
C LEU A 44 -4.52 2.95 -1.99
N LYS A 45 -3.81 2.14 -2.74
CA LYS A 45 -2.87 2.66 -3.74
C LYS A 45 -3.60 3.52 -4.76
N GLU A 46 -4.73 3.04 -5.26
CA GLU A 46 -5.51 3.79 -6.24
C GLU A 46 -5.93 5.13 -5.68
N VAL A 47 -6.52 5.12 -4.49
CA VAL A 47 -6.98 6.35 -3.84
C VAL A 47 -5.96 7.47 -4.02
N MET A 48 -4.70 7.18 -3.72
CA MET A 48 -3.64 8.16 -3.84
C MET A 48 -3.61 8.76 -5.24
N PHE A 49 -3.44 7.90 -6.24
CA PHE A 49 -3.39 8.34 -7.63
C PHE A 49 -4.60 9.22 -7.97
N ARG A 50 -5.76 8.82 -7.47
CA ARG A 50 -6.99 9.56 -7.71
C ARG A 50 -6.92 10.95 -7.07
N GLU A 51 -6.66 10.98 -5.78
CA GLU A 51 -6.57 12.25 -5.05
C GLU A 51 -5.38 13.07 -5.54
N LEU A 52 -4.41 12.39 -6.13
CA LEU A 52 -3.21 13.05 -6.63
C LEU A 52 -3.51 13.78 -7.94
N LEU A 53 -4.35 13.18 -8.77
CA LEU A 53 -4.71 13.77 -10.05
C LEU A 53 -5.79 14.84 -9.87
N LYS A 54 -6.74 14.57 -8.99
CA LYS A 54 -7.83 15.50 -8.71
C LYS A 54 -7.27 16.86 -8.28
N THR A 55 -6.40 16.85 -7.28
CA THR A 55 -5.80 18.07 -6.76
C THR A 55 -4.67 18.55 -7.67
N GLY A 56 -4.06 17.61 -8.39
CA GLY A 56 -2.98 17.97 -9.29
C GLY A 56 -1.63 18.03 -8.59
N GLY A 57 -1.43 17.13 -7.63
CA GLY A 57 -0.18 17.10 -6.89
C GLY A 57 -0.25 17.89 -5.60
N ASN A 58 -1.21 17.53 -4.75
CA ASN A 58 -1.38 18.22 -3.47
C ASN A 58 -1.44 17.22 -2.32
N LEU A 59 -0.50 16.27 -2.31
CA LEU A 59 -0.44 15.26 -1.26
C LEU A 59 0.85 15.38 -0.46
N SER A 60 0.71 15.49 0.86
CA SER A 60 1.86 15.62 1.74
C SER A 60 2.02 14.36 2.60
N LYS A 61 3.04 14.37 3.45
CA LYS A 61 3.32 13.23 4.32
C LYS A 61 2.33 13.20 5.49
N SER A 62 1.76 14.35 5.80
CA SER A 62 0.80 14.46 6.90
C SER A 62 -0.61 14.11 6.42
N ALA A 63 -0.97 14.65 5.26
CA ALA A 63 -2.30 14.40 4.70
C ALA A 63 -2.49 12.91 4.39
N CYS A 64 -1.58 12.35 3.60
CA CYS A 64 -1.65 10.95 3.23
C CYS A 64 -2.04 10.09 4.42
N ARG A 65 -1.31 10.25 5.53
CA ARG A 65 -1.57 9.49 6.74
C ARG A 65 -3.06 9.49 7.08
N GLU A 66 -3.70 10.65 6.89
CA GLU A 66 -5.12 10.79 7.16
C GLU A 66 -5.96 10.07 6.11
N LEU A 67 -5.73 10.43 4.85
CA LEU A 67 -6.46 9.82 3.74
C LEU A 67 -6.45 8.30 3.84
N LEU A 68 -5.25 7.73 3.81
CA LEU A 68 -5.10 6.27 3.90
C LEU A 68 -5.74 5.74 5.17
N ASN A 69 -5.62 6.50 6.26
CA ASN A 69 -6.19 6.11 7.55
C ASN A 69 -5.53 4.83 8.06
N ILE A 70 -4.21 4.74 7.91
CA ILE A 70 -3.46 3.58 8.36
C ILE A 70 -2.27 4.00 9.22
N ASP A 71 -1.70 3.04 9.94
CA ASP A 71 -0.55 3.31 10.80
C ASP A 71 0.40 4.31 10.15
N PRO A 72 1.09 5.09 10.99
CA PRO A 72 2.05 6.10 10.52
C PRO A 72 3.28 5.49 9.88
N ILE A 73 3.77 4.39 10.47
CA ILE A 73 4.95 3.70 9.96
C ILE A 73 4.66 3.02 8.63
N LYS A 74 3.49 2.41 8.54
CA LYS A 74 3.08 1.72 7.32
C LYS A 74 3.05 2.67 6.13
N ALA A 75 2.47 3.85 6.34
CA ALA A 75 2.38 4.86 5.29
C ALA A 75 3.76 5.43 4.96
N ASN A 76 4.44 5.94 5.98
CA ASN A 76 5.76 6.52 5.80
C ASN A 76 6.55 5.74 4.75
N ARG A 77 6.50 4.42 4.84
CA ARG A 77 7.21 3.56 3.89
C ARG A 77 6.61 3.68 2.50
N ILE A 78 5.30 3.47 2.40
CA ILE A 78 4.62 3.56 1.11
C ILE A 78 4.89 4.89 0.43
N TYR A 79 4.54 5.98 1.11
CA TYR A 79 4.75 7.31 0.55
C TYR A 79 6.06 7.38 -0.23
N ASP A 80 7.15 6.99 0.40
CA ASP A 80 8.46 7.01 -0.24
C ASP A 80 8.45 6.16 -1.51
N PHE A 81 8.04 4.90 -1.38
CA PHE A 81 7.97 3.99 -2.51
C PHE A 81 7.45 4.70 -3.75
N PHE A 82 6.28 5.32 -3.63
CA PHE A 82 5.67 6.03 -4.74
C PHE A 82 6.70 6.91 -5.46
N GLN A 83 7.54 7.58 -4.67
CA GLN A 83 8.56 8.45 -5.22
C GLN A 83 9.65 7.64 -5.92
N SER A 84 9.86 6.42 -5.45
CA SER A 84 10.88 5.55 -6.03
C SER A 84 10.70 5.42 -7.53
N GLN A 85 9.46 5.15 -7.95
CA GLN A 85 9.16 5.00 -9.37
C GLN A 85 8.73 6.34 -9.98
N ASN A 86 9.26 7.43 -9.42
CA ASN A 86 8.92 8.76 -9.90
C ASN A 86 7.45 8.86 -10.28
N TRP A 87 6.62 8.11 -9.57
CA TRP A 87 5.18 8.11 -9.83
C TRP A 87 4.56 9.44 -9.41
N MET A 88 4.92 9.91 -8.22
CA MET A 88 4.39 11.17 -7.70
C MET A 88 5.52 12.09 -7.26
N GLY A 1 -21.99 -9.98 0.18
CA GLY A 1 -20.61 -9.59 -0.11
C GLY A 1 -20.00 -8.76 1.01
N SER A 2 -18.90 -9.24 1.56
CA SER A 2 -18.22 -8.54 2.64
C SER A 2 -16.86 -9.18 2.93
N SER A 3 -15.80 -8.42 2.67
CA SER A 3 -14.44 -8.90 2.90
C SER A 3 -14.22 -9.23 4.38
N GLY A 4 -13.11 -9.91 4.66
CA GLY A 4 -12.81 -10.27 6.04
C GLY A 4 -11.34 -10.62 6.23
N SER A 5 -10.64 -9.80 7.02
CA SER A 5 -9.22 -10.03 7.27
C SER A 5 -9.00 -10.47 8.72
N SER A 6 -8.15 -11.48 8.90
CA SER A 6 -7.86 -12.00 10.23
C SER A 6 -6.66 -12.94 10.18
N GLY A 7 -6.20 -13.37 11.36
CA GLY A 7 -5.07 -14.27 11.43
C GLY A 7 -3.75 -13.56 11.24
N ASN A 8 -2.72 -14.01 11.94
CA ASN A 8 -1.40 -13.42 11.84
C ASN A 8 -1.01 -13.18 10.38
N MET A 9 -0.70 -11.92 10.06
CA MET A 9 -0.31 -11.56 8.70
C MET A 9 1.20 -11.65 8.53
N THR A 10 1.64 -12.50 7.60
CA THR A 10 3.06 -12.68 7.34
C THR A 10 3.34 -12.72 5.83
N ILE A 11 4.62 -12.82 5.48
CA ILE A 11 5.02 -12.88 4.08
C ILE A 11 4.37 -14.06 3.37
N SER A 12 4.61 -15.27 3.88
CA SER A 12 4.04 -16.48 3.30
C SER A 12 2.61 -16.23 2.83
N ASP A 13 1.83 -15.55 3.65
CA ASP A 13 0.44 -15.25 3.33
C ASP A 13 0.35 -14.46 2.04
N ILE A 14 1.00 -13.30 2.00
CA ILE A 14 0.98 -12.45 0.82
C ILE A 14 1.57 -13.16 -0.38
N GLN A 15 2.87 -13.46 -0.32
CA GLN A 15 3.55 -14.15 -1.41
C GLN A 15 2.72 -15.34 -1.91
N HIS A 16 1.94 -15.93 -1.01
CA HIS A 16 1.10 -17.06 -1.36
C HIS A 16 -0.30 -16.61 -1.71
N ALA A 17 -0.40 -15.52 -2.47
CA ALA A 17 -1.69 -14.98 -2.88
C ALA A 17 -1.89 -15.12 -4.39
N PRO A 18 -3.13 -15.39 -4.80
CA PRO A 18 -3.49 -15.55 -6.22
C PRO A 18 -3.43 -14.23 -6.98
N ASP A 19 -3.56 -13.12 -6.24
CA ASP A 19 -3.52 -11.80 -6.84
C ASP A 19 -2.30 -11.02 -6.39
N TYR A 20 -1.19 -11.74 -6.17
CA TYR A 20 0.05 -11.12 -5.73
C TYR A 20 1.04 -11.01 -6.87
N ALA A 21 1.27 -12.11 -7.57
CA ALA A 21 2.20 -12.14 -8.69
C ALA A 21 2.00 -10.92 -9.58
N LEU A 22 0.75 -10.53 -9.79
CA LEU A 22 0.42 -9.38 -10.63
C LEU A 22 1.42 -8.25 -10.42
N LEU A 23 1.63 -7.90 -9.14
CA LEU A 23 2.56 -6.83 -8.81
C LEU A 23 3.92 -7.05 -9.48
N SER A 24 4.80 -6.07 -9.35
CA SER A 24 6.14 -6.16 -9.95
C SER A 24 7.20 -6.35 -8.88
N ASN A 25 8.38 -6.80 -9.29
CA ASN A 25 9.48 -7.03 -8.37
C ASN A 25 9.54 -5.93 -7.30
N ASP A 26 9.36 -4.69 -7.74
CA ASP A 26 9.39 -3.55 -6.83
C ASP A 26 8.26 -3.64 -5.82
N GLU A 27 7.02 -3.55 -6.32
CA GLU A 27 5.85 -3.61 -5.45
C GLU A 27 5.96 -4.77 -4.47
N GLN A 28 6.32 -5.94 -4.98
CA GLN A 28 6.47 -7.13 -4.15
C GLN A 28 7.26 -6.82 -2.88
N GLN A 29 8.48 -6.35 -3.06
CA GLN A 29 9.34 -6.02 -1.93
C GLN A 29 8.55 -5.30 -0.84
N LEU A 30 7.99 -4.15 -1.18
CA LEU A 30 7.20 -3.37 -0.23
C LEU A 30 6.13 -4.23 0.42
N CYS A 31 5.21 -4.76 -0.39
CA CYS A 31 4.14 -5.59 0.11
C CYS A 31 4.63 -6.48 1.24
N ILE A 32 5.82 -7.05 1.08
CA ILE A 32 6.40 -7.93 2.09
C ILE A 32 6.73 -7.15 3.36
N GLN A 33 7.66 -6.20 3.24
CA GLN A 33 8.08 -5.39 4.37
C GLN A 33 6.87 -4.88 5.15
N LEU A 34 5.90 -4.31 4.44
CA LEU A 34 4.69 -3.79 5.06
C LEU A 34 3.74 -4.92 5.43
N LYS A 35 3.94 -6.09 4.83
CA LYS A 35 3.11 -7.25 5.11
C LYS A 35 1.65 -6.97 4.73
N ILE A 36 1.46 -6.26 3.63
CA ILE A 36 0.11 -5.94 3.16
C ILE A 36 -0.26 -6.77 1.93
N LEU A 37 -1.53 -7.16 1.87
CA LEU A 37 -2.01 -7.96 0.75
C LEU A 37 -2.14 -7.12 -0.51
N PRO A 38 -1.98 -7.77 -1.68
CA PRO A 38 -2.07 -7.08 -2.97
C PRO A 38 -3.50 -6.65 -3.31
N LYS A 39 -4.47 -7.31 -2.68
CA LYS A 39 -5.88 -6.99 -2.91
C LYS A 39 -6.20 -5.60 -2.40
N PRO A 40 -5.99 -5.37 -1.10
CA PRO A 40 -6.25 -4.08 -0.46
C PRO A 40 -5.26 -3.00 -0.90
N TYR A 41 -4.00 -3.40 -1.07
CA TYR A 41 -2.96 -2.46 -1.49
C TYR A 41 -3.34 -1.78 -2.80
N LEU A 42 -3.98 -2.54 -3.69
CA LEU A 42 -4.39 -2.00 -4.98
C LEU A 42 -5.56 -1.03 -4.82
N VAL A 43 -6.54 -1.40 -3.99
CA VAL A 43 -7.69 -0.56 -3.76
C VAL A 43 -7.28 0.82 -3.25
N LEU A 44 -6.48 0.85 -2.20
CA LEU A 44 -6.01 2.10 -1.64
C LEU A 44 -5.08 2.83 -2.60
N LYS A 45 -4.22 2.07 -3.28
CA LYS A 45 -3.27 2.63 -4.23
C LYS A 45 -3.98 3.61 -5.17
N GLU A 46 -5.17 3.22 -5.64
CA GLU A 46 -5.94 4.05 -6.55
C GLU A 46 -6.23 5.41 -5.92
N VAL A 47 -6.84 5.40 -4.75
CA VAL A 47 -7.18 6.63 -4.04
C VAL A 47 -6.03 7.63 -4.11
N MET A 48 -4.82 7.14 -3.85
CA MET A 48 -3.63 8.00 -3.88
C MET A 48 -3.51 8.72 -5.21
N PHE A 49 -3.46 7.95 -6.29
CA PHE A 49 -3.34 8.51 -7.62
C PHE A 49 -4.45 9.51 -7.89
N ARG A 50 -5.70 9.07 -7.69
CA ARG A 50 -6.86 9.92 -7.91
C ARG A 50 -6.72 11.23 -7.13
N GLU A 51 -6.32 11.13 -5.88
CA GLU A 51 -6.16 12.31 -5.02
C GLU A 51 -4.99 13.16 -5.51
N LEU A 52 -3.95 12.50 -6.00
CA LEU A 52 -2.77 13.22 -6.50
C LEU A 52 -3.13 14.14 -7.65
N LEU A 53 -3.82 13.59 -8.65
CA LEU A 53 -4.23 14.37 -9.82
C LEU A 53 -5.36 15.32 -9.46
N LYS A 54 -6.30 14.83 -8.65
CA LYS A 54 -7.44 15.64 -8.23
C LYS A 54 -6.99 16.97 -7.64
N THR A 55 -6.10 16.90 -6.66
CA THR A 55 -5.57 18.10 -6.02
C THR A 55 -4.44 18.72 -6.84
N GLY A 56 -3.72 17.88 -7.58
CA GLY A 56 -2.63 18.37 -8.40
C GLY A 56 -1.31 18.37 -7.65
N GLY A 57 -1.08 17.34 -6.85
CA GLY A 57 0.16 17.25 -6.09
C GLY A 57 0.05 17.92 -4.74
N ASN A 58 -0.93 17.50 -3.95
CA ASN A 58 -1.13 18.07 -2.62
C ASN A 58 -1.10 16.98 -1.55
N LEU A 59 -0.18 16.04 -1.69
CA LEU A 59 -0.05 14.95 -0.74
C LEU A 59 1.20 15.12 0.11
N SER A 60 1.05 14.93 1.42
CA SER A 60 2.18 15.07 2.35
C SER A 60 2.40 13.76 3.12
N LYS A 61 3.52 13.70 3.83
CA LYS A 61 3.86 12.51 4.60
C LYS A 61 2.82 12.25 5.67
N SER A 62 2.57 13.25 6.51
CA SER A 62 1.58 13.12 7.59
C SER A 62 0.18 12.89 7.01
N ALA A 63 -0.14 13.61 5.95
CA ALA A 63 -1.44 13.48 5.31
C ALA A 63 -1.61 12.10 4.66
N CYS A 64 -0.53 11.59 4.09
CA CYS A 64 -0.54 10.28 3.44
C CYS A 64 -1.24 9.25 4.32
N ARG A 65 -0.83 9.19 5.59
CA ARG A 65 -1.40 8.25 6.53
C ARG A 65 -2.87 8.56 6.79
N GLU A 66 -3.20 9.85 6.82
CA GLU A 66 -4.57 10.28 7.06
C GLU A 66 -5.49 9.84 5.93
N LEU A 67 -5.08 10.12 4.70
CA LEU A 67 -5.86 9.76 3.52
C LEU A 67 -6.18 8.26 3.54
N LEU A 68 -5.19 7.45 3.84
CA LEU A 68 -5.37 6.00 3.88
C LEU A 68 -5.83 5.55 5.27
N ASN A 69 -6.52 4.42 5.31
CA ASN A 69 -7.02 3.88 6.57
C ASN A 69 -6.08 2.80 7.11
N ILE A 70 -4.78 3.05 7.01
CA ILE A 70 -3.78 2.10 7.49
C ILE A 70 -2.88 2.73 8.54
N ASP A 71 -2.05 1.91 9.18
CA ASP A 71 -1.13 2.39 10.20
C ASP A 71 -0.26 3.52 9.66
N PRO A 72 0.27 4.35 10.58
CA PRO A 72 1.13 5.49 10.21
C PRO A 72 2.49 5.04 9.69
N ILE A 73 3.15 4.16 10.45
CA ILE A 73 4.45 3.66 10.07
C ILE A 73 4.42 3.04 8.67
N LYS A 74 3.42 2.21 8.42
CA LYS A 74 3.27 1.55 7.13
C LYS A 74 3.13 2.58 6.02
N ALA A 75 2.21 3.53 6.19
CA ALA A 75 1.99 4.57 5.21
C ALA A 75 3.30 5.20 4.76
N ASN A 76 4.11 5.64 5.73
CA ASN A 76 5.40 6.26 5.45
C ASN A 76 6.09 5.55 4.29
N ARG A 77 6.24 4.23 4.40
CA ARG A 77 6.89 3.45 3.36
C ARG A 77 6.22 3.68 2.01
N ILE A 78 4.94 3.31 1.91
CA ILE A 78 4.20 3.49 0.66
C ILE A 78 4.47 4.85 0.04
N TYR A 79 4.33 5.90 0.83
CA TYR A 79 4.56 7.26 0.36
C TYR A 79 5.84 7.34 -0.46
N ASP A 80 6.96 6.98 0.17
CA ASP A 80 8.25 7.01 -0.50
C ASP A 80 8.22 6.18 -1.78
N PHE A 81 7.69 4.96 -1.67
CA PHE A 81 7.61 4.06 -2.82
C PHE A 81 7.09 4.80 -4.05
N PHE A 82 5.93 5.44 -3.92
CA PHE A 82 5.33 6.18 -5.01
C PHE A 82 6.35 7.09 -5.67
N GLN A 83 7.22 7.68 -4.86
CA GLN A 83 8.25 8.59 -5.37
C GLN A 83 9.23 7.85 -6.25
N SER A 84 9.62 6.65 -5.83
CA SER A 84 10.58 5.84 -6.59
C SER A 84 10.23 5.86 -8.07
N GLN A 85 9.00 5.48 -8.39
CA GLN A 85 8.56 5.45 -9.78
C GLN A 85 8.06 6.82 -10.22
N ASN A 86 8.64 7.87 -9.63
CA ASN A 86 8.26 9.23 -9.97
C ASN A 86 6.77 9.33 -10.29
N TRP A 87 5.95 8.61 -9.53
CA TRP A 87 4.52 8.61 -9.73
C TRP A 87 3.89 9.88 -9.20
N MET A 88 4.24 10.24 -7.97
CA MET A 88 3.71 11.44 -7.33
C MET A 88 3.72 12.62 -8.31
N GLY A 1 -18.04 -10.93 11.30
CA GLY A 1 -17.93 -11.71 10.08
C GLY A 1 -16.52 -11.77 9.54
N SER A 2 -16.24 -12.80 8.75
CA SER A 2 -14.90 -12.96 8.17
C SER A 2 -14.65 -11.93 7.07
N SER A 3 -13.53 -11.22 7.19
CA SER A 3 -13.18 -10.21 6.21
C SER A 3 -12.19 -10.75 5.18
N GLY A 4 -11.02 -11.18 5.66
CA GLY A 4 -10.02 -11.73 4.77
C GLY A 4 -9.26 -12.89 5.40
N SER A 5 -8.19 -12.59 6.12
CA SER A 5 -7.39 -13.62 6.76
C SER A 5 -6.97 -13.19 8.17
N SER A 6 -7.26 -14.04 9.15
CA SER A 6 -6.91 -13.74 10.54
C SER A 6 -5.98 -14.81 11.11
N GLY A 7 -5.07 -14.38 11.97
CA GLY A 7 -4.14 -15.32 12.58
C GLY A 7 -2.71 -15.10 12.10
N ASN A 8 -1.79 -15.93 12.58
CA ASN A 8 -0.39 -15.82 12.20
C ASN A 8 -0.25 -15.49 10.72
N MET A 9 0.01 -14.21 10.43
CA MET A 9 0.17 -13.77 9.05
C MET A 9 1.52 -14.18 8.49
N THR A 10 1.50 -14.88 7.35
CA THR A 10 2.73 -15.35 6.73
C THR A 10 2.83 -14.86 5.28
N ILE A 11 4.01 -14.39 4.90
CA ILE A 11 4.23 -13.87 3.56
C ILE A 11 3.72 -14.86 2.51
N SER A 12 3.91 -16.15 2.79
CA SER A 12 3.46 -17.20 1.87
C SER A 12 2.08 -16.89 1.31
N ASP A 13 1.17 -16.48 2.19
CA ASP A 13 -0.19 -16.15 1.77
C ASP A 13 -0.18 -15.00 0.77
N ILE A 14 0.48 -13.90 1.13
CA ILE A 14 0.56 -12.73 0.27
C ILE A 14 0.89 -13.13 -1.16
N GLN A 15 1.96 -13.92 -1.32
CA GLN A 15 2.37 -14.37 -2.64
C GLN A 15 1.32 -15.28 -3.28
N HIS A 16 0.82 -16.23 -2.49
CA HIS A 16 -0.20 -17.16 -2.96
C HIS A 16 -1.30 -16.42 -3.72
N ALA A 17 -1.80 -15.35 -3.12
CA ALA A 17 -2.86 -14.56 -3.74
C ALA A 17 -2.56 -14.29 -5.21
N PRO A 18 -3.61 -14.27 -6.04
CA PRO A 18 -3.48 -14.04 -7.48
C PRO A 18 -3.10 -12.59 -7.80
N ASP A 19 -3.56 -11.67 -6.96
CA ASP A 19 -3.27 -10.25 -7.15
C ASP A 19 -1.77 -9.99 -7.04
N TYR A 20 -1.14 -10.56 -6.01
CA TYR A 20 0.28 -10.39 -5.80
C TYR A 20 1.04 -10.35 -7.12
N ALA A 21 0.79 -11.34 -7.96
CA ALA A 21 1.45 -11.42 -9.27
C ALA A 21 1.38 -10.08 -9.99
N LEU A 22 0.20 -9.47 -10.02
CA LEU A 22 0.01 -8.19 -10.67
C LEU A 22 1.14 -7.23 -10.33
N LEU A 23 1.43 -7.11 -9.05
CA LEU A 23 2.51 -6.22 -8.59
C LEU A 23 3.84 -6.60 -9.22
N SER A 24 4.77 -5.66 -9.25
CA SER A 24 6.09 -5.89 -9.82
C SER A 24 7.11 -6.22 -8.73
N ASN A 25 8.36 -6.43 -9.14
CA ASN A 25 9.42 -6.75 -8.20
C ASN A 25 9.42 -5.78 -7.03
N ASP A 26 9.68 -4.51 -7.31
CA ASP A 26 9.71 -3.48 -6.28
C ASP A 26 8.46 -3.55 -5.41
N GLU A 27 7.30 -3.41 -6.03
CA GLU A 27 6.04 -3.47 -5.31
C GLU A 27 6.01 -4.62 -4.32
N GLN A 28 6.34 -5.82 -4.81
CA GLN A 28 6.37 -7.01 -3.96
C GLN A 28 7.17 -6.75 -2.69
N GLN A 29 8.44 -6.39 -2.86
CA GLN A 29 9.32 -6.12 -1.72
C GLN A 29 8.56 -5.40 -0.61
N LEU A 30 8.07 -4.20 -0.91
CA LEU A 30 7.33 -3.41 0.07
C LEU A 30 6.30 -4.27 0.80
N CYS A 31 5.36 -4.81 0.05
CA CYS A 31 4.32 -5.66 0.62
C CYS A 31 4.90 -6.61 1.65
N ILE A 32 6.04 -7.20 1.32
CA ILE A 32 6.71 -8.14 2.21
C ILE A 32 7.16 -7.45 3.50
N GLN A 33 8.08 -6.50 3.36
CA GLN A 33 8.60 -5.77 4.51
C GLN A 33 7.47 -5.30 5.41
N LEU A 34 6.39 -4.82 4.80
CA LEU A 34 5.23 -4.34 5.54
C LEU A 34 4.24 -5.47 5.80
N LYS A 35 4.47 -6.61 5.17
CA LYS A 35 3.60 -7.77 5.33
C LYS A 35 2.16 -7.42 4.98
N ILE A 36 1.98 -6.59 3.96
CA ILE A 36 0.66 -6.18 3.52
C ILE A 36 0.19 -7.00 2.32
N LEU A 37 -1.11 -7.26 2.26
CA LEU A 37 -1.68 -8.03 1.16
C LEU A 37 -1.83 -7.18 -0.09
N PRO A 38 -1.89 -7.85 -1.25
CA PRO A 38 -2.03 -7.17 -2.55
C PRO A 38 -3.41 -6.53 -2.72
N LYS A 39 -4.45 -7.31 -2.44
CA LYS A 39 -5.82 -6.82 -2.56
C LYS A 39 -5.95 -5.41 -2.02
N PRO A 40 -5.63 -5.23 -0.73
CA PRO A 40 -5.70 -3.93 -0.07
C PRO A 40 -4.63 -2.97 -0.56
N TYR A 41 -3.39 -3.46 -0.63
CA TYR A 41 -2.27 -2.64 -1.09
C TYR A 41 -2.55 -2.07 -2.48
N LEU A 42 -3.40 -2.75 -3.24
CA LEU A 42 -3.75 -2.30 -4.58
C LEU A 42 -4.91 -1.31 -4.55
N VAL A 43 -5.91 -1.61 -3.73
CA VAL A 43 -7.07 -0.74 -3.60
C VAL A 43 -6.68 0.63 -3.06
N LEU A 44 -6.00 0.64 -1.92
CA LEU A 44 -5.56 1.89 -1.30
C LEU A 44 -4.63 2.66 -2.23
N LYS A 45 -3.83 1.93 -3.01
CA LYS A 45 -2.90 2.54 -3.94
C LYS A 45 -3.64 3.43 -4.94
N GLU A 46 -4.86 3.03 -5.29
CA GLU A 46 -5.66 3.80 -6.25
C GLU A 46 -6.05 5.14 -5.65
N VAL A 47 -6.37 5.15 -4.37
CA VAL A 47 -6.77 6.38 -3.68
C VAL A 47 -5.71 7.46 -3.82
N MET A 48 -4.51 7.17 -3.33
CA MET A 48 -3.39 8.11 -3.41
C MET A 48 -3.34 8.77 -4.78
N PHE A 49 -3.58 7.98 -5.83
CA PHE A 49 -3.55 8.49 -7.19
C PHE A 49 -4.72 9.44 -7.44
N ARG A 50 -5.93 8.92 -7.33
CA ARG A 50 -7.13 9.72 -7.55
C ARG A 50 -6.99 11.10 -6.88
N GLU A 51 -6.38 11.11 -5.70
CA GLU A 51 -6.18 12.36 -4.95
C GLU A 51 -5.04 13.17 -5.55
N LEU A 52 -4.02 12.47 -6.04
CA LEU A 52 -2.86 13.13 -6.64
C LEU A 52 -3.25 13.84 -7.94
N LEU A 53 -4.03 13.16 -8.76
CA LEU A 53 -4.48 13.72 -10.03
C LEU A 53 -5.62 14.72 -9.83
N LYS A 54 -6.44 14.46 -8.81
CA LYS A 54 -7.57 15.34 -8.51
C LYS A 54 -7.08 16.71 -8.05
N THR A 55 -6.15 16.71 -7.10
CA THR A 55 -5.60 17.95 -6.57
C THR A 55 -4.46 18.47 -7.44
N GLY A 56 -3.76 17.54 -8.10
CA GLY A 56 -2.66 17.93 -8.96
C GLY A 56 -1.32 17.51 -8.41
N GLY A 57 -1.25 17.36 -7.08
CA GLY A 57 -0.01 16.96 -6.45
C GLY A 57 0.23 17.69 -5.15
N ASN A 58 -0.79 17.71 -4.29
CA ASN A 58 -0.69 18.38 -2.99
C ASN A 58 -0.76 17.37 -1.86
N LEU A 59 0.00 16.29 -1.98
CA LEU A 59 0.04 15.24 -0.96
C LEU A 59 1.30 15.34 -0.12
N SER A 60 1.19 14.99 1.16
CA SER A 60 2.32 15.03 2.07
C SER A 60 2.32 13.83 3.01
N LYS A 61 3.44 13.59 3.68
CA LYS A 61 3.57 12.49 4.61
C LYS A 61 2.55 12.61 5.74
N SER A 62 2.16 13.84 6.05
CA SER A 62 1.20 14.09 7.11
C SER A 62 -0.21 13.77 6.65
N ALA A 63 -0.59 14.31 5.49
CA ALA A 63 -1.91 14.08 4.93
C ALA A 63 -2.11 12.61 4.57
N CYS A 64 -1.13 12.03 3.89
CA CYS A 64 -1.19 10.63 3.49
C CYS A 64 -1.68 9.76 4.64
N ARG A 65 -1.14 9.99 5.83
CA ARG A 65 -1.52 9.23 7.00
C ARG A 65 -3.04 9.15 7.14
N GLU A 66 -3.69 10.31 7.07
CA GLU A 66 -5.15 10.38 7.19
C GLU A 66 -5.82 9.84 5.94
N LEU A 67 -5.28 10.20 4.78
CA LEU A 67 -5.82 9.75 3.50
C LEU A 67 -6.04 8.24 3.51
N LEU A 68 -5.00 7.50 3.89
CA LEU A 68 -5.08 6.04 3.93
C LEU A 68 -5.51 5.57 5.31
N ASN A 69 -6.32 4.52 5.35
CA ASN A 69 -6.81 3.96 6.61
C ASN A 69 -5.80 2.97 7.19
N ILE A 70 -4.52 3.31 7.08
CA ILE A 70 -3.46 2.45 7.60
C ILE A 70 -2.60 3.20 8.62
N ASP A 71 -1.75 2.46 9.31
CA ASP A 71 -0.87 3.04 10.32
C ASP A 71 -0.07 4.20 9.73
N PRO A 72 0.41 5.09 10.61
CA PRO A 72 1.20 6.26 10.20
C PRO A 72 2.58 5.88 9.69
N ILE A 73 3.27 5.04 10.45
CA ILE A 73 4.62 4.59 10.08
C ILE A 73 4.59 3.83 8.76
N LYS A 74 3.57 3.01 8.57
CA LYS A 74 3.42 2.23 7.35
C LYS A 74 3.26 3.14 6.14
N ALA A 75 2.42 4.16 6.28
CA ALA A 75 2.18 5.11 5.20
C ALA A 75 3.49 5.72 4.70
N ASN A 76 4.39 6.00 5.63
CA ASN A 76 5.69 6.59 5.29
C ASN A 76 6.40 5.75 4.23
N ARG A 77 6.28 4.44 4.35
CA ARG A 77 6.92 3.52 3.41
C ARG A 77 6.28 3.64 2.03
N ILE A 78 4.97 3.41 1.97
CA ILE A 78 4.24 3.49 0.71
C ILE A 78 4.52 4.80 -0.01
N TYR A 79 4.37 5.91 0.72
CA TYR A 79 4.61 7.23 0.15
C TYR A 79 5.94 7.28 -0.59
N ASP A 80 7.01 6.94 0.11
CA ASP A 80 8.34 6.93 -0.49
C ASP A 80 8.37 6.09 -1.76
N PHE A 81 7.84 4.88 -1.68
CA PHE A 81 7.79 3.98 -2.82
C PHE A 81 7.20 4.67 -4.04
N PHE A 82 6.06 5.34 -3.84
CA PHE A 82 5.39 6.05 -4.92
C PHE A 82 6.36 6.98 -5.65
N GLN A 83 7.21 7.65 -4.88
CA GLN A 83 8.19 8.57 -5.46
C GLN A 83 9.18 7.83 -6.34
N SER A 84 9.39 6.56 -6.04
CA SER A 84 10.32 5.73 -6.81
C SER A 84 10.04 5.84 -8.30
N GLN A 85 8.81 5.56 -8.69
CA GLN A 85 8.41 5.62 -10.09
C GLN A 85 8.00 7.03 -10.48
N ASN A 86 8.57 8.01 -9.78
CA ASN A 86 8.26 9.42 -10.05
C ASN A 86 6.77 9.60 -10.34
N TRP A 87 5.95 8.74 -9.75
CA TRP A 87 4.51 8.82 -9.94
C TRP A 87 3.97 10.17 -9.49
N MET A 88 4.54 10.72 -8.42
CA MET A 88 4.11 12.00 -7.90
C MET A 88 5.22 13.04 -8.06
N GLY A 1 -20.01 -9.21 8.03
CA GLY A 1 -19.16 -9.21 9.21
C GLY A 1 -17.72 -9.54 8.88
N SER A 2 -17.39 -10.83 8.96
CA SER A 2 -16.04 -11.29 8.68
C SER A 2 -15.00 -10.30 9.22
N SER A 3 -15.19 -9.88 10.47
CA SER A 3 -14.29 -8.93 11.09
C SER A 3 -13.48 -9.60 12.21
N GLY A 4 -12.38 -10.24 11.82
CA GLY A 4 -11.54 -10.92 12.80
C GLY A 4 -10.21 -11.35 12.20
N SER A 5 -9.13 -11.09 12.94
CA SER A 5 -7.80 -11.45 12.48
C SER A 5 -7.21 -12.56 13.35
N SER A 6 -6.94 -13.71 12.73
CA SER A 6 -6.38 -14.85 13.44
C SER A 6 -4.88 -14.67 13.68
N GLY A 7 -4.53 -14.35 14.92
CA GLY A 7 -3.13 -14.15 15.26
C GLY A 7 -2.45 -13.16 14.34
N ASN A 8 -1.36 -13.57 13.72
CA ASN A 8 -0.61 -12.71 12.81
C ASN A 8 -0.44 -13.37 11.45
N MET A 9 -0.76 -12.63 10.39
CA MET A 9 -0.65 -13.13 9.03
C MET A 9 0.83 -13.28 8.64
N THR A 10 1.16 -14.42 8.03
CA THR A 10 2.52 -14.69 7.60
C THR A 10 2.76 -14.19 6.18
N ILE A 11 4.02 -14.15 5.79
CA ILE A 11 4.39 -13.69 4.45
C ILE A 11 3.89 -14.65 3.38
N SER A 12 3.86 -15.93 3.72
CA SER A 12 3.39 -16.96 2.78
C SER A 12 1.96 -16.68 2.34
N ASP A 13 1.21 -16.00 3.20
CA ASP A 13 -0.18 -15.67 2.90
C ASP A 13 -0.26 -14.58 1.83
N ILE A 14 0.78 -13.77 1.74
CA ILE A 14 0.83 -12.68 0.77
C ILE A 14 1.13 -13.22 -0.63
N GLN A 15 2.37 -13.66 -0.83
CA GLN A 15 2.79 -14.20 -2.12
C GLN A 15 1.74 -15.16 -2.68
N HIS A 16 1.09 -15.89 -1.78
CA HIS A 16 0.07 -16.86 -2.18
C HIS A 16 -0.98 -16.20 -3.07
N ALA A 17 -1.45 -15.03 -2.65
CA ALA A 17 -2.46 -14.30 -3.42
C ALA A 17 -2.21 -14.44 -4.92
N PRO A 18 -3.32 -14.54 -5.68
CA PRO A 18 -3.25 -14.69 -7.14
C PRO A 18 -2.78 -13.41 -7.83
N ASP A 19 -3.40 -12.29 -7.48
CA ASP A 19 -3.03 -11.00 -8.07
C ASP A 19 -1.63 -10.59 -7.63
N TYR A 20 -1.03 -11.38 -6.76
CA TYR A 20 0.31 -11.08 -6.25
C TYR A 20 1.32 -11.04 -7.40
N ALA A 21 1.46 -12.15 -8.10
CA ALA A 21 2.38 -12.24 -9.23
C ALA A 21 2.46 -10.91 -9.98
N LEU A 22 1.32 -10.22 -10.06
CA LEU A 22 1.26 -8.94 -10.76
C LEU A 22 2.34 -7.99 -10.23
N LEU A 23 2.39 -7.81 -8.92
CA LEU A 23 3.37 -6.93 -8.31
C LEU A 23 4.73 -7.10 -8.95
N SER A 24 5.36 -5.98 -9.32
CA SER A 24 6.68 -6.01 -9.94
C SER A 24 7.74 -6.42 -8.94
N ASN A 25 8.92 -6.76 -9.46
CA ASN A 25 10.04 -7.19 -8.61
C ASN A 25 10.18 -6.26 -7.41
N ASP A 26 9.94 -4.98 -7.63
CA ASP A 26 10.05 -3.98 -6.57
C ASP A 26 8.82 -4.02 -5.67
N GLU A 27 7.65 -3.81 -6.25
CA GLU A 27 6.41 -3.81 -5.50
C GLU A 27 6.36 -4.99 -4.53
N GLN A 28 6.72 -6.16 -5.03
CA GLN A 28 6.72 -7.37 -4.20
C GLN A 28 7.51 -7.14 -2.91
N GLN A 29 8.78 -6.78 -3.04
CA GLN A 29 9.63 -6.54 -1.89
C GLN A 29 8.87 -5.79 -0.81
N LEU A 30 8.26 -4.68 -1.18
CA LEU A 30 7.51 -3.86 -0.23
C LEU A 30 6.41 -4.69 0.44
N CYS A 31 5.45 -5.15 -0.36
CA CYS A 31 4.34 -5.95 0.15
C CYS A 31 4.83 -6.90 1.24
N ILE A 32 6.03 -7.43 1.07
CA ILE A 32 6.61 -8.37 2.03
C ILE A 32 7.01 -7.63 3.32
N GLN A 33 7.80 -6.57 3.16
CA GLN A 33 8.25 -5.78 4.30
C GLN A 33 7.07 -5.34 5.15
N LEU A 34 6.17 -4.56 4.55
CA LEU A 34 5.00 -4.07 5.26
C LEU A 34 4.02 -5.20 5.56
N LYS A 35 4.30 -6.37 5.02
CA LYS A 35 3.44 -7.53 5.24
C LYS A 35 2.00 -7.22 4.86
N ILE A 36 1.81 -6.55 3.73
CA ILE A 36 0.47 -6.20 3.27
C ILE A 36 0.06 -7.07 2.08
N LEU A 37 -1.25 -7.23 1.91
CA LEU A 37 -1.78 -8.02 0.81
C LEU A 37 -1.89 -7.20 -0.47
N PRO A 38 -1.78 -7.88 -1.62
CA PRO A 38 -1.87 -7.23 -2.93
C PRO A 38 -3.28 -6.72 -3.24
N LYS A 39 -4.27 -7.32 -2.59
CA LYS A 39 -5.66 -6.93 -2.79
C LYS A 39 -5.90 -5.51 -2.30
N PRO A 40 -5.65 -5.29 -1.01
CA PRO A 40 -5.84 -3.96 -0.38
C PRO A 40 -4.81 -2.95 -0.87
N TYR A 41 -3.59 -3.41 -1.07
CA TYR A 41 -2.50 -2.54 -1.52
C TYR A 41 -2.83 -1.94 -2.89
N LEU A 42 -3.58 -2.69 -3.69
CA LEU A 42 -3.97 -2.24 -5.02
C LEU A 42 -5.18 -1.33 -4.95
N VAL A 43 -5.84 -1.30 -3.80
CA VAL A 43 -7.02 -0.47 -3.60
C VAL A 43 -6.64 0.90 -3.07
N LEU A 44 -5.71 0.93 -2.11
CA LEU A 44 -5.26 2.18 -1.51
C LEU A 44 -4.51 3.03 -2.52
N LYS A 45 -3.68 2.39 -3.33
CA LYS A 45 -2.90 3.08 -4.34
C LYS A 45 -3.80 3.93 -5.24
N GLU A 46 -4.88 3.32 -5.72
CA GLU A 46 -5.83 4.02 -6.58
C GLU A 46 -6.32 5.31 -5.92
N VAL A 47 -6.66 5.22 -4.65
CA VAL A 47 -7.14 6.38 -3.90
C VAL A 47 -6.10 7.49 -3.86
N MET A 48 -4.84 7.10 -3.65
CA MET A 48 -3.75 8.06 -3.60
C MET A 48 -3.66 8.87 -4.89
N PHE A 49 -3.80 8.18 -6.02
CA PHE A 49 -3.74 8.82 -7.32
C PHE A 49 -4.91 9.79 -7.51
N ARG A 50 -6.04 9.45 -6.89
CA ARG A 50 -7.24 10.28 -6.99
C ARG A 50 -7.02 11.63 -6.32
N GLU A 51 -6.55 11.61 -5.07
CA GLU A 51 -6.29 12.83 -4.32
C GLU A 51 -5.18 13.64 -4.97
N LEU A 52 -4.45 13.01 -5.88
CA LEU A 52 -3.35 13.68 -6.57
C LEU A 52 -3.84 14.35 -7.84
N LEU A 53 -4.67 13.65 -8.60
CA LEU A 53 -5.21 14.19 -9.84
C LEU A 53 -6.15 15.35 -9.57
N LYS A 54 -6.99 15.21 -8.55
CA LYS A 54 -7.94 16.25 -8.17
C LYS A 54 -7.20 17.52 -7.72
N THR A 55 -6.17 17.33 -6.91
CA THR A 55 -5.38 18.45 -6.40
C THR A 55 -4.17 18.73 -7.31
N GLY A 56 -4.12 18.05 -8.45
CA GLY A 56 -3.03 18.24 -9.38
C GLY A 56 -1.83 17.41 -9.02
N GLY A 57 -1.47 17.40 -7.73
CA GLY A 57 -0.33 16.64 -7.28
C GLY A 57 0.38 17.28 -6.11
N ASN A 58 -0.32 17.41 -5.00
CA ASN A 58 0.24 18.02 -3.80
C ASN A 58 -0.01 17.15 -2.56
N LEU A 59 0.24 15.85 -2.70
CA LEU A 59 0.04 14.92 -1.61
C LEU A 59 1.21 14.97 -0.63
N SER A 60 0.95 15.45 0.58
CA SER A 60 1.98 15.55 1.60
C SER A 60 1.89 14.38 2.58
N LYS A 61 3.04 13.91 3.05
CA LYS A 61 3.09 12.81 4.00
C LYS A 61 1.96 12.92 5.02
N SER A 62 1.85 14.09 5.65
CA SER A 62 0.82 14.32 6.65
C SER A 62 -0.55 13.89 6.13
N ALA A 63 -1.00 14.55 5.06
CA ALA A 63 -2.30 14.23 4.47
C ALA A 63 -2.39 12.76 4.11
N CYS A 64 -1.39 12.27 3.39
CA CYS A 64 -1.36 10.87 2.97
C CYS A 64 -1.81 9.95 4.11
N ARG A 65 -1.14 10.07 5.25
CA ARG A 65 -1.47 9.26 6.41
C ARG A 65 -2.98 9.19 6.62
N GLU A 66 -3.60 10.35 6.79
CA GLU A 66 -5.04 10.41 7.00
C GLU A 66 -5.79 9.66 5.90
N LEU A 67 -5.47 9.99 4.65
CA LEU A 67 -6.11 9.36 3.50
C LEU A 67 -6.22 7.85 3.71
N LEU A 68 -5.09 7.21 4.02
CA LEU A 68 -5.05 5.78 4.24
C LEU A 68 -5.46 5.44 5.67
N ASN A 69 -6.02 4.25 5.85
CA ASN A 69 -6.45 3.80 7.17
C ASN A 69 -5.46 2.80 7.76
N ILE A 70 -4.18 3.12 7.66
CA ILE A 70 -3.13 2.25 8.18
C ILE A 70 -2.18 3.02 9.08
N ASP A 71 -1.39 2.29 9.86
CA ASP A 71 -0.43 2.91 10.77
C ASP A 71 0.47 3.88 10.02
N PRO A 72 1.02 4.85 10.76
CA PRO A 72 1.92 5.87 10.18
C PRO A 72 3.27 5.28 9.77
N ILE A 73 3.74 4.30 10.53
CA ILE A 73 5.01 3.66 10.24
C ILE A 73 4.90 2.72 9.05
N LYS A 74 3.67 2.38 8.69
CA LYS A 74 3.43 1.48 7.56
C LYS A 74 3.15 2.28 6.29
N ALA A 75 2.55 3.46 6.45
CA ALA A 75 2.24 4.32 5.32
C ALA A 75 3.47 5.09 4.85
N ASN A 76 4.28 5.54 5.81
CA ASN A 76 5.49 6.28 5.50
C ASN A 76 6.33 5.55 4.45
N ARG A 77 6.51 4.25 4.65
CA ARG A 77 7.29 3.44 3.72
C ARG A 77 6.70 3.50 2.31
N ILE A 78 5.39 3.37 2.22
CA ILE A 78 4.70 3.41 0.94
C ILE A 78 4.92 4.75 0.24
N TYR A 79 4.59 5.83 0.94
CA TYR A 79 4.73 7.17 0.39
C TYR A 79 6.04 7.29 -0.40
N ASP A 80 7.14 6.86 0.22
CA ASP A 80 8.44 6.92 -0.42
C ASP A 80 8.47 6.06 -1.68
N PHE A 81 7.88 4.87 -1.58
CA PHE A 81 7.84 3.95 -2.71
C PHE A 81 7.15 4.59 -3.91
N PHE A 82 5.93 5.10 -3.68
CA PHE A 82 5.16 5.74 -4.75
C PHE A 82 5.99 6.79 -5.46
N GLN A 83 6.91 7.42 -4.72
CA GLN A 83 7.76 8.46 -5.29
C GLN A 83 8.89 7.84 -6.11
N SER A 84 9.48 6.77 -5.59
CA SER A 84 10.57 6.10 -6.27
C SER A 84 10.20 5.78 -7.72
N GLN A 85 8.92 5.50 -7.94
CA GLN A 85 8.43 5.19 -9.28
C GLN A 85 7.98 6.45 -10.01
N ASN A 86 8.54 7.59 -9.60
CA ASN A 86 8.20 8.86 -10.22
C ASN A 86 6.72 8.91 -10.59
N TRP A 87 5.89 8.31 -9.74
CA TRP A 87 4.45 8.29 -9.97
C TRP A 87 3.80 9.58 -9.49
N MET A 88 4.29 10.10 -8.36
CA MET A 88 3.76 11.33 -7.79
C MET A 88 4.88 12.29 -7.42
N GLY A 1 -20.62 -9.36 8.95
CA GLY A 1 -19.35 -9.46 9.63
C GLY A 1 -18.45 -10.51 8.99
N SER A 2 -18.69 -11.78 9.31
CA SER A 2 -17.89 -12.87 8.76
C SER A 2 -16.41 -12.62 9.01
N SER A 3 -16.08 -12.15 10.21
CA SER A 3 -14.69 -11.87 10.57
C SER A 3 -13.93 -13.16 10.85
N GLY A 4 -14.41 -13.90 11.86
CA GLY A 4 -13.76 -15.16 12.21
C GLY A 4 -12.71 -14.98 13.29
N SER A 5 -11.68 -15.82 13.26
CA SER A 5 -10.61 -15.76 14.25
C SER A 5 -9.27 -16.13 13.62
N SER A 6 -8.23 -15.36 13.96
CA SER A 6 -6.91 -15.61 13.43
C SER A 6 -5.84 -15.38 14.49
N GLY A 7 -4.58 -15.68 14.16
CA GLY A 7 -3.50 -15.51 15.10
C GLY A 7 -2.61 -14.35 14.73
N ASN A 8 -1.97 -14.43 13.57
CA ASN A 8 -1.08 -13.37 13.10
C ASN A 8 -0.98 -13.37 11.58
N MET A 9 -0.42 -12.30 11.03
CA MET A 9 -0.27 -12.17 9.59
C MET A 9 1.10 -12.67 9.14
N THR A 10 1.12 -13.57 8.16
CA THR A 10 2.37 -14.12 7.65
C THR A 10 2.64 -13.62 6.24
N ILE A 11 3.90 -13.73 5.82
CA ILE A 11 4.30 -13.30 4.49
C ILE A 11 3.96 -14.35 3.44
N SER A 12 4.39 -15.58 3.69
CA SER A 12 4.14 -16.68 2.76
C SER A 12 2.77 -16.51 2.09
N ASP A 13 1.79 -16.09 2.87
CA ASP A 13 0.44 -15.88 2.34
C ASP A 13 0.44 -14.89 1.20
N ILE A 14 1.10 -13.75 1.40
CA ILE A 14 1.18 -12.71 0.39
C ILE A 14 1.82 -13.25 -0.89
N GLN A 15 2.65 -14.29 -0.75
CA GLN A 15 3.31 -14.88 -1.90
C GLN A 15 2.44 -15.96 -2.54
N HIS A 16 1.51 -16.50 -1.76
CA HIS A 16 0.61 -17.53 -2.26
C HIS A 16 -0.72 -16.92 -2.71
N ALA A 17 -0.68 -15.68 -3.16
CA ALA A 17 -1.87 -14.98 -3.62
C ALA A 17 -1.88 -14.86 -5.14
N PRO A 18 -3.08 -14.97 -5.73
CA PRO A 18 -3.26 -14.87 -7.18
C PRO A 18 -3.02 -13.46 -7.70
N ASP A 19 -3.51 -12.47 -6.98
CA ASP A 19 -3.34 -11.08 -7.36
C ASP A 19 -1.92 -10.59 -7.07
N TYR A 20 -1.23 -11.31 -6.18
CA TYR A 20 0.13 -10.95 -5.81
C TYR A 20 1.07 -11.05 -7.02
N ALA A 21 0.65 -11.80 -8.02
CA ALA A 21 1.45 -11.96 -9.24
C ALA A 21 1.42 -10.70 -10.09
N LEU A 22 0.33 -9.94 -9.97
CA LEU A 22 0.18 -8.70 -10.73
C LEU A 22 1.16 -7.63 -10.23
N LEU A 23 1.55 -7.74 -8.97
CA LEU A 23 2.47 -6.79 -8.37
C LEU A 23 3.83 -6.82 -9.08
N SER A 24 4.40 -5.64 -9.31
CA SER A 24 5.69 -5.55 -9.98
C SER A 24 6.82 -6.04 -9.07
N ASN A 25 7.96 -6.32 -9.66
CA ASN A 25 9.12 -6.80 -8.90
C ASN A 25 9.29 -5.99 -7.62
N ASP A 26 9.24 -4.67 -7.74
CA ASP A 26 9.39 -3.80 -6.59
C ASP A 26 8.20 -3.92 -5.65
N GLU A 27 7.01 -3.59 -6.15
CA GLU A 27 5.79 -3.66 -5.36
C GLU A 27 5.80 -4.91 -4.46
N GLN A 28 6.18 -6.04 -5.04
CA GLN A 28 6.23 -7.29 -4.30
C GLN A 28 7.10 -7.15 -3.05
N GLN A 29 8.30 -6.61 -3.23
CA GLN A 29 9.23 -6.42 -2.12
C GLN A 29 8.55 -5.69 -0.96
N LEU A 30 8.06 -4.49 -1.24
CA LEU A 30 7.39 -3.69 -0.22
C LEU A 30 6.34 -4.52 0.51
N CYS A 31 5.34 -4.99 -0.23
CA CYS A 31 4.27 -5.79 0.36
C CYS A 31 4.81 -6.73 1.43
N ILE A 32 5.91 -7.41 1.12
CA ILE A 32 6.54 -8.34 2.05
C ILE A 32 7.01 -7.61 3.31
N GLN A 33 7.82 -6.57 3.12
CA GLN A 33 8.35 -5.81 4.23
C GLN A 33 7.22 -5.28 5.11
N LEU A 34 6.26 -4.59 4.49
CA LEU A 34 5.12 -4.03 5.21
C LEU A 34 4.08 -5.11 5.50
N LYS A 35 4.40 -6.35 5.14
CA LYS A 35 3.50 -7.47 5.36
C LYS A 35 2.09 -7.13 4.90
N ILE A 36 2.00 -6.37 3.81
CA ILE A 36 0.71 -5.98 3.25
C ILE A 36 0.29 -6.91 2.13
N LEU A 37 -1.00 -6.89 1.79
CA LEU A 37 -1.52 -7.73 0.73
C LEU A 37 -1.76 -6.92 -0.54
N PRO A 38 -1.77 -7.61 -1.70
CA PRO A 38 -1.98 -6.97 -3.00
C PRO A 38 -3.41 -6.47 -3.17
N LYS A 39 -4.36 -7.19 -2.58
CA LYS A 39 -5.77 -6.83 -2.67
C LYS A 39 -6.00 -5.44 -2.12
N PRO A 40 -5.64 -5.24 -0.83
CA PRO A 40 -5.80 -3.95 -0.16
C PRO A 40 -4.85 -2.89 -0.69
N TYR A 41 -3.58 -3.26 -0.83
CA TYR A 41 -2.56 -2.34 -1.33
C TYR A 41 -3.04 -1.64 -2.61
N LEU A 42 -3.79 -2.37 -3.43
CA LEU A 42 -4.32 -1.83 -4.68
C LEU A 42 -5.47 -0.86 -4.41
N VAL A 43 -6.47 -1.34 -3.67
CA VAL A 43 -7.63 -0.53 -3.34
C VAL A 43 -7.20 0.87 -2.88
N LEU A 44 -6.18 0.91 -2.05
CA LEU A 44 -5.67 2.19 -1.52
C LEU A 44 -4.78 2.87 -2.54
N LYS A 45 -4.03 2.07 -3.30
CA LYS A 45 -3.14 2.61 -4.32
C LYS A 45 -3.90 3.48 -5.31
N GLU A 46 -5.08 3.03 -5.71
CA GLU A 46 -5.91 3.76 -6.65
C GLU A 46 -6.30 5.12 -6.09
N VAL A 47 -6.57 5.16 -4.79
CA VAL A 47 -6.95 6.41 -4.13
C VAL A 47 -5.87 7.47 -4.26
N MET A 48 -4.66 7.14 -3.82
CA MET A 48 -3.54 8.07 -3.90
C MET A 48 -3.53 8.80 -5.23
N PHE A 49 -3.60 8.04 -6.32
CA PHE A 49 -3.60 8.61 -7.66
C PHE A 49 -4.74 9.62 -7.82
N ARG A 50 -5.97 9.16 -7.58
CA ARG A 50 -7.14 10.02 -7.70
C ARG A 50 -6.97 11.28 -6.87
N GLU A 51 -6.82 11.10 -5.56
CA GLU A 51 -6.65 12.23 -4.65
C GLU A 51 -5.47 13.09 -5.07
N LEU A 52 -4.49 12.47 -5.72
CA LEU A 52 -3.30 13.19 -6.17
C LEU A 52 -3.62 14.09 -7.35
N LEU A 53 -3.99 13.49 -8.47
CA LEU A 53 -4.33 14.24 -9.68
C LEU A 53 -5.47 15.22 -9.40
N LYS A 54 -6.41 14.81 -8.57
CA LYS A 54 -7.55 15.65 -8.22
C LYS A 54 -7.08 16.92 -7.48
N THR A 55 -6.18 16.73 -6.52
CA THR A 55 -5.66 17.85 -5.75
C THR A 55 -4.41 18.43 -6.39
N GLY A 56 -4.34 18.34 -7.71
CA GLY A 56 -3.19 18.86 -8.43
C GLY A 56 -1.89 18.64 -7.69
N GLY A 57 -1.60 17.39 -7.36
CA GLY A 57 -0.38 17.07 -6.64
C GLY A 57 -0.25 17.84 -5.34
N ASN A 58 -1.09 17.49 -4.37
CA ASN A 58 -1.08 18.16 -3.07
C ASN A 58 -1.04 17.14 -1.93
N LEU A 59 -0.28 16.07 -2.14
CA LEU A 59 -0.15 15.02 -1.13
C LEU A 59 1.17 15.15 -0.38
N SER A 60 1.17 14.74 0.89
CA SER A 60 2.37 14.80 1.72
C SER A 60 2.48 13.57 2.60
N LYS A 61 3.65 13.40 3.21
CA LYS A 61 3.89 12.25 4.09
C LYS A 61 2.82 12.16 5.17
N SER A 62 2.50 13.30 5.79
CA SER A 62 1.51 13.35 6.85
C SER A 62 0.11 13.10 6.28
N ALA A 63 -0.36 14.02 5.43
CA ALA A 63 -1.66 13.90 4.82
C ALA A 63 -1.88 12.50 4.24
N CYS A 64 -0.80 11.89 3.76
CA CYS A 64 -0.86 10.56 3.18
C CYS A 64 -1.48 9.57 4.17
N ARG A 65 -0.95 9.55 5.39
CA ARG A 65 -1.45 8.65 6.42
C ARG A 65 -2.91 8.98 6.77
N GLU A 66 -3.27 10.24 6.62
CA GLU A 66 -4.62 10.68 6.93
C GLU A 66 -5.62 10.17 5.89
N LEU A 67 -5.24 10.29 4.61
CA LEU A 67 -6.10 9.83 3.52
C LEU A 67 -6.39 8.34 3.64
N LEU A 68 -5.33 7.54 3.73
CA LEU A 68 -5.47 6.10 3.86
C LEU A 68 -5.80 5.70 5.29
N ASN A 69 -6.63 4.67 5.44
CA ASN A 69 -7.02 4.20 6.76
C ASN A 69 -6.05 3.12 7.26
N ILE A 70 -4.79 3.49 7.43
CA ILE A 70 -3.78 2.57 7.90
C ILE A 70 -2.90 3.20 8.98
N ASP A 71 -1.89 2.47 9.42
CA ASP A 71 -0.98 2.95 10.45
C ASP A 71 -0.13 4.11 9.92
N PRO A 72 0.35 4.95 10.84
CA PRO A 72 1.18 6.11 10.49
C PRO A 72 2.57 5.70 9.99
N ILE A 73 3.03 4.54 10.43
CA ILE A 73 4.34 4.04 10.02
C ILE A 73 4.29 3.47 8.61
N LYS A 74 3.22 2.75 8.31
CA LYS A 74 3.05 2.14 6.99
C LYS A 74 2.90 3.22 5.91
N ALA A 75 1.95 4.12 6.12
CA ALA A 75 1.70 5.20 5.18
C ALA A 75 2.95 6.05 4.97
N ASN A 76 3.87 5.99 5.94
CA ASN A 76 5.11 6.75 5.87
C ASN A 76 6.13 6.03 4.97
N ARG A 77 5.94 4.74 4.79
CA ARG A 77 6.84 3.95 3.96
C ARG A 77 6.35 3.90 2.51
N ILE A 78 5.08 3.57 2.34
CA ILE A 78 4.49 3.48 1.01
C ILE A 78 4.72 4.77 0.23
N TYR A 79 4.47 5.90 0.87
CA TYR A 79 4.65 7.20 0.24
C TYR A 79 5.99 7.28 -0.48
N ASP A 80 7.06 6.94 0.23
CA ASP A 80 8.40 6.97 -0.33
C ASP A 80 8.50 6.01 -1.52
N PHE A 81 7.85 4.85 -1.41
CA PHE A 81 7.87 3.86 -2.47
C PHE A 81 7.48 4.48 -3.81
N PHE A 82 6.41 5.26 -3.81
CA PHE A 82 5.94 5.92 -5.02
C PHE A 82 7.02 6.82 -5.61
N GLN A 83 7.59 7.68 -4.76
CA GLN A 83 8.63 8.60 -5.18
C GLN A 83 9.68 7.88 -6.02
N SER A 84 9.91 6.61 -5.70
CA SER A 84 10.91 5.81 -6.42
C SER A 84 10.65 5.87 -7.93
N GLN A 85 9.46 5.48 -8.34
CA GLN A 85 9.10 5.50 -9.76
C GLN A 85 8.45 6.82 -10.15
N ASN A 86 8.56 7.81 -9.27
CA ASN A 86 7.99 9.12 -9.52
C ASN A 86 6.56 9.01 -10.04
N TRP A 87 5.84 8.02 -9.54
CA TRP A 87 4.45 7.79 -9.95
C TRP A 87 3.59 9.01 -9.66
N MET A 88 4.02 9.81 -8.69
CA MET A 88 3.27 11.01 -8.31
C MET A 88 3.38 12.07 -9.40
#